data_4YZ3
#
_entry.id   4YZ3
#
_cell.length_a   73.510
_cell.length_b   136.030
_cell.length_c   150.170
_cell.angle_alpha   90.000
_cell.angle_beta   90.000
_cell.angle_gamma   90.000
#
_symmetry.space_group_name_H-M   'P 21 21 21'
#
loop_
_entity.id
_entity.type
_entity.pdbx_description
1 polymer Neuraminidase
2 non-polymer '(3R,4R,5S)-4-(acetylamino)-5-amino-3-(pentan-3-yloxy)cyclohex-1-ene-1-carboxylic acid'
3 non-polymer 'SULFATE ION'
4 water water
#
_entity_poly.entity_id   1
_entity_poly.type   'polypeptide(L)'
_entity_poly.pdbx_seq_one_letter_code
;MAHHHHHHSSGLEVLFQGPNTPVLEKNNVTLTGGGENVTKELKDKFTSGDFTVVIKYNQSSEKGLQALFGISNSKPGQQN
SYVDVFLRDNGELGMEARDTSSNKNNLVSRPASVWGKYKQEAVTNTVAVVADSVKKTYSLYANGTKVVEKKVDNFLNIKD
IKGIDYYMLGGVKRAGKTAFGFNGTLENIKFFNSALDEETVKKMTTNAVTGHLIYTANDTTGSNYFRIPVLYTFSNGRVF
SSIDARYGGTHDFLNKINIATSYSDDNGKTWTKPKLTLAFDDFAPVPLEWPREVGGRDLQISGGATYIDSVIVEKKNKQV
LMFADVMPAGVSFREATRKDSGYKQIDGNYYLKLRKQGDTDYNYTIRENGTVYDDRTNRPTEFSVDKNFGIKQNGNYLTV
EQYSVSFENNKKTEYRNGTKVHMNIFYKDALFKVVPTNYIAYISSNDHGESWSAPTLLPPIMGLNRNAPYLGPGRGIIES
STGRILIPSYTGKESAFIYSDDNGASWKVKVVPLPSSWSAEAQFVELSPGVIQAYMRTNNGKIAYLTSKDAGTTWSAPEY
LKFVSNPSYGTQLSIINYSQLIDGKKAVILSTPNSTNGRKHGQIWIGLINDDNTIDWRYHHDVDYSNYGYSYSTLTELPN
HEIGLMFEKFDSWSRNELHMKNVVPYITFKIEDLKKN
;
_entity_poly.pdbx_strand_id   A,B
#
loop_
_chem_comp.id
_chem_comp.type
_chem_comp.name
_chem_comp.formula
G39 non-polymer '(3R,4R,5S)-4-(acetylamino)-5-amino-3-(pentan-3-yloxy)cyclohex-1-ene-1-carboxylic acid' 'C14 H24 N2 O4'
SO4 non-polymer 'SULFATE ION' 'O4 S -2'
#
# COMPACT_ATOMS: atom_id res chain seq x y z
N THR A 21 -51.27 -43.03 8.32
CA THR A 21 -52.48 -42.30 8.86
C THR A 21 -52.56 -42.00 10.40
N PRO A 22 -52.65 -40.70 10.79
CA PRO A 22 -52.70 -40.40 12.24
C PRO A 22 -53.97 -40.84 12.96
N VAL A 23 -53.80 -41.41 14.17
CA VAL A 23 -54.92 -41.69 15.09
C VAL A 23 -55.42 -40.45 15.87
N LEU A 24 -54.57 -39.44 15.94
CA LEU A 24 -54.95 -38.16 16.50
C LEU A 24 -54.04 -37.13 15.91
N GLU A 25 -54.62 -35.97 15.58
CA GLU A 25 -53.84 -34.81 15.15
C GLU A 25 -54.45 -33.55 15.74
N LYS A 26 -53.61 -32.73 16.36
CA LYS A 26 -54.06 -31.50 17.01
C LYS A 26 -53.20 -30.34 16.52
N ASN A 27 -53.75 -29.12 16.64
CA ASN A 27 -53.12 -27.90 16.15
C ASN A 27 -53.17 -26.69 17.03
N ASN A 28 -52.15 -25.86 16.88
N ASN A 28 -52.17 -25.83 16.86
CA ASN A 28 -52.01 -24.59 17.57
CA ASN A 28 -52.00 -24.55 17.59
C ASN A 28 -52.53 -24.63 19.01
C ASN A 28 -52.52 -24.62 19.03
N VAL A 29 -51.96 -25.57 19.77
CA VAL A 29 -52.29 -25.78 21.18
C VAL A 29 -51.27 -24.94 21.91
N THR A 30 -51.70 -23.84 22.53
CA THR A 30 -50.75 -22.97 23.24
C THR A 30 -50.82 -23.28 24.74
N LEU A 31 -49.64 -23.42 25.34
CA LEU A 31 -49.53 -23.91 26.69
C LEU A 31 -48.50 -23.14 27.48
N THR A 32 -48.78 -23.00 28.78
CA THR A 32 -47.85 -22.42 29.72
C THR A 32 -47.74 -23.35 30.88
N GLY A 33 -47.23 -24.54 30.61
CA GLY A 33 -47.00 -25.54 31.66
C GLY A 33 -48.19 -26.30 32.22
N GLY A 34 -49.43 -25.96 31.83
CA GLY A 34 -50.64 -26.59 32.37
C GLY A 34 -51.11 -27.84 31.62
N GLY A 35 -50.68 -27.95 30.37
CA GLY A 35 -50.97 -29.14 29.55
C GLY A 35 -52.39 -29.23 28.99
N GLU A 36 -52.67 -30.32 28.30
CA GLU A 36 -54.00 -30.55 27.78
C GLU A 36 -54.26 -32.04 27.73
N ASN A 37 -55.36 -32.44 28.35
CA ASN A 37 -55.79 -33.83 28.39
C ASN A 37 -56.38 -34.30 27.04
N VAL A 38 -55.79 -35.34 26.48
CA VAL A 38 -56.32 -36.00 25.27
C VAL A 38 -56.55 -37.51 25.52
N THR A 39 -56.95 -37.86 26.74
CA THR A 39 -57.14 -39.26 27.12
C THR A 39 -58.25 -39.92 26.33
N LYS A 40 -59.40 -39.24 26.31
CA LYS A 40 -60.57 -39.63 25.53
C LYS A 40 -60.18 -40.01 24.07
N GLU A 41 -59.33 -39.16 23.48
CA GLU A 41 -58.94 -39.25 22.08
C GLU A 41 -57.99 -40.40 21.76
N LEU A 42 -57.12 -40.75 22.71
CA LEU A 42 -56.03 -41.70 22.47
C LEU A 42 -56.13 -43.04 23.18
N LYS A 43 -56.99 -43.17 24.19
CA LYS A 43 -57.14 -44.44 24.87
C LYS A 43 -57.79 -45.40 23.85
N ASP A 44 -57.38 -46.66 23.86
CA ASP A 44 -57.92 -47.61 22.86
C ASP A 44 -57.49 -47.34 21.39
N LYS A 45 -56.46 -46.52 21.16
CA LYS A 45 -55.94 -46.38 19.79
C LYS A 45 -54.69 -47.24 19.55
N PHE A 46 -53.97 -47.62 20.60
CA PHE A 46 -52.66 -48.26 20.44
C PHE A 46 -52.70 -49.79 20.58
N THR A 47 -53.07 -50.48 19.49
CA THR A 47 -53.24 -51.92 19.53
C THR A 47 -51.93 -52.67 19.73
N SER A 48 -50.97 -52.53 18.82
CA SER A 48 -49.65 -53.18 18.99
C SER A 48 -48.91 -52.69 20.25
N GLY A 49 -49.07 -51.41 20.56
CA GLY A 49 -48.30 -50.78 21.60
C GLY A 49 -47.22 -49.89 21.01
N ASP A 50 -46.83 -50.13 19.75
CA ASP A 50 -45.84 -49.28 19.11
C ASP A 50 -46.41 -47.91 18.73
N PHE A 51 -45.50 -46.98 18.51
CA PHE A 51 -45.92 -45.61 18.24
C PHE A 51 -44.88 -44.75 17.56
N THR A 52 -45.39 -43.73 16.89
CA THR A 52 -44.60 -42.68 16.32
C THR A 52 -45.33 -41.40 16.69
N VAL A 53 -44.60 -40.39 17.13
CA VAL A 53 -45.21 -39.11 17.41
C VAL A 53 -44.36 -38.06 16.77
N VAL A 54 -45.02 -37.17 16.04
CA VAL A 54 -44.35 -36.08 15.32
C VAL A 54 -44.92 -34.77 15.83
N ILE A 55 -44.01 -33.92 16.29
CA ILE A 55 -44.35 -32.67 16.95
C ILE A 55 -43.60 -31.53 16.29
N LYS A 56 -44.37 -30.62 15.72
CA LYS A 56 -43.87 -29.34 15.33
C LYS A 56 -44.27 -28.36 16.44
N TYR A 57 -43.27 -27.72 17.04
CA TYR A 57 -43.49 -26.87 18.19
C TYR A 57 -42.50 -25.72 18.16
N ASN A 58 -42.80 -24.70 18.95
CA ASN A 58 -41.82 -23.71 19.39
C ASN A 58 -42.01 -23.43 20.87
N GLN A 59 -40.92 -23.21 21.58
CA GLN A 59 -40.96 -22.86 23.01
C GLN A 59 -40.98 -21.35 23.26
N SER A 60 -41.85 -20.92 24.15
CA SER A 60 -41.92 -19.53 24.60
C SER A 60 -40.98 -19.33 25.78
N SER A 61 -40.55 -20.43 26.39
CA SER A 61 -39.60 -20.44 27.51
C SER A 61 -38.84 -21.76 27.46
N GLU A 62 -37.53 -21.66 27.49
CA GLU A 62 -36.67 -22.85 27.41
C GLU A 62 -36.38 -23.51 28.77
N LYS A 63 -36.71 -22.83 29.88
CA LYS A 63 -36.21 -23.23 31.19
C LYS A 63 -36.82 -24.53 31.68
N GLY A 64 -36.00 -25.33 32.37
CA GLY A 64 -36.46 -26.58 32.96
C GLY A 64 -36.66 -27.69 31.94
N LEU A 65 -37.15 -28.82 32.41
CA LEU A 65 -37.30 -29.99 31.58
C LEU A 65 -38.74 -30.03 31.13
N GLN A 66 -38.96 -30.11 29.82
CA GLN A 66 -40.31 -30.00 29.26
C GLN A 66 -40.67 -31.17 28.32
N ALA A 67 -41.77 -31.86 28.65
CA ALA A 67 -42.34 -32.94 27.86
C ALA A 67 -43.30 -32.39 26.78
N LEU A 68 -43.11 -32.82 25.54
CA LEU A 68 -44.01 -32.42 24.45
C LEU A 68 -45.33 -33.16 24.54
N PHE A 69 -45.27 -34.41 25.01
CA PHE A 69 -46.44 -35.19 25.35
C PHE A 69 -46.04 -36.20 26.40
N GLY A 70 -47.03 -36.78 27.05
CA GLY A 70 -46.81 -37.78 28.08
C GLY A 70 -47.95 -38.77 28.09
N ILE A 71 -47.59 -40.06 28.07
CA ILE A 71 -48.54 -41.15 28.15
C ILE A 71 -48.19 -41.88 29.43
N SER A 72 -49.13 -42.01 30.34
CA SER A 72 -48.82 -42.45 31.69
C SER A 72 -49.96 -43.14 32.41
N ASN A 73 -49.58 -43.90 33.42
CA ASN A 73 -50.46 -44.28 34.52
C ASN A 73 -50.42 -43.09 35.48
N SER A 74 -51.57 -42.45 35.68
CA SER A 74 -51.64 -41.24 36.51
C SER A 74 -51.88 -41.55 37.98
N LYS A 75 -52.14 -42.82 38.31
CA LYS A 75 -52.64 -43.16 39.63
C LYS A 75 -51.53 -43.03 40.68
N PRO A 76 -51.93 -42.76 41.95
CA PRO A 76 -50.91 -42.73 43.01
C PRO A 76 -50.11 -44.06 43.12
N GLY A 77 -48.81 -43.95 43.39
CA GLY A 77 -47.89 -45.09 43.37
C GLY A 77 -47.25 -45.43 42.03
N GLN A 78 -47.77 -44.86 40.93
CA GLN A 78 -47.37 -45.24 39.55
C GLN A 78 -46.65 -44.10 38.77
N GLN A 79 -45.87 -43.29 39.48
CA GLN A 79 -45.24 -42.07 38.93
C GLN A 79 -44.07 -42.38 38.01
N ASN A 80 -43.51 -43.60 38.11
CA ASN A 80 -42.50 -44.09 37.18
C ASN A 80 -43.06 -45.01 36.09
N SER A 81 -44.34 -44.83 35.75
CA SER A 81 -44.98 -45.55 34.65
C SER A 81 -45.44 -44.56 33.55
N TYR A 82 -44.52 -44.20 32.66
CA TYR A 82 -44.87 -43.30 31.58
C TYR A 82 -43.93 -43.38 30.41
N VAL A 83 -44.40 -42.88 29.27
CA VAL A 83 -43.60 -42.60 28.06
C VAL A 83 -43.66 -41.10 27.80
N ASP A 84 -42.54 -40.49 27.44
CA ASP A 84 -42.54 -39.09 27.02
C ASP A 84 -41.41 -38.79 26.06
N VAL A 85 -41.48 -37.59 25.49
CA VAL A 85 -40.40 -36.99 24.72
C VAL A 85 -40.17 -35.61 25.33
N PHE A 86 -38.93 -35.27 25.61
CA PHE A 86 -38.63 -34.04 26.40
C PHE A 86 -37.57 -33.17 25.78
N LEU A 87 -37.59 -31.92 26.19
CA LEU A 87 -36.62 -30.92 25.77
C LEU A 87 -35.99 -30.35 27.01
N ARG A 88 -34.69 -30.10 26.92
CA ARG A 88 -33.93 -29.46 27.99
C ARG A 88 -33.61 -28.03 27.58
N ASP A 89 -33.20 -27.23 28.54
CA ASP A 89 -32.78 -25.84 28.26
C ASP A 89 -31.39 -25.69 27.56
N ASN A 90 -30.68 -26.80 27.36
CA ASN A 90 -29.49 -26.82 26.48
C ASN A 90 -29.75 -27.34 25.07
N GLY A 91 -30.99 -27.68 24.73
CA GLY A 91 -31.33 -28.08 23.35
C GLY A 91 -31.30 -29.57 23.07
N GLU A 92 -31.12 -30.34 24.14
CA GLU A 92 -31.14 -31.80 24.08
C GLU A 92 -32.56 -32.26 23.86
N LEU A 93 -32.72 -33.21 22.97
CA LEU A 93 -33.96 -33.93 22.74
C LEU A 93 -33.78 -35.32 23.31
N GLY A 94 -34.72 -35.75 24.13
CA GLY A 94 -34.74 -37.11 24.61
C GLY A 94 -36.13 -37.70 24.73
N MET A 95 -36.17 -38.95 25.16
CA MET A 95 -37.41 -39.63 25.49
C MET A 95 -37.18 -40.56 26.68
N GLU A 96 -38.19 -40.74 27.52
CA GLU A 96 -38.20 -41.81 28.50
C GLU A 96 -39.34 -42.79 28.22
N ALA A 97 -39.12 -44.03 28.63
CA ALA A 97 -40.16 -45.06 28.69
C ALA A 97 -39.91 -45.89 29.95
N ARG A 98 -40.83 -45.81 30.91
CA ARG A 98 -40.63 -46.37 32.25
C ARG A 98 -41.83 -47.18 32.72
N ASP A 99 -41.56 -48.21 33.53
CA ASP A 99 -42.59 -48.96 34.22
C ASP A 99 -42.18 -49.08 35.69
N THR A 100 -43.09 -48.70 36.58
CA THR A 100 -42.82 -48.63 38.00
C THR A 100 -42.58 -50.01 38.64
N SER A 101 -43.56 -50.90 38.51
CA SER A 101 -43.57 -52.21 39.19
C SER A 101 -42.41 -53.13 38.76
N SER A 102 -41.97 -53.03 37.51
CA SER A 102 -40.82 -53.78 37.01
C SER A 102 -39.48 -53.03 37.12
N ASN A 103 -39.51 -51.82 37.67
CA ASN A 103 -38.36 -50.94 37.76
C ASN A 103 -37.50 -50.82 36.47
N LYS A 104 -38.15 -50.81 35.31
CA LYS A 104 -37.47 -50.61 34.02
C LYS A 104 -37.58 -49.13 33.61
N ASN A 105 -36.44 -48.53 33.29
CA ASN A 105 -36.32 -47.10 33.01
C ASN A 105 -35.45 -46.87 31.80
N ASN A 106 -36.05 -46.63 30.64
CA ASN A 106 -35.29 -46.34 29.41
C ASN A 106 -35.18 -44.83 29.16
N LEU A 107 -33.98 -44.38 28.84
CA LEU A 107 -33.72 -43.00 28.44
C LEU A 107 -32.84 -43.05 27.19
N VAL A 108 -33.28 -42.34 26.15
CA VAL A 108 -32.56 -42.24 24.90
C VAL A 108 -32.60 -40.77 24.57
N SER A 109 -31.44 -40.19 24.24
CA SER A 109 -31.37 -38.77 23.91
C SER A 109 -30.18 -38.46 23.00
N ARG A 110 -30.16 -37.23 22.51
CA ARG A 110 -28.93 -36.66 21.97
C ARG A 110 -28.90 -35.20 22.30
N PRO A 111 -27.75 -34.73 22.78
CA PRO A 111 -27.51 -33.30 22.91
C PRO A 111 -27.68 -32.49 21.63
N ALA A 112 -27.98 -31.20 21.80
CA ALA A 112 -27.89 -30.22 20.73
C ALA A 112 -28.72 -30.61 19.50
N SER A 113 -29.96 -30.99 19.78
CA SER A 113 -30.88 -31.54 18.78
C SER A 113 -31.83 -30.51 18.21
N VAL A 114 -32.17 -29.50 19.01
CA VAL A 114 -33.12 -28.46 18.60
C VAL A 114 -32.55 -27.04 18.73
N TRP A 115 -33.29 -26.10 18.14
CA TRP A 115 -32.99 -24.69 18.23
C TRP A 115 -33.98 -24.05 19.21
N GLY A 116 -33.52 -23.02 19.90
CA GLY A 116 -34.36 -22.31 20.88
C GLY A 116 -35.01 -21.08 20.29
N LYS A 117 -34.19 -20.03 20.19
CA LYS A 117 -34.56 -18.78 19.55
C LYS A 117 -33.61 -18.39 18.43
N TYR A 118 -34.06 -17.41 17.65
CA TYR A 118 -33.35 -16.88 16.47
C TYR A 118 -33.87 -15.49 16.19
N LYS A 119 -33.01 -14.49 16.29
CA LYS A 119 -33.42 -13.10 16.06
C LYS A 119 -34.71 -12.73 16.80
N GLN A 120 -34.71 -12.93 18.10
CA GLN A 120 -35.83 -12.57 18.99
C GLN A 120 -37.06 -13.48 18.89
N GLU A 121 -37.15 -14.40 17.93
CA GLU A 121 -38.38 -15.25 17.76
C GLU A 121 -38.13 -16.68 18.20
N ALA A 122 -39.10 -17.28 18.90
CA ALA A 122 -39.09 -18.73 19.13
C ALA A 122 -38.96 -19.51 17.81
N VAL A 123 -38.02 -20.45 17.75
CA VAL A 123 -37.76 -21.22 16.52
C VAL A 123 -38.70 -22.38 16.44
N THR A 124 -39.28 -22.58 15.27
CA THR A 124 -40.11 -23.74 15.04
C THR A 124 -39.18 -24.92 14.77
N ASN A 125 -39.31 -25.97 15.58
CA ASN A 125 -38.62 -27.24 15.36
C ASN A 125 -39.63 -28.33 15.09
N THR A 126 -39.17 -29.42 14.51
CA THR A 126 -40.00 -30.57 14.30
C THR A 126 -39.21 -31.75 14.70
N VAL A 127 -39.74 -32.48 15.66
CA VAL A 127 -39.06 -33.58 16.26
C VAL A 127 -40.01 -34.77 16.26
N ALA A 128 -39.46 -35.97 16.33
CA ALA A 128 -40.28 -37.16 16.31
C ALA A 128 -39.63 -38.27 17.08
N VAL A 129 -40.46 -39.20 17.50
CA VAL A 129 -40.01 -40.41 18.21
C VAL A 129 -40.65 -41.63 17.55
N VAL A 130 -39.89 -42.71 17.46
CA VAL A 130 -40.36 -43.99 16.96
C VAL A 130 -39.96 -45.09 17.94
N ALA A 131 -40.96 -45.85 18.37
CA ALA A 131 -40.76 -47.02 19.21
C ALA A 131 -41.17 -48.24 18.41
N ASP A 132 -40.22 -49.16 18.25
CA ASP A 132 -40.40 -50.35 17.41
C ASP A 132 -40.11 -51.63 18.23
N SER A 133 -41.17 -52.34 18.62
CA SER A 133 -41.09 -53.60 19.37
C SER A 133 -40.28 -54.71 18.72
N VAL A 134 -40.33 -54.77 17.39
CA VAL A 134 -39.63 -55.80 16.65
C VAL A 134 -38.13 -55.59 16.87
N LYS A 135 -37.63 -54.44 16.44
CA LYS A 135 -36.21 -54.09 16.56
C LYS A 135 -35.77 -53.75 17.98
N LYS A 136 -36.72 -53.53 18.87
CA LYS A 136 -36.49 -53.05 20.24
C LYS A 136 -35.69 -51.75 20.26
N THR A 137 -35.99 -50.85 19.32
CA THR A 137 -35.28 -49.57 19.24
C THR A 137 -36.22 -48.40 19.52
N TYR A 138 -35.66 -47.38 20.16
CA TYR A 138 -36.23 -46.05 20.20
C TYR A 138 -35.40 -45.20 19.24
N SER A 139 -36.06 -44.41 18.41
CA SER A 139 -35.40 -43.46 17.52
C SER A 139 -35.95 -42.08 17.73
N LEU A 140 -35.06 -41.08 17.65
CA LEU A 140 -35.42 -39.68 17.77
C LEU A 140 -34.96 -38.91 16.55
N TYR A 141 -35.85 -38.09 16.03
CA TYR A 141 -35.53 -37.22 14.92
C TYR A 141 -35.73 -35.78 15.36
N ALA A 142 -34.89 -34.91 14.82
CA ALA A 142 -35.06 -33.47 14.91
C ALA A 142 -34.68 -32.83 13.59
N ASN A 143 -35.64 -32.08 13.03
CA ASN A 143 -35.37 -31.15 11.92
C ASN A 143 -34.72 -31.80 10.69
N GLY A 144 -35.16 -33.03 10.39
CA GLY A 144 -34.67 -33.79 9.23
C GLY A 144 -33.62 -34.83 9.51
N THR A 145 -32.99 -34.78 10.68
CA THR A 145 -31.91 -35.71 11.04
C THR A 145 -32.39 -36.72 12.06
N LYS A 146 -32.00 -37.98 11.89
CA LYS A 146 -32.20 -38.96 12.95
C LYS A 146 -31.07 -38.76 13.95
N VAL A 147 -31.39 -38.12 15.07
CA VAL A 147 -30.36 -37.75 16.03
C VAL A 147 -29.89 -38.95 16.85
N VAL A 148 -30.76 -39.91 17.09
CA VAL A 148 -30.33 -41.13 17.79
C VAL A 148 -31.28 -42.30 17.53
N GLU A 149 -30.71 -43.49 17.45
CA GLU A 149 -31.44 -44.75 17.39
C GLU A 149 -30.73 -45.73 18.32
N LYS A 150 -31.43 -46.22 19.34
CA LYS A 150 -30.82 -47.07 20.36
C LYS A 150 -31.60 -48.38 20.54
N LYS A 151 -30.96 -49.53 20.32
CA LYS A 151 -31.52 -50.80 20.75
C LYS A 151 -31.41 -50.90 22.27
N VAL A 152 -32.49 -51.31 22.91
CA VAL A 152 -32.54 -51.48 24.37
C VAL A 152 -33.05 -52.87 24.73
N ASP A 153 -32.46 -53.48 25.76
CA ASP A 153 -32.83 -54.82 26.21
C ASP A 153 -34.14 -54.82 27.02
N ASN A 154 -34.32 -53.82 27.89
CA ASN A 154 -35.59 -53.64 28.63
C ASN A 154 -36.61 -52.80 27.90
N PHE A 155 -36.90 -53.18 26.66
CA PHE A 155 -37.74 -52.37 25.81
C PHE A 155 -39.16 -52.30 26.36
N LEU A 156 -39.72 -51.10 26.35
CA LEU A 156 -41.08 -50.86 26.77
C LEU A 156 -41.80 -50.06 25.69
N ASN A 157 -42.95 -50.58 25.25
CA ASN A 157 -43.90 -49.77 24.53
C ASN A 157 -45.10 -49.48 25.45
N ILE A 158 -46.15 -48.89 24.89
CA ILE A 158 -47.26 -48.38 25.70
C ILE A 158 -48.01 -49.51 26.39
N LYS A 159 -48.19 -50.64 25.70
CA LYS A 159 -48.86 -51.80 26.28
C LYS A 159 -48.03 -52.51 27.34
N ASP A 160 -46.71 -52.47 27.20
CA ASP A 160 -45.81 -53.04 28.22
C ASP A 160 -45.85 -52.35 29.58
N ILE A 161 -46.23 -51.06 29.62
CA ILE A 161 -46.29 -50.30 30.86
C ILE A 161 -47.67 -50.49 31.47
N LYS A 162 -47.69 -50.87 32.74
CA LYS A 162 -48.89 -51.35 33.39
C LYS A 162 -49.86 -50.20 33.78
N GLY A 163 -51.12 -50.35 33.34
CA GLY A 163 -52.21 -49.48 33.77
C GLY A 163 -52.21 -48.07 33.24
N ILE A 164 -51.78 -47.91 31.98
CA ILE A 164 -51.79 -46.62 31.30
C ILE A 164 -53.25 -46.19 31.17
N ASP A 165 -53.55 -44.99 31.66
CA ASP A 165 -54.92 -44.41 31.68
C ASP A 165 -54.99 -42.90 31.43
N TYR A 166 -53.87 -42.31 31.00
CA TYR A 166 -53.74 -40.87 30.83
C TYR A 166 -52.78 -40.51 29.70
N TYR A 167 -53.29 -39.70 28.76
CA TYR A 167 -52.57 -39.24 27.56
C TYR A 167 -52.71 -37.74 27.50
N MET A 168 -51.57 -37.09 27.37
CA MET A 168 -51.46 -35.68 27.67
C MET A 168 -50.60 -34.98 26.65
N LEU A 169 -50.99 -33.77 26.27
CA LEU A 169 -50.12 -32.86 25.53
C LEU A 169 -49.44 -31.89 26.49
N GLY A 170 -48.17 -31.65 26.24
CA GLY A 170 -47.40 -30.69 27.00
C GLY A 170 -47.10 -31.03 28.46
N GLY A 171 -47.14 -32.32 28.81
CA GLY A 171 -46.70 -32.76 30.11
C GLY A 171 -46.84 -34.25 30.34
N VAL A 172 -46.56 -34.68 31.56
CA VAL A 172 -46.77 -36.07 31.96
C VAL A 172 -47.54 -36.05 33.29
N LYS A 173 -48.67 -36.74 33.35
CA LYS A 173 -49.41 -36.83 34.59
C LYS A 173 -48.82 -37.94 35.48
N ARG A 174 -48.24 -37.53 36.60
CA ARG A 174 -47.67 -38.43 37.62
C ARG A 174 -48.37 -38.18 38.93
N ALA A 175 -49.09 -39.19 39.40
CA ALA A 175 -49.78 -39.13 40.69
C ALA A 175 -50.81 -37.99 40.71
N GLY A 176 -51.56 -37.87 39.63
CA GLY A 176 -52.60 -36.83 39.48
C GLY A 176 -52.10 -35.39 39.36
N LYS A 177 -50.80 -35.21 39.06
CA LYS A 177 -50.17 -33.87 38.97
C LYS A 177 -49.40 -33.73 37.68
N THR A 178 -49.44 -32.55 37.08
CA THR A 178 -48.77 -32.32 35.80
C THR A 178 -47.26 -32.14 36.01
N ALA A 179 -46.45 -33.00 35.40
CA ALA A 179 -44.99 -32.88 35.46
C ALA A 179 -44.39 -32.53 34.09
N PHE A 180 -43.21 -31.92 34.13
CA PHE A 180 -42.43 -31.54 32.94
C PHE A 180 -43.25 -30.65 31.99
N GLY A 181 -43.93 -29.67 32.58
CA GLY A 181 -44.89 -28.84 31.87
C GLY A 181 -44.25 -28.03 30.76
N PHE A 182 -44.71 -28.24 29.51
CA PHE A 182 -44.22 -27.54 28.32
C PHE A 182 -44.71 -26.09 28.23
N ASN A 183 -43.82 -25.19 27.85
CA ASN A 183 -44.13 -23.75 27.65
C ASN A 183 -43.88 -23.32 26.21
N GLY A 184 -44.97 -23.14 25.47
CA GLY A 184 -44.91 -22.79 24.07
C GLY A 184 -46.18 -23.20 23.35
N THR A 185 -46.02 -23.42 22.07
CA THR A 185 -47.11 -23.78 21.19
C THR A 185 -46.76 -25.07 20.47
N LEU A 186 -47.59 -26.09 20.65
CA LEU A 186 -47.55 -27.27 19.78
C LEU A 186 -48.30 -26.92 18.49
N GLU A 187 -47.56 -26.64 17.42
CA GLU A 187 -48.15 -26.17 16.16
C GLU A 187 -48.93 -27.27 15.47
N ASN A 188 -48.27 -28.41 15.35
CA ASN A 188 -48.91 -29.65 14.91
C ASN A 188 -48.36 -30.84 15.69
N ILE A 189 -49.23 -31.73 16.16
CA ILE A 189 -48.79 -33.00 16.75
C ILE A 189 -49.58 -34.18 16.21
N LYS A 190 -48.87 -35.19 15.73
CA LYS A 190 -49.47 -36.37 15.13
C LYS A 190 -49.06 -37.62 15.89
N PHE A 191 -50.06 -38.39 16.33
CA PHE A 191 -49.86 -39.69 16.94
C PHE A 191 -50.26 -40.76 15.93
N PHE A 192 -49.32 -41.68 15.69
CA PHE A 192 -49.55 -42.89 14.91
C PHE A 192 -49.35 -44.05 15.86
N ASN A 193 -50.13 -45.10 15.64
CA ASN A 193 -50.08 -46.32 16.45
C ASN A 193 -49.19 -47.40 15.82
N SER A 194 -48.18 -46.99 15.06
CA SER A 194 -47.15 -47.91 14.59
C SER A 194 -45.84 -47.15 14.37
N ALA A 195 -44.80 -47.94 14.21
CA ALA A 195 -43.46 -47.44 13.93
C ALA A 195 -43.36 -47.02 12.48
N LEU A 196 -43.20 -45.73 12.21
CA LEU A 196 -42.99 -45.27 10.85
C LEU A 196 -41.53 -45.45 10.46
N ASP A 197 -41.27 -45.64 9.16
CA ASP A 197 -39.92 -45.96 8.68
C ASP A 197 -39.00 -44.72 8.66
N GLU A 198 -37.70 -44.99 8.73
CA GLU A 198 -36.72 -43.95 8.89
C GLU A 198 -36.90 -42.75 7.92
N GLU A 199 -37.01 -43.00 6.63
CA GLU A 199 -37.06 -41.92 5.62
C GLU A 199 -38.37 -41.10 5.64
N THR A 200 -39.49 -41.75 5.98
CA THR A 200 -40.76 -41.03 6.15
C THR A 200 -40.68 -39.96 7.26
N VAL A 201 -40.04 -40.31 8.37
CA VAL A 201 -39.94 -39.40 9.50
C VAL A 201 -38.86 -38.33 9.30
N LYS A 202 -37.73 -38.69 8.69
CA LYS A 202 -36.79 -37.66 8.23
C LYS A 202 -37.50 -36.59 7.39
N LYS A 203 -38.29 -36.99 6.39
CA LYS A 203 -39.03 -36.01 5.57
C LYS A 203 -40.06 -35.19 6.35
N MET A 204 -40.78 -35.83 7.27
CA MET A 204 -41.80 -35.13 8.07
C MET A 204 -41.22 -34.06 9.01
N THR A 205 -40.00 -34.29 9.48
CA THR A 205 -39.33 -33.34 10.40
C THR A 205 -38.52 -32.21 9.68
N THR A 206 -38.33 -32.38 8.36
CA THR A 206 -37.68 -31.37 7.51
C THR A 206 -38.40 -30.04 7.63
N ASN A 207 -37.64 -28.98 7.85
CA ASN A 207 -38.21 -27.64 7.98
C ASN A 207 -37.13 -26.58 7.67
N ALA A 208 -37.44 -25.32 7.93
CA ALA A 208 -36.46 -24.22 7.75
C ALA A 208 -35.12 -24.40 8.48
N VAL A 209 -35.10 -25.11 9.62
CA VAL A 209 -33.80 -25.31 10.33
C VAL A 209 -32.86 -26.17 9.46
N THR A 210 -33.46 -27.11 8.74
CA THR A 210 -32.74 -28.06 7.89
C THR A 210 -31.90 -27.39 6.78
N GLY A 211 -32.43 -26.29 6.24
CA GLY A 211 -31.75 -25.54 5.21
C GLY A 211 -30.64 -24.62 5.71
N HIS A 212 -30.38 -24.57 7.02
CA HIS A 212 -29.22 -23.81 7.47
C HIS A 212 -27.88 -24.58 7.40
N LEU A 213 -27.88 -25.79 6.88
CA LEU A 213 -26.65 -26.57 6.71
C LEU A 213 -26.01 -26.40 5.32
N ILE A 214 -24.74 -26.00 5.29
CA ILE A 214 -23.95 -25.95 4.02
C ILE A 214 -23.32 -27.34 3.78
N TYR A 215 -22.82 -27.94 4.85
CA TYR A 215 -22.22 -29.27 4.84
C TYR A 215 -23.14 -30.15 5.66
N THR A 216 -23.48 -31.32 5.13
CA THR A 216 -24.36 -32.27 5.79
C THR A 216 -23.72 -33.66 5.79
N ALA A 217 -24.11 -34.48 6.76
CA ALA A 217 -23.55 -35.81 6.95
C ALA A 217 -23.79 -36.65 5.70
N ASN A 218 -22.73 -37.28 5.23
CA ASN A 218 -22.69 -38.12 4.03
C ASN A 218 -23.12 -37.37 2.77
N ASP A 219 -22.77 -36.08 2.69
CA ASP A 219 -22.94 -35.32 1.46
C ASP A 219 -21.81 -35.72 0.46
N THR A 220 -21.48 -34.82 -0.47
CA THR A 220 -20.47 -35.06 -1.50
C THR A 220 -19.06 -35.28 -0.94
N THR A 221 -18.79 -34.73 0.24
CA THR A 221 -17.52 -35.03 0.93
C THR A 221 -17.37 -36.48 1.36
N GLY A 222 -18.46 -37.22 1.52
CA GLY A 222 -18.43 -38.56 2.12
C GLY A 222 -18.26 -38.61 3.65
N SER A 223 -18.14 -37.45 4.30
CA SER A 223 -17.92 -37.36 5.73
C SER A 223 -19.24 -37.26 6.47
N ASN A 224 -19.36 -38.01 7.57
CA ASN A 224 -20.49 -37.87 8.47
C ASN A 224 -20.35 -36.71 9.41
N TYR A 225 -19.14 -36.14 9.55
CA TYR A 225 -18.85 -35.11 10.57
C TYR A 225 -18.05 -33.97 10.03
N PHE A 226 -18.25 -32.83 10.68
CA PHE A 226 -17.55 -31.62 10.38
C PHE A 226 -17.25 -30.86 11.66
N ARG A 227 -16.12 -30.15 11.64
CA ARG A 227 -15.81 -29.15 12.65
C ARG A 227 -14.99 -28.02 12.00
N ILE A 228 -14.77 -26.95 12.76
CA ILE A 228 -13.85 -25.87 12.38
C ILE A 228 -14.26 -25.17 11.09
N PRO A 229 -15.42 -24.48 11.12
CA PRO A 229 -15.91 -23.74 9.96
C PRO A 229 -15.14 -22.47 9.75
N VAL A 230 -15.02 -22.06 8.50
CA VAL A 230 -14.44 -20.79 8.11
C VAL A 230 -15.28 -20.20 6.96
N LEU A 231 -15.63 -18.91 7.12
CA LEU A 231 -16.28 -18.09 6.09
C LEU A 231 -15.35 -16.95 5.68
N TYR A 232 -15.39 -16.59 4.39
CA TYR A 232 -14.65 -15.46 3.86
C TYR A 232 -15.34 -14.86 2.65
N THR A 233 -15.34 -13.53 2.50
CA THR A 233 -15.98 -12.92 1.32
C THR A 233 -14.91 -12.39 0.42
N PHE A 234 -14.96 -12.82 -0.84
CA PHE A 234 -13.98 -12.38 -1.82
C PHE A 234 -14.43 -11.08 -2.47
N SER A 235 -13.47 -10.43 -3.11
CA SER A 235 -13.60 -9.10 -3.63
C SER A 235 -14.60 -9.07 -4.78
N ASN A 236 -14.70 -10.18 -5.52
CA ASN A 236 -15.70 -10.32 -6.58
C ASN A 236 -17.13 -10.50 -6.06
N GLY A 237 -17.32 -10.61 -4.75
CA GLY A 237 -18.66 -10.82 -4.14
C GLY A 237 -19.04 -12.28 -3.85
N ARG A 238 -18.16 -13.21 -4.13
CA ARG A 238 -18.33 -14.58 -3.70
C ARG A 238 -18.07 -14.68 -2.22
N VAL A 239 -18.91 -15.48 -1.58
CA VAL A 239 -18.77 -15.87 -0.18
C VAL A 239 -18.29 -17.32 -0.18
N PHE A 240 -17.15 -17.52 0.44
CA PHE A 240 -16.48 -18.78 0.41
C PHE A 240 -16.48 -19.41 1.81
N SER A 241 -16.76 -20.73 1.88
CA SER A 241 -16.57 -21.50 3.14
C SER A 241 -15.52 -22.60 3.00
N SER A 242 -14.73 -22.79 4.06
CA SER A 242 -13.98 -24.03 4.26
C SER A 242 -14.33 -24.63 5.60
N ILE A 243 -13.98 -25.90 5.74
CA ILE A 243 -14.35 -26.67 6.93
C ILE A 243 -13.55 -27.97 7.05
N ASP A 244 -13.36 -28.41 8.30
CA ASP A 244 -12.87 -29.77 8.53
C ASP A 244 -13.99 -30.82 8.25
N ALA A 245 -13.75 -31.68 7.25
CA ALA A 245 -14.47 -32.94 7.02
C ALA A 245 -13.74 -34.04 7.79
N ARG A 246 -14.31 -34.38 8.92
CA ARG A 246 -13.70 -35.28 9.84
C ARG A 246 -14.46 -36.59 9.79
N TYR A 247 -13.79 -37.63 9.33
CA TYR A 247 -14.46 -38.84 8.91
C TYR A 247 -14.66 -39.85 10.03
N GLY A 248 -13.71 -39.93 10.96
CA GLY A 248 -13.77 -40.87 12.08
C GLY A 248 -14.27 -40.24 13.36
N GLY A 249 -15.51 -39.74 13.33
CA GLY A 249 -16.04 -38.90 14.38
C GLY A 249 -15.38 -37.52 14.35
N THR A 250 -15.56 -36.74 15.42
CA THR A 250 -15.10 -35.34 15.54
C THR A 250 -13.79 -35.20 16.29
N HIS A 251 -13.14 -36.31 16.65
CA HIS A 251 -11.81 -36.21 17.26
C HIS A 251 -10.87 -35.28 16.48
N ASP A 252 -10.19 -34.41 17.21
CA ASP A 252 -9.04 -33.73 16.63
C ASP A 252 -7.95 -34.71 16.18
N PHE A 253 -7.72 -35.72 17.00
CA PHE A 253 -6.79 -36.76 16.63
C PHE A 253 -7.12 -37.99 17.44
N LEU A 254 -6.68 -39.16 17.05
CA LEU A 254 -6.21 -39.45 15.73
C LEU A 254 -7.49 -39.52 14.92
N ASN A 255 -7.40 -39.19 13.64
CA ASN A 255 -8.60 -39.12 12.77
C ASN A 255 -8.14 -39.03 11.31
N LYS A 256 -9.11 -39.13 10.41
CA LYS A 256 -8.89 -38.85 9.02
C LYS A 256 -9.66 -37.56 8.73
N ILE A 257 -8.92 -36.52 8.37
CA ILE A 257 -9.49 -35.22 8.10
C ILE A 257 -8.99 -34.64 6.76
N ASN A 258 -9.97 -34.19 5.95
CA ASN A 258 -9.84 -33.41 4.70
C ASN A 258 -10.40 -32.04 4.91
N ILE A 259 -9.89 -31.06 4.17
CA ILE A 259 -10.52 -29.73 4.18
C ILE A 259 -11.44 -29.70 2.98
N ALA A 260 -12.71 -29.38 3.22
CA ALA A 260 -13.73 -29.22 2.16
C ALA A 260 -14.09 -27.76 2.04
N THR A 261 -14.65 -27.41 0.89
CA THR A 261 -15.04 -26.07 0.56
C THR A 261 -16.40 -26.04 -0.16
N SER A 262 -17.03 -24.86 -0.15
CA SER A 262 -18.28 -24.64 -0.74
C SER A 262 -18.51 -23.17 -0.76
N TYR A 263 -19.19 -22.68 -1.78
CA TYR A 263 -19.30 -21.23 -1.94
C TYR A 263 -20.67 -20.83 -2.43
N SER A 264 -20.94 -19.54 -2.28
CA SER A 264 -22.22 -18.96 -2.63
C SER A 264 -22.00 -17.72 -3.50
N ASP A 265 -22.66 -17.69 -4.65
CA ASP A 265 -22.62 -16.47 -5.47
C ASP A 265 -23.86 -15.64 -5.34
N ASP A 266 -24.65 -15.85 -4.31
CA ASP A 266 -25.82 -15.01 -4.13
C ASP A 266 -25.99 -14.55 -2.68
N ASN A 267 -24.95 -13.94 -2.10
CA ASN A 267 -24.99 -13.50 -0.69
C ASN A 267 -25.38 -14.60 0.31
N GLY A 268 -24.96 -15.83 0.06
CA GLY A 268 -25.26 -16.94 0.97
C GLY A 268 -26.60 -17.65 0.87
N LYS A 269 -27.51 -17.21 0.01
CA LYS A 269 -28.82 -17.86 -0.09
C LYS A 269 -28.65 -19.32 -0.49
N THR A 270 -27.77 -19.55 -1.46
CA THR A 270 -27.52 -20.90 -1.98
C THR A 270 -26.03 -21.15 -2.08
N TRP A 271 -25.66 -22.40 -1.81
CA TRP A 271 -24.28 -22.83 -1.72
C TRP A 271 -24.02 -24.02 -2.61
N THR A 272 -22.82 -24.06 -3.19
CA THR A 272 -22.40 -25.21 -4.02
C THR A 272 -22.26 -26.45 -3.21
N LYS A 273 -22.38 -27.57 -3.87
CA LYS A 273 -22.21 -28.84 -3.16
C LYS A 273 -20.71 -28.99 -2.79
N PRO A 274 -20.42 -29.43 -1.57
CA PRO A 274 -19.02 -29.36 -1.15
C PRO A 274 -18.06 -30.15 -1.99
N LYS A 275 -16.86 -29.61 -2.14
CA LYS A 275 -15.74 -30.27 -2.83
C LYS A 275 -14.62 -30.53 -1.79
N LEU A 276 -13.83 -31.57 -2.05
CA LEU A 276 -12.61 -31.79 -1.33
C LEU A 276 -11.53 -30.93 -1.93
N THR A 277 -10.87 -30.15 -1.11
CA THR A 277 -9.88 -29.20 -1.57
C THR A 277 -8.50 -29.60 -1.06
N LEU A 278 -8.39 -29.99 0.22
CA LEU A 278 -7.17 -30.59 0.73
C LEU A 278 -7.44 -31.98 1.29
N ALA A 279 -6.79 -32.98 0.73
CA ALA A 279 -7.12 -34.37 1.10
C ALA A 279 -6.03 -35.39 0.66
N PHE A 280 -5.91 -36.43 1.47
CA PHE A 280 -5.04 -37.55 1.23
C PHE A 280 -6.01 -38.71 1.01
N ASP A 281 -5.48 -39.79 0.43
CA ASP A 281 -6.27 -40.97 0.09
C ASP A 281 -5.66 -42.30 0.55
N ASP A 282 -4.76 -42.23 1.52
CA ASP A 282 -4.38 -43.45 2.28
C ASP A 282 -5.61 -44.14 2.90
N PHE A 283 -6.63 -43.34 3.22
CA PHE A 283 -7.98 -43.74 3.53
C PHE A 283 -8.94 -43.03 2.60
N ALA A 284 -9.99 -43.74 2.15
CA ALA A 284 -11.02 -43.17 1.25
C ALA A 284 -11.94 -42.20 1.99
N PRO A 285 -12.55 -41.22 1.31
CA PRO A 285 -13.50 -40.27 1.95
C PRO A 285 -14.88 -40.86 2.01
N VAL A 286 -15.12 -41.67 3.04
CA VAL A 286 -16.34 -42.49 3.18
C VAL A 286 -17.02 -42.36 4.55
N PRO A 287 -18.37 -42.58 4.60
CA PRO A 287 -19.09 -42.29 5.81
C PRO A 287 -18.88 -43.40 6.79
N LEU A 288 -18.62 -43.07 8.05
CA LEU A 288 -18.48 -44.06 9.13
C LEU A 288 -19.42 -43.73 10.26
N GLU A 289 -20.05 -44.75 10.82
CA GLU A 289 -21.05 -44.56 11.82
C GLU A 289 -20.34 -44.60 13.22
N TRP A 290 -19.95 -43.42 13.73
CA TRP A 290 -18.96 -43.36 14.79
C TRP A 290 -19.66 -43.52 16.11
N PRO A 291 -19.21 -44.48 16.92
CA PRO A 291 -20.04 -44.79 18.11
C PRO A 291 -19.99 -43.64 19.13
N ARG A 292 -21.15 -43.25 19.67
CA ARG A 292 -21.27 -42.19 20.68
C ARG A 292 -21.31 -42.72 22.13
N GLU A 293 -21.44 -44.03 22.32
CA GLU A 293 -21.57 -44.56 23.69
C GLU A 293 -20.24 -44.40 24.41
N VAL A 294 -20.30 -44.48 25.74
CA VAL A 294 -19.15 -44.17 26.59
C VAL A 294 -17.99 -45.06 26.20
N GLY A 295 -18.30 -46.34 26.00
CA GLY A 295 -17.31 -47.37 25.73
C GLY A 295 -16.78 -47.46 24.30
N GLY A 296 -17.38 -46.70 23.38
CA GLY A 296 -16.88 -46.60 22.00
C GLY A 296 -16.35 -45.23 21.59
N ARG A 297 -16.89 -44.16 22.17
CA ARG A 297 -16.59 -42.79 21.66
C ARG A 297 -15.13 -42.36 21.75
N ASP A 298 -14.30 -43.05 22.53
CA ASP A 298 -12.87 -42.76 22.60
C ASP A 298 -12.06 -43.41 21.47
N LEU A 299 -12.67 -44.42 20.83
CA LEU A 299 -12.09 -44.98 19.63
C LEU A 299 -11.79 -43.91 18.61
N GLN A 300 -10.72 -44.20 17.87
CA GLN A 300 -10.15 -43.35 16.85
C GLN A 300 -9.72 -44.18 15.62
N ILE A 301 -9.71 -43.53 14.47
CA ILE A 301 -9.00 -43.98 13.30
C ILE A 301 -7.52 -43.72 13.60
N SER A 302 -6.75 -44.79 13.71
CA SER A 302 -5.36 -44.69 14.12
C SER A 302 -4.42 -43.96 13.16
N GLY A 303 -4.57 -44.20 11.88
CA GLY A 303 -3.40 -44.09 10.98
C GLY A 303 -3.55 -43.35 9.67
N GLY A 304 -4.16 -42.16 9.72
CA GLY A 304 -4.57 -41.45 8.49
C GLY A 304 -4.04 -40.03 8.33
N ALA A 305 -3.30 -39.77 7.27
CA ALA A 305 -2.74 -38.44 7.05
C ALA A 305 -3.84 -37.40 6.88
N THR A 306 -3.55 -36.20 7.35
CA THR A 306 -4.59 -35.26 7.73
C THR A 306 -4.21 -33.85 7.39
N TYR A 307 -5.18 -33.13 6.87
CA TYR A 307 -5.18 -31.67 6.91
C TYR A 307 -6.20 -31.26 7.94
N ILE A 308 -5.86 -30.28 8.77
CA ILE A 308 -6.74 -29.82 9.85
C ILE A 308 -6.53 -28.32 10.04
N ASP A 309 -7.59 -27.60 10.41
CA ASP A 309 -7.55 -26.16 10.84
C ASP A 309 -7.18 -25.15 9.73
N SER A 310 -8.17 -24.78 8.92
CA SER A 310 -7.96 -23.97 7.71
C SER A 310 -7.91 -22.48 8.06
N VAL A 311 -7.08 -21.76 7.29
CA VAL A 311 -7.01 -20.28 7.35
C VAL A 311 -7.06 -19.78 5.93
N ILE A 312 -7.88 -18.75 5.70
CA ILE A 312 -8.12 -18.16 4.38
C ILE A 312 -7.72 -16.66 4.32
N VAL A 313 -7.08 -16.24 3.23
CA VAL A 313 -6.93 -14.83 2.97
C VAL A 313 -6.91 -14.56 1.46
N GLU A 314 -7.46 -13.41 1.07
CA GLU A 314 -7.39 -12.89 -0.31
C GLU A 314 -6.30 -11.83 -0.43
N LYS A 315 -5.33 -12.07 -1.31
CA LYS A 315 -4.34 -11.04 -1.65
C LYS A 315 -4.91 -9.78 -2.33
N LYS A 316 -4.08 -8.76 -2.38
CA LYS A 316 -4.42 -7.49 -3.05
C LYS A 316 -4.63 -7.69 -4.55
N ASN A 317 -3.82 -8.57 -5.15
CA ASN A 317 -3.99 -8.94 -6.56
C ASN A 317 -5.16 -9.93 -6.86
N LYS A 318 -6.03 -10.19 -5.87
CA LYS A 318 -7.21 -11.08 -5.95
C LYS A 318 -6.94 -12.57 -5.93
N GLN A 319 -5.66 -12.97 -5.92
CA GLN A 319 -5.30 -14.35 -5.69
C GLN A 319 -5.65 -14.74 -4.24
N VAL A 320 -6.10 -15.99 -4.03
CA VAL A 320 -6.59 -16.43 -2.73
C VAL A 320 -5.63 -17.42 -2.16
N LEU A 321 -5.34 -17.29 -0.87
CA LEU A 321 -4.60 -18.29 -0.17
C LEU A 321 -5.44 -19.04 0.85
N MET A 322 -5.05 -20.29 1.03
CA MET A 322 -5.56 -21.14 2.10
C MET A 322 -4.41 -21.98 2.69
N PHE A 323 -4.33 -21.92 4.01
CA PHE A 323 -3.34 -22.62 4.82
C PHE A 323 -4.01 -23.77 5.57
N ALA A 324 -3.24 -24.79 5.93
CA ALA A 324 -3.77 -25.85 6.78
C ALA A 324 -2.64 -26.58 7.49
N ASP A 325 -2.97 -27.15 8.63
CA ASP A 325 -2.01 -27.97 9.32
C ASP A 325 -1.98 -29.27 8.56
N VAL A 326 -0.79 -29.85 8.48
CA VAL A 326 -0.59 -31.14 7.85
C VAL A 326 -0.01 -32.09 8.87
N MET A 327 -0.65 -33.23 9.02
CA MET A 327 -0.26 -34.24 10.00
C MET A 327 -0.08 -35.55 9.24
N PRO A 328 1.14 -36.11 9.26
CA PRO A 328 1.27 -37.43 8.71
C PRO A 328 0.55 -38.47 9.55
N ALA A 329 0.28 -39.61 8.92
CA ALA A 329 -0.53 -40.67 9.46
C ALA A 329 0.13 -41.18 10.71
N GLY A 330 -0.70 -41.52 11.71
CA GLY A 330 -0.23 -42.00 13.02
C GLY A 330 0.25 -40.93 14.00
N VAL A 331 0.48 -39.71 13.50
CA VAL A 331 1.15 -38.66 14.26
C VAL A 331 0.17 -37.79 15.06
N SER A 332 0.03 -38.16 16.34
CA SER A 332 -0.79 -37.41 17.32
C SER A 332 -0.11 -36.08 17.59
N PHE A 333 -0.87 -34.99 17.56
CA PHE A 333 -0.37 -33.66 17.94
C PHE A 333 0.19 -33.58 19.39
N ARG A 334 0.23 -34.71 20.10
CA ARG A 334 1.01 -34.89 21.37
C ARG A 334 2.04 -36.05 21.36
N GLU A 335 2.23 -36.70 20.22
CA GLU A 335 3.38 -37.60 20.03
C GLU A 335 4.30 -37.13 18.87
N ALA A 336 3.82 -36.18 18.07
CA ALA A 336 4.65 -35.35 17.20
C ALA A 336 5.85 -34.74 17.91
N THR A 337 7.06 -35.11 17.48
CA THR A 337 8.28 -34.47 18.02
C THR A 337 8.29 -32.95 17.83
N ARG A 338 8.75 -32.27 18.89
CA ARG A 338 8.70 -30.80 19.00
C ARG A 338 10.05 -30.13 18.80
N LYS A 339 11.10 -30.92 18.60
CA LYS A 339 12.44 -30.40 18.44
C LYS A 339 13.01 -30.82 17.12
N ASP A 340 12.14 -30.90 16.11
CA ASP A 340 12.56 -31.18 14.75
C ASP A 340 11.57 -30.57 13.77
N SER A 341 12.09 -29.72 12.90
CA SER A 341 11.28 -29.07 11.88
C SER A 341 10.89 -30.02 10.76
N GLY A 342 11.69 -31.06 10.50
CA GLY A 342 11.49 -31.92 9.34
C GLY A 342 12.35 -31.52 8.15
N TYR A 343 13.16 -30.46 8.33
CA TYR A 343 14.02 -29.83 7.31
C TYR A 343 15.50 -29.91 7.66
N LYS A 344 16.35 -29.96 6.64
CA LYS A 344 17.82 -29.83 6.75
C LYS A 344 18.23 -28.55 6.07
N GLN A 345 19.35 -27.96 6.49
CA GLN A 345 19.96 -26.84 5.78
C GLN A 345 21.20 -27.33 5.07
N ILE A 346 21.19 -27.21 3.75
CA ILE A 346 22.31 -27.63 2.91
C ILE A 346 22.71 -26.44 2.00
N ASP A 347 23.95 -25.95 2.15
CA ASP A 347 24.45 -24.81 1.36
C ASP A 347 23.46 -23.66 1.38
N GLY A 348 22.97 -23.30 2.55
CA GLY A 348 22.01 -22.19 2.70
C GLY A 348 20.56 -22.37 2.22
N ASN A 349 20.19 -23.54 1.72
CA ASN A 349 18.81 -23.83 1.36
C ASN A 349 18.13 -24.76 2.35
N TYR A 350 16.80 -24.70 2.38
CA TYR A 350 16.01 -25.60 3.22
C TYR A 350 15.36 -26.71 2.38
N TYR A 351 15.58 -27.96 2.80
CA TYR A 351 15.06 -29.15 2.14
C TYR A 351 14.43 -30.08 3.18
N LEU A 352 13.24 -30.55 2.88
CA LEU A 352 12.51 -31.48 3.75
C LEU A 352 13.22 -32.85 3.82
N LYS A 353 13.46 -33.35 5.03
CA LYS A 353 14.18 -34.61 5.23
C LYS A 353 13.28 -35.80 4.99
N LEU A 354 13.91 -36.93 4.70
CA LEU A 354 13.18 -38.18 4.58
C LEU A 354 13.97 -39.31 5.15
N ARG A 355 13.29 -40.24 5.80
CA ARG A 355 13.89 -41.47 6.23
C ARG A 355 13.38 -42.63 5.37
N LYS A 356 14.31 -43.44 4.88
CA LYS A 356 14.02 -44.64 4.13
C LYS A 356 13.81 -45.85 5.03
N GLN A 357 12.85 -46.69 4.69
CA GLN A 357 12.54 -47.89 5.45
C GLN A 357 13.81 -48.66 5.83
N GLY A 358 13.96 -48.99 7.12
CA GLY A 358 15.12 -49.75 7.59
C GLY A 358 16.31 -48.92 8.05
N ASP A 359 16.32 -47.63 7.72
CA ASP A 359 17.29 -46.69 8.31
C ASP A 359 16.78 -46.19 9.67
N THR A 360 17.71 -45.73 10.48
CA THR A 360 17.37 -45.06 11.72
C THR A 360 17.54 -43.53 11.58
N ASP A 361 18.57 -43.09 10.89
CA ASP A 361 18.75 -41.65 10.56
C ASP A 361 17.95 -41.23 9.33
N TYR A 362 17.83 -39.92 9.16
CA TYR A 362 17.19 -39.33 7.98
C TYR A 362 18.29 -38.99 7.01
N ASN A 363 18.45 -39.86 6.02
CA ASN A 363 19.60 -39.81 5.11
C ASN A 363 19.36 -39.12 3.79
N TYR A 364 18.13 -38.70 3.57
CA TYR A 364 17.70 -38.19 2.30
C TYR A 364 16.99 -36.86 2.40
N THR A 365 16.99 -36.12 1.30
CA THR A 365 16.32 -34.84 1.20
C THR A 365 15.58 -34.72 -0.13
N ILE A 366 14.47 -33.98 -0.13
CA ILE A 366 13.83 -33.54 -1.37
C ILE A 366 14.46 -32.22 -1.78
N ARG A 367 15.03 -32.15 -2.98
CA ARG A 367 15.68 -30.92 -3.51
C ARG A 367 15.02 -30.51 -4.85
N GLU A 368 15.78 -29.90 -5.76
CA GLU A 368 15.23 -29.35 -7.01
C GLU A 368 14.39 -30.38 -7.80
N ASN A 369 13.27 -29.92 -8.36
CA ASN A 369 12.33 -30.75 -9.15
C ASN A 369 11.72 -31.94 -8.41
N GLY A 370 11.79 -31.93 -7.09
CA GLY A 370 11.38 -33.07 -6.31
C GLY A 370 12.34 -34.23 -6.28
N THR A 371 13.56 -34.05 -6.80
CA THR A 371 14.55 -35.14 -6.85
C THR A 371 15.02 -35.49 -5.43
N VAL A 372 15.00 -36.78 -5.11
CA VAL A 372 15.44 -37.27 -3.81
C VAL A 372 16.92 -37.56 -3.87
N TYR A 373 17.67 -36.89 -2.98
CA TYR A 373 19.14 -37.01 -2.85
C TYR A 373 19.45 -37.88 -1.66
N ASP A 374 20.44 -38.77 -1.81
CA ASP A 374 21.15 -39.34 -0.65
C ASP A 374 22.11 -38.26 -0.15
N ASP A 375 21.86 -37.77 1.06
CA ASP A 375 22.68 -36.71 1.69
C ASP A 375 24.10 -37.15 2.03
N ARG A 376 24.29 -38.47 2.21
CA ARG A 376 25.57 -39.03 2.57
C ARG A 376 26.58 -38.94 1.43
N THR A 377 26.15 -39.41 0.26
CA THR A 377 26.93 -39.30 -0.98
C THR A 377 26.71 -37.96 -1.70
N ASN A 378 25.72 -37.19 -1.28
CA ASN A 378 25.37 -35.95 -1.97
C ASN A 378 25.03 -36.14 -3.46
N ARG A 379 24.43 -37.28 -3.79
CA ARG A 379 24.01 -37.57 -5.16
C ARG A 379 22.51 -37.76 -5.30
N PRO A 380 21.95 -37.41 -6.47
CA PRO A 380 20.54 -37.69 -6.66
C PRO A 380 20.27 -39.18 -6.83
N THR A 381 19.11 -39.63 -6.33
CA THR A 381 18.67 -41.01 -6.46
C THR A 381 17.72 -41.12 -7.67
N GLU A 382 17.29 -42.34 -7.93
CA GLU A 382 16.23 -42.67 -8.87
C GLU A 382 14.82 -42.22 -8.36
N PHE A 383 14.67 -41.91 -7.08
CA PHE A 383 13.39 -41.50 -6.51
C PHE A 383 13.12 -40.02 -6.64
N SER A 384 11.84 -39.68 -6.73
CA SER A 384 11.39 -38.30 -6.69
C SER A 384 10.03 -38.18 -5.99
N VAL A 385 9.74 -36.95 -5.54
CA VAL A 385 8.51 -36.63 -4.85
C VAL A 385 7.75 -35.55 -5.62
N ASP A 386 6.52 -35.88 -6.00
CA ASP A 386 5.70 -34.97 -6.80
C ASP A 386 5.11 -33.82 -5.98
N LYS A 387 4.49 -32.89 -6.67
CA LYS A 387 3.86 -31.71 -6.08
C LYS A 387 2.82 -31.96 -4.96
N ASN A 388 2.20 -33.15 -4.96
CA ASN A 388 1.29 -33.62 -3.92
C ASN A 388 1.90 -34.60 -2.89
N PHE A 389 3.22 -34.66 -2.81
CA PHE A 389 3.95 -35.50 -1.87
C PHE A 389 3.90 -37.00 -2.17
N GLY A 390 3.56 -37.34 -3.42
CA GLY A 390 3.55 -38.73 -3.88
C GLY A 390 4.92 -39.15 -4.39
N ILE A 391 5.26 -40.40 -4.13
CA ILE A 391 6.61 -40.94 -4.40
C ILE A 391 6.68 -41.66 -5.74
N LYS A 392 7.66 -41.29 -6.53
CA LYS A 392 7.98 -41.97 -7.78
C LYS A 392 9.38 -42.62 -7.75
N GLN A 393 9.50 -43.67 -8.55
CA GLN A 393 10.77 -44.31 -8.81
C GLN A 393 10.93 -44.46 -10.31
N ASN A 394 12.04 -43.93 -10.84
CA ASN A 394 12.28 -43.79 -12.27
C ASN A 394 11.07 -43.21 -12.99
N GLY A 395 10.47 -42.18 -12.42
CA GLY A 395 9.33 -41.52 -13.05
C GLY A 395 8.00 -42.25 -12.95
N ASN A 396 7.98 -43.47 -12.40
CA ASN A 396 6.74 -44.24 -12.14
C ASN A 396 6.34 -44.28 -10.68
N TYR A 397 5.05 -44.10 -10.42
CA TYR A 397 4.53 -43.96 -9.06
C TYR A 397 4.68 -45.26 -8.33
N LEU A 398 5.17 -45.16 -7.09
CA LEU A 398 5.05 -46.27 -6.16
C LEU A 398 3.65 -46.25 -5.58
N THR A 399 3.12 -47.43 -5.28
CA THR A 399 1.79 -47.57 -4.67
C THR A 399 1.80 -48.27 -3.31
N VAL A 400 0.75 -47.98 -2.54
CA VAL A 400 0.40 -48.69 -1.32
C VAL A 400 -1.08 -48.99 -1.39
N GLU A 401 -1.51 -50.02 -0.65
CA GLU A 401 -2.93 -50.30 -0.46
C GLU A 401 -3.57 -49.26 0.46
N GLN A 402 -4.74 -48.78 0.05
CA GLN A 402 -5.58 -47.90 0.86
C GLN A 402 -6.21 -48.69 2.01
N TYR A 403 -6.58 -48.00 3.06
CA TYR A 403 -7.22 -48.64 4.20
C TYR A 403 -8.69 -48.34 4.18
N SER A 404 -9.46 -49.27 4.75
CA SER A 404 -10.86 -49.11 5.12
C SER A 404 -11.07 -49.38 6.63
N VAL A 405 -12.18 -48.85 7.16
CA VAL A 405 -12.61 -49.09 8.53
C VAL A 405 -13.96 -49.80 8.56
N SER A 406 -14.06 -50.86 9.37
CA SER A 406 -15.35 -51.53 9.68
C SER A 406 -15.53 -51.84 11.19
N PHE A 407 -16.80 -51.93 11.60
CA PHE A 407 -17.19 -52.20 12.97
C PHE A 407 -17.81 -53.61 13.10
N LYS A 411 -16.20 -52.80 18.20
CA LYS A 411 -15.31 -53.70 17.42
C LYS A 411 -14.76 -53.04 16.14
N LYS A 412 -13.86 -52.04 16.28
CA LYS A 412 -13.27 -51.35 15.12
C LYS A 412 -12.06 -52.13 14.56
N THR A 413 -12.04 -52.33 13.23
CA THR A 413 -10.90 -52.92 12.50
C THR A 413 -10.49 -52.03 11.32
N GLU A 414 -9.18 -51.83 11.17
CA GLU A 414 -8.60 -51.11 10.02
C GLU A 414 -7.84 -52.06 9.11
N TYR A 415 -8.28 -52.17 7.84
CA TYR A 415 -7.73 -53.18 6.94
C TYR A 415 -7.47 -52.64 5.55
N ARG A 416 -6.52 -53.30 4.88
CA ARG A 416 -6.17 -52.97 3.50
C ARG A 416 -7.25 -53.47 2.53
N ASN A 417 -7.80 -52.56 1.72
CA ASN A 417 -9.02 -52.82 0.92
C ASN A 417 -8.82 -53.22 -0.56
N GLY A 418 -7.57 -53.41 -0.99
CA GLY A 418 -7.30 -53.82 -2.37
C GLY A 418 -7.13 -52.72 -3.41
N THR A 419 -7.51 -51.50 -3.08
CA THR A 419 -7.31 -50.34 -3.96
C THR A 419 -5.90 -49.80 -3.77
N LYS A 420 -5.25 -49.47 -4.88
CA LYS A 420 -3.92 -48.88 -4.88
C LYS A 420 -4.03 -47.36 -5.05
N VAL A 421 -3.29 -46.65 -4.21
CA VAL A 421 -3.20 -45.19 -4.29
C VAL A 421 -1.71 -44.89 -4.32
N HIS A 422 -1.32 -43.68 -4.67
CA HIS A 422 0.10 -43.38 -4.70
C HIS A 422 0.70 -43.50 -3.29
N MET A 423 1.87 -44.11 -3.19
CA MET A 423 2.68 -44.01 -1.99
C MET A 423 3.01 -42.52 -1.77
N ASN A 424 2.86 -42.05 -0.54
CA ASN A 424 3.02 -40.65 -0.19
C ASN A 424 3.89 -40.57 1.08
N ILE A 425 4.77 -39.59 1.11
CA ILE A 425 5.69 -39.43 2.21
C ILE A 425 5.01 -39.16 3.55
N PHE A 426 3.74 -38.75 3.50
CA PHE A 426 2.92 -38.55 4.67
C PHE A 426 2.23 -39.83 5.21
N TYR A 427 2.47 -40.98 4.59
CA TYR A 427 1.74 -42.21 4.91
C TYR A 427 2.47 -43.21 5.83
N LYS A 428 1.64 -44.03 6.48
CA LYS A 428 2.06 -45.10 7.36
C LYS A 428 3.00 -46.09 6.65
N ASP A 429 2.69 -46.39 5.38
CA ASP A 429 3.37 -47.43 4.59
C ASP A 429 4.36 -46.89 3.54
N ALA A 430 4.80 -45.65 3.68
CA ALA A 430 5.78 -45.08 2.74
C ALA A 430 7.22 -45.66 2.88
N LEU A 431 7.85 -45.89 1.74
CA LEU A 431 9.26 -46.27 1.64
C LEU A 431 10.13 -45.15 2.15
N PHE A 432 9.72 -43.91 1.90
CA PHE A 432 10.39 -42.72 2.45
C PHE A 432 9.41 -41.93 3.28
N LYS A 433 9.82 -41.48 4.47
CA LYS A 433 8.89 -40.76 5.38
C LYS A 433 9.44 -39.47 5.92
N VAL A 434 8.55 -38.49 6.04
CA VAL A 434 8.87 -37.24 6.73
C VAL A 434 9.03 -37.50 8.24
N VAL A 435 9.66 -36.53 8.90
CA VAL A 435 9.76 -36.53 10.38
C VAL A 435 8.32 -36.53 10.91
N PRO A 436 8.03 -37.39 11.89
CA PRO A 436 6.67 -37.43 12.40
C PRO A 436 6.43 -36.22 13.30
N THR A 437 6.14 -35.11 12.64
CA THR A 437 5.75 -33.88 13.31
C THR A 437 4.70 -33.20 12.49
N ASN A 438 4.19 -32.08 12.97
CA ASN A 438 3.22 -31.26 12.25
C ASN A 438 3.88 -30.30 11.32
N TYR A 439 3.18 -29.94 10.26
CA TYR A 439 3.65 -29.01 9.22
C TYR A 439 2.50 -28.04 8.87
N ILE A 440 2.82 -26.99 8.15
CA ILE A 440 1.81 -26.16 7.54
C ILE A 440 1.97 -26.17 6.03
N ALA A 441 0.84 -26.26 5.32
CA ALA A 441 0.81 -26.17 3.86
C ALA A 441 -0.13 -25.08 3.43
N TYR A 442 0.13 -24.55 2.25
CA TYR A 442 -0.77 -23.59 1.63
C TYR A 442 -0.88 -23.85 0.15
N ILE A 443 -2.06 -23.48 -0.34
CA ILE A 443 -2.47 -23.58 -1.74
C ILE A 443 -3.03 -22.21 -2.15
N SER A 444 -2.88 -21.89 -3.44
CA SER A 444 -3.35 -20.64 -4.00
C SER A 444 -4.31 -20.94 -5.10
N SER A 445 -5.21 -19.99 -5.34
CA SER A 445 -6.22 -20.07 -6.36
C SER A 445 -6.29 -18.75 -7.07
N ASN A 446 -6.28 -18.83 -8.39
CA ASN A 446 -6.46 -17.67 -9.24
C ASN A 446 -7.88 -17.45 -9.76
N ASP A 447 -8.84 -18.30 -9.39
CA ASP A 447 -10.23 -18.19 -9.84
C ASP A 447 -11.19 -18.28 -8.65
N HIS A 448 -10.86 -17.52 -7.62
CA HIS A 448 -11.72 -17.42 -6.43
C HIS A 448 -12.28 -18.77 -5.97
N GLY A 449 -11.37 -19.73 -5.90
CA GLY A 449 -11.59 -20.97 -5.23
C GLY A 449 -12.23 -22.01 -6.06
N GLU A 450 -12.33 -21.81 -7.38
CA GLU A 450 -12.85 -22.88 -8.24
C GLU A 450 -11.78 -23.95 -8.46
N SER A 451 -10.52 -23.52 -8.49
CA SER A 451 -9.40 -24.44 -8.65
C SER A 451 -8.26 -23.96 -7.80
N TRP A 452 -7.41 -24.90 -7.40
CA TRP A 452 -6.31 -24.60 -6.47
C TRP A 452 -5.00 -25.18 -6.95
N SER A 453 -3.93 -24.48 -6.64
CA SER A 453 -2.61 -24.98 -6.88
C SER A 453 -2.33 -26.20 -5.96
N ALA A 454 -1.29 -26.95 -6.29
CA ALA A 454 -0.79 -28.01 -5.43
C ALA A 454 -0.27 -27.41 -4.12
N PRO A 455 -0.19 -28.21 -3.04
CA PRO A 455 0.21 -27.65 -1.76
C PRO A 455 1.71 -27.38 -1.69
N THR A 456 2.06 -26.26 -1.04
CA THR A 456 3.45 -25.90 -0.75
C THR A 456 3.58 -26.01 0.76
N LEU A 457 4.55 -26.78 1.26
CA LEU A 457 4.85 -26.81 2.70
C LEU A 457 5.66 -25.59 3.12
N LEU A 458 5.28 -24.98 4.24
CA LEU A 458 6.01 -23.82 4.73
C LEU A 458 7.45 -24.23 5.09
N PRO A 459 8.40 -23.31 4.84
CA PRO A 459 9.77 -23.48 5.34
C PRO A 459 9.89 -23.46 6.88
N PRO A 460 11.05 -23.89 7.44
CA PRO A 460 11.21 -24.07 8.89
C PRO A 460 11.38 -22.71 9.58
N ILE A 461 10.29 -21.97 9.57
CA ILE A 461 10.24 -20.56 9.98
C ILE A 461 10.52 -20.37 11.48
N MET A 462 10.14 -21.38 12.27
CA MET A 462 10.42 -21.41 13.73
C MET A 462 11.85 -21.81 14.12
N GLY A 463 12.64 -22.26 13.15
CA GLY A 463 13.97 -22.79 13.34
C GLY A 463 14.03 -24.24 12.86
N LEU A 464 15.24 -24.71 12.61
CA LEU A 464 15.44 -26.10 12.29
C LEU A 464 15.05 -27.06 13.38
N ASN A 465 15.29 -26.70 14.64
CA ASN A 465 15.06 -27.62 15.73
C ASN A 465 13.82 -27.34 16.51
N ARG A 466 12.78 -26.91 15.79
CA ARG A 466 11.44 -26.78 16.34
C ARG A 466 10.44 -27.13 15.28
N ASN A 467 9.32 -27.68 15.71
CA ASN A 467 8.23 -27.98 14.78
C ASN A 467 7.46 -26.70 14.46
N ALA A 468 6.71 -26.77 13.38
CA ALA A 468 5.90 -25.65 12.92
C ALA A 468 4.88 -25.31 13.96
N PRO A 469 4.35 -24.11 13.92
CA PRO A 469 3.23 -23.85 14.76
C PRO A 469 1.94 -24.49 14.26
N TYR A 470 0.89 -24.22 14.99
CA TYR A 470 -0.44 -24.68 14.67
C TYR A 470 -1.25 -23.46 14.34
N LEU A 471 -2.03 -23.55 13.25
CA LEU A 471 -2.81 -22.41 12.77
C LEU A 471 -3.96 -22.05 13.69
N GLY A 472 -4.21 -20.75 13.80
CA GLY A 472 -5.44 -20.24 14.41
C GLY A 472 -6.50 -20.19 13.32
N PRO A 473 -7.48 -21.11 13.34
CA PRO A 473 -8.47 -21.19 12.27
C PRO A 473 -9.31 -19.92 12.05
N GLY A 474 -9.59 -19.62 10.77
CA GLY A 474 -10.43 -18.52 10.39
C GLY A 474 -9.80 -17.87 9.19
N ARG A 475 -9.47 -16.58 9.33
CA ARG A 475 -8.92 -15.79 8.22
C ARG A 475 -7.60 -15.18 8.59
N GLY A 476 -6.83 -14.82 7.57
CA GLY A 476 -5.66 -13.95 7.73
C GLY A 476 -6.10 -12.57 7.31
N ILE A 477 -5.15 -11.64 7.28
CA ILE A 477 -5.44 -10.28 6.84
C ILE A 477 -4.27 -9.67 6.09
N ILE A 478 -4.58 -8.63 5.31
CA ILE A 478 -3.59 -7.81 4.62
C ILE A 478 -3.61 -6.49 5.37
N GLU A 479 -2.51 -6.13 5.97
CA GLU A 479 -2.49 -4.87 6.73
C GLU A 479 -2.37 -3.77 5.66
N SER A 480 -3.23 -2.77 5.76
CA SER A 480 -3.47 -1.83 4.67
C SER A 480 -2.28 -0.94 4.37
N SER A 481 -1.61 -0.43 5.39
CA SER A 481 -0.48 0.51 5.20
C SER A 481 0.79 -0.09 4.60
N THR A 482 1.08 -1.37 4.88
CA THR A 482 2.29 -2.02 4.39
C THR A 482 2.06 -3.10 3.31
N GLY A 483 0.82 -3.53 3.14
CA GLY A 483 0.53 -4.73 2.39
C GLY A 483 1.04 -6.05 2.98
N ARG A 484 1.44 -6.03 4.24
CA ARG A 484 1.96 -7.23 4.85
C ARG A 484 0.82 -8.23 5.00
N ILE A 485 1.05 -9.49 4.64
CA ILE A 485 0.07 -10.58 4.85
C ILE A 485 0.34 -11.20 6.22
N LEU A 486 -0.70 -11.38 7.02
CA LEU A 486 -0.50 -11.90 8.39
C LEU A 486 -1.35 -13.11 8.63
N ILE A 487 -0.72 -14.24 8.95
CA ILE A 487 -1.40 -15.52 9.24
C ILE A 487 -1.20 -15.90 10.72
N PRO A 488 -2.30 -16.04 11.48
CA PRO A 488 -2.22 -16.33 12.90
C PRO A 488 -1.96 -17.79 13.16
N SER A 489 -1.03 -18.07 14.07
CA SER A 489 -0.73 -19.41 14.52
C SER A 489 -0.19 -19.35 15.97
N TYR A 490 0.15 -20.51 16.51
CA TYR A 490 0.62 -20.61 17.87
C TYR A 490 1.37 -21.91 18.12
N THR A 491 2.13 -21.87 19.22
CA THR A 491 3.02 -22.97 19.59
C THR A 491 2.58 -23.70 20.85
N GLY A 492 1.64 -23.13 21.60
CA GLY A 492 1.27 -23.64 22.92
C GLY A 492 1.88 -22.79 24.03
N LYS A 493 3.05 -22.22 23.76
CA LYS A 493 3.70 -21.27 24.65
C LYS A 493 3.84 -19.84 24.08
N GLU A 494 3.67 -19.67 22.77
CA GLU A 494 3.88 -18.39 22.10
C GLU A 494 2.88 -18.18 20.98
N SER A 495 2.61 -16.94 20.67
CA SER A 495 1.97 -16.60 19.42
C SER A 495 3.03 -16.65 18.30
N ALA A 496 2.62 -17.12 17.14
CA ALA A 496 3.47 -17.15 16.00
C ALA A 496 2.69 -16.46 14.91
N PHE A 497 3.13 -15.24 14.61
CA PHE A 497 2.49 -14.42 13.59
C PHE A 497 3.27 -14.53 12.29
N ILE A 498 2.78 -15.40 11.43
CA ILE A 498 3.43 -15.74 10.19
C ILE A 498 3.15 -14.59 9.24
N TYR A 499 4.16 -14.05 8.59
CA TYR A 499 3.91 -12.94 7.65
C TYR A 499 4.73 -12.97 6.36
N SER A 500 4.28 -12.21 5.35
CA SER A 500 5.02 -12.00 4.10
C SER A 500 5.02 -10.53 3.74
N ASP A 501 6.17 -9.97 3.38
CA ASP A 501 6.30 -8.59 2.93
C ASP A 501 6.55 -8.51 1.43
N ASP A 502 6.36 -9.63 0.73
CA ASP A 502 6.57 -9.68 -0.70
C ASP A 502 5.39 -10.33 -1.43
N ASN A 503 4.16 -9.88 -1.11
N ASN A 503 4.18 -9.89 -1.08
CA ASN A 503 2.91 -10.40 -1.72
CA ASN A 503 2.92 -10.38 -1.66
C ASN A 503 2.85 -11.94 -1.70
C ASN A 503 2.85 -11.93 -1.69
N GLY A 504 3.34 -12.54 -0.62
CA GLY A 504 3.29 -14.02 -0.46
C GLY A 504 4.38 -14.89 -1.11
N ALA A 505 5.44 -14.27 -1.62
CA ALA A 505 6.50 -15.06 -2.25
C ALA A 505 7.33 -15.73 -1.18
N SER A 506 7.55 -15.06 -0.05
CA SER A 506 8.38 -15.59 1.04
C SER A 506 7.70 -15.34 2.37
N TRP A 507 8.06 -16.16 3.35
CA TRP A 507 7.40 -16.17 4.65
C TRP A 507 8.40 -16.05 5.79
N LYS A 508 8.00 -15.31 6.81
CA LYS A 508 8.76 -15.14 8.05
C LYS A 508 7.79 -15.33 9.21
N VAL A 509 8.30 -15.14 10.44
CA VAL A 509 7.47 -15.23 11.62
C VAL A 509 7.92 -14.31 12.77
N LYS A 510 6.95 -13.66 13.42
CA LYS A 510 7.14 -13.00 14.70
C LYS A 510 6.62 -13.88 15.81
N VAL A 511 7.53 -14.35 16.66
CA VAL A 511 7.20 -15.22 17.76
C VAL A 511 7.10 -14.36 19.01
N VAL A 512 6.00 -14.49 19.74
CA VAL A 512 5.68 -13.64 20.89
C VAL A 512 5.37 -14.51 22.08
N PRO A 513 6.31 -14.58 23.05
CA PRO A 513 6.06 -15.37 24.26
C PRO A 513 4.82 -14.89 24.98
N LEU A 514 3.96 -15.82 25.37
CA LEU A 514 2.76 -15.47 26.06
C LEU A 514 2.91 -15.63 27.59
N PRO A 515 1.98 -15.05 28.36
CA PRO A 515 2.07 -15.18 29.84
C PRO A 515 1.93 -16.60 30.37
N SER A 516 1.31 -17.48 29.58
CA SER A 516 1.21 -18.88 29.99
C SER A 516 0.98 -19.77 28.79
N SER A 517 0.69 -21.03 29.05
CA SER A 517 0.55 -22.05 28.02
C SER A 517 -0.82 -21.96 27.34
N TRP A 518 -0.97 -20.93 26.50
CA TRP A 518 -2.21 -20.63 25.82
C TRP A 518 -2.29 -21.46 24.54
N SER A 519 -3.46 -22.03 24.30
CA SER A 519 -3.75 -22.57 22.98
C SER A 519 -4.12 -21.33 22.18
N ALA A 520 -3.12 -20.53 21.80
CA ALA A 520 -3.38 -19.12 21.35
C ALA A 520 -3.93 -18.93 19.90
N GLU A 521 -5.00 -19.68 19.60
CA GLU A 521 -5.78 -19.46 18.36
C GLU A 521 -6.12 -17.97 18.33
N ALA A 522 -5.70 -17.29 17.28
CA ALA A 522 -5.95 -15.88 17.14
C ALA A 522 -6.63 -15.50 15.79
N GLN A 523 -7.21 -14.31 15.81
CA GLN A 523 -7.60 -13.56 14.63
C GLN A 523 -7.21 -12.10 14.79
N PHE A 524 -7.01 -11.43 13.66
CA PHE A 524 -6.53 -10.05 13.64
C PHE A 524 -7.61 -9.02 13.28
N VAL A 525 -7.49 -7.79 13.75
CA VAL A 525 -8.24 -6.68 13.18
C VAL A 525 -7.31 -5.50 13.01
N GLU A 526 -7.53 -4.71 11.97
CA GLU A 526 -6.85 -3.44 11.81
C GLU A 526 -7.72 -2.35 12.43
N LEU A 527 -7.15 -1.50 13.28
CA LEU A 527 -7.91 -0.40 13.90
C LEU A 527 -7.78 0.90 13.14
N SER A 528 -6.58 1.16 12.66
CA SER A 528 -6.25 2.30 11.82
C SER A 528 -4.96 1.88 11.12
N PRO A 529 -4.47 2.69 10.16
CA PRO A 529 -3.30 2.23 9.40
C PRO A 529 -2.06 2.05 10.26
N GLY A 530 -1.40 0.91 10.08
CA GLY A 530 -0.27 0.51 10.88
C GLY A 530 -0.61 -0.17 12.22
N VAL A 531 -1.86 -0.08 12.65
CA VAL A 531 -2.24 -0.50 14.00
C VAL A 531 -3.14 -1.73 13.91
N ILE A 532 -2.68 -2.85 14.46
CA ILE A 532 -3.47 -4.08 14.45
C ILE A 532 -3.54 -4.74 15.83
N GLN A 533 -4.58 -5.54 16.03
CA GLN A 533 -4.77 -6.29 17.27
C GLN A 533 -4.97 -7.76 16.98
N ALA A 534 -4.32 -8.59 17.76
CA ALA A 534 -4.54 -10.02 17.70
C ALA A 534 -5.38 -10.40 18.93
N TYR A 535 -6.61 -10.87 18.67
CA TYR A 535 -7.51 -11.38 19.70
C TYR A 535 -7.35 -12.87 19.77
N MET A 536 -7.19 -13.45 20.97
CA MET A 536 -6.89 -14.88 21.08
C MET A 536 -7.47 -15.61 22.31
N ARG A 537 -7.43 -16.93 22.19
CA ARG A 537 -7.78 -17.85 23.25
C ARG A 537 -6.62 -17.89 24.27
N THR A 538 -6.98 -18.15 25.52
CA THR A 538 -6.03 -18.29 26.65
C THR A 538 -6.37 -19.49 27.53
N ASN A 539 -5.49 -19.80 28.48
CA ASN A 539 -5.77 -20.80 29.51
C ASN A 539 -6.22 -20.17 30.87
N ASN A 540 -6.66 -18.92 30.87
CA ASN A 540 -7.08 -18.25 32.12
C ASN A 540 -8.57 -17.90 32.23
N GLY A 541 -9.34 -18.25 31.21
CA GLY A 541 -10.78 -17.99 31.16
C GLY A 541 -11.20 -16.77 30.34
N LYS A 542 -10.24 -15.94 29.92
CA LYS A 542 -10.49 -14.65 29.28
C LYS A 542 -10.02 -14.64 27.83
N ILE A 543 -10.60 -13.75 27.02
CA ILE A 543 -10.05 -13.47 25.67
C ILE A 543 -8.96 -12.45 25.81
N ALA A 544 -7.78 -12.73 25.27
CA ALA A 544 -6.68 -11.73 25.30
C ALA A 544 -6.65 -10.96 23.98
N TYR A 545 -6.14 -9.72 24.03
CA TYR A 545 -5.79 -9.00 22.81
C TYR A 545 -4.48 -8.25 22.97
N LEU A 546 -3.63 -8.42 21.95
CA LEU A 546 -2.31 -7.80 21.89
C LEU A 546 -2.40 -6.80 20.79
N THR A 547 -1.81 -5.64 21.01
CA THR A 547 -1.80 -4.55 20.03
C THR A 547 -0.40 -4.32 19.45
N SER A 548 -0.35 -4.16 18.12
CA SER A 548 0.87 -3.71 17.40
C SER A 548 0.60 -2.41 16.65
N LYS A 549 1.50 -1.45 16.81
CA LYS A 549 1.42 -0.16 16.13
C LYS A 549 2.49 -0.01 15.05
N ASP A 550 3.15 -1.10 14.69
CA ASP A 550 4.06 -1.15 13.53
C ASP A 550 3.72 -2.34 12.62
N ALA A 551 2.43 -2.54 12.39
CA ALA A 551 1.91 -3.57 11.48
C ALA A 551 2.41 -5.01 11.78
N GLY A 552 2.51 -5.31 13.07
CA GLY A 552 2.82 -6.66 13.55
C GLY A 552 4.26 -6.95 13.90
N THR A 553 5.13 -5.96 13.76
CA THR A 553 6.55 -6.16 13.99
C THR A 553 6.88 -6.29 15.50
N THR A 554 6.21 -5.48 16.32
CA THR A 554 6.33 -5.55 17.78
C THR A 554 4.93 -5.50 18.37
N TRP A 555 4.77 -6.14 19.52
CA TRP A 555 3.45 -6.36 20.13
C TRP A 555 3.46 -5.96 21.59
N SER A 556 2.36 -5.35 22.04
CA SER A 556 2.21 -4.92 23.42
C SER A 556 1.97 -6.14 24.30
N ALA A 557 2.09 -5.92 25.61
CA ALA A 557 1.69 -6.88 26.62
C ALA A 557 0.19 -7.14 26.48
N PRO A 558 -0.26 -8.36 26.79
CA PRO A 558 -1.68 -8.63 26.62
C PRO A 558 -2.59 -7.87 27.53
N GLU A 559 -3.77 -7.54 27.00
CA GLU A 559 -4.90 -6.97 27.75
C GLU A 559 -6.02 -7.99 27.60
N TYR A 560 -7.07 -7.91 28.41
CA TYR A 560 -8.16 -8.90 28.36
C TYR A 560 -9.52 -8.23 28.33
N LEU A 561 -10.42 -8.77 27.50
CA LEU A 561 -11.81 -8.30 27.46
C LEU A 561 -12.45 -8.57 28.82
N LYS A 562 -13.18 -7.58 29.33
CA LYS A 562 -13.77 -7.65 30.67
C LYS A 562 -15.15 -8.31 30.75
N PHE A 563 -15.76 -8.49 29.60
CA PHE A 563 -17.17 -8.85 29.48
C PHE A 563 -17.37 -10.26 28.91
N VAL A 564 -16.28 -10.97 28.60
CA VAL A 564 -16.39 -12.38 28.28
C VAL A 564 -15.66 -13.20 29.35
N SER A 565 -16.35 -14.26 29.82
CA SER A 565 -15.84 -15.11 30.87
C SER A 565 -16.15 -16.59 30.60
N ASN A 566 -15.08 -17.32 30.27
CA ASN A 566 -15.16 -18.68 29.75
C ASN A 566 -14.41 -19.66 30.63
N PRO A 567 -14.59 -20.99 30.39
CA PRO A 567 -13.73 -21.94 31.11
C PRO A 567 -12.23 -21.80 30.73
N SER A 568 -11.37 -22.22 31.65
CA SER A 568 -9.93 -22.06 31.52
C SER A 568 -9.37 -22.62 30.17
N TYR A 569 -9.96 -23.70 29.68
CA TYR A 569 -9.47 -24.31 28.45
C TYR A 569 -9.66 -23.43 27.22
N GLY A 570 -10.69 -22.60 27.24
CA GLY A 570 -10.94 -21.60 26.24
C GLY A 570 -11.56 -22.20 24.98
N THR A 571 -11.98 -21.30 24.11
CA THR A 571 -12.48 -21.66 22.82
C THR A 571 -11.98 -20.67 21.82
N GLN A 572 -11.83 -21.17 20.61
CA GLN A 572 -11.56 -20.36 19.43
C GLN A 572 -12.62 -19.24 19.28
N LEU A 573 -12.21 -18.13 18.71
CA LEU A 573 -13.12 -17.02 18.44
C LEU A 573 -13.06 -16.57 16.95
N SER A 574 -13.98 -15.67 16.55
CA SER A 574 -13.91 -14.96 15.26
C SER A 574 -14.05 -13.46 15.45
N ILE A 575 -13.17 -12.69 14.84
CA ILE A 575 -13.36 -11.28 14.84
C ILE A 575 -12.95 -10.77 13.48
N ILE A 576 -13.75 -9.85 12.96
CA ILE A 576 -13.54 -9.26 11.65
C ILE A 576 -13.67 -7.75 11.66
N ASN A 577 -13.03 -7.13 10.70
CA ASN A 577 -13.33 -5.74 10.31
C ASN A 577 -14.64 -5.71 9.51
N TYR A 578 -15.36 -4.60 9.62
CA TYR A 578 -16.63 -4.38 8.92
C TYR A 578 -16.48 -3.10 8.11
N SER A 579 -17.01 -3.10 6.88
CA SER A 579 -16.72 -2.04 5.91
C SER A 579 -17.54 -0.80 6.15
N GLN A 580 -18.69 -0.92 6.79
CA GLN A 580 -19.63 0.19 6.93
C GLN A 580 -19.60 0.77 8.32
N LEU A 581 -19.78 2.08 8.39
CA LEU A 581 -19.88 2.78 9.64
C LEU A 581 -21.07 2.29 10.43
N ILE A 582 -20.92 2.23 11.74
CA ILE A 582 -22.04 1.96 12.67
C ILE A 582 -22.00 3.08 13.70
N ASP A 583 -23.14 3.74 13.90
CA ASP A 583 -23.22 4.97 14.69
C ASP A 583 -22.15 5.99 14.30
N GLY A 584 -21.85 6.07 13.02
CA GLY A 584 -20.89 7.01 12.49
C GLY A 584 -19.44 6.64 12.74
N LYS A 585 -19.21 5.40 13.12
CA LYS A 585 -17.89 4.95 13.59
C LYS A 585 -17.46 3.67 12.88
N LYS A 586 -16.14 3.51 12.76
CA LYS A 586 -15.54 2.34 12.17
C LYS A 586 -15.75 1.19 13.16
N ALA A 587 -16.09 0.00 12.68
CA ALA A 587 -16.52 -1.09 13.56
C ALA A 587 -15.78 -2.40 13.36
N VAL A 588 -15.74 -3.20 14.44
CA VAL A 588 -15.39 -4.59 14.39
C VAL A 588 -16.51 -5.44 14.97
N ILE A 589 -16.48 -6.74 14.65
CA ILE A 589 -17.54 -7.68 15.00
C ILE A 589 -16.92 -8.95 15.46
N LEU A 590 -17.31 -9.37 16.66
CA LEU A 590 -16.70 -10.51 17.37
C LEU A 590 -17.75 -11.58 17.67
N SER A 591 -17.38 -12.84 17.43
CA SER A 591 -18.15 -14.00 17.82
C SER A 591 -17.39 -14.94 18.77
N THR A 592 -18.03 -15.35 19.87
CA THR A 592 -17.41 -16.24 20.90
C THR A 592 -18.48 -16.84 21.77
N PRO A 593 -18.27 -18.06 22.25
CA PRO A 593 -19.07 -18.42 23.44
C PRO A 593 -18.72 -17.53 24.65
N ASN A 594 -19.58 -17.57 25.66
CA ASN A 594 -19.43 -16.71 26.85
C ASN A 594 -20.12 -17.31 28.05
N SER A 595 -19.42 -18.19 28.74
CA SER A 595 -20.00 -19.04 29.77
C SER A 595 -18.87 -19.80 30.44
N THR A 596 -18.95 -19.94 31.75
CA THR A 596 -17.99 -20.73 32.50
C THR A 596 -18.48 -22.16 32.67
N ASN A 597 -19.68 -22.44 32.18
CA ASN A 597 -20.29 -23.77 32.29
C ASN A 597 -19.95 -24.67 31.12
N GLY A 598 -19.35 -24.10 30.07
CA GLY A 598 -19.01 -24.87 28.87
C GLY A 598 -18.87 -24.01 27.63
N ARG A 599 -18.87 -24.69 26.49
CA ARG A 599 -18.90 -24.01 25.21
C ARG A 599 -20.34 -23.74 24.87
N LYS A 600 -20.80 -22.61 25.40
CA LYS A 600 -22.20 -22.24 25.41
C LYS A 600 -22.34 -20.73 25.34
N HIS A 601 -23.58 -20.30 25.17
CA HIS A 601 -23.94 -18.89 25.25
C HIS A 601 -23.14 -18.05 24.24
N GLY A 602 -23.30 -18.42 22.97
CA GLY A 602 -22.78 -17.66 21.85
C GLY A 602 -23.26 -16.25 21.81
N GLN A 603 -22.31 -15.35 21.65
CA GLN A 603 -22.63 -13.95 21.49
C GLN A 603 -21.87 -13.36 20.32
N ILE A 604 -22.52 -12.38 19.65
CA ILE A 604 -21.89 -11.53 18.68
C ILE A 604 -21.82 -10.13 19.29
N TRP A 605 -20.63 -9.56 19.29
CA TRP A 605 -20.38 -8.25 19.87
C TRP A 605 -19.93 -7.26 18.78
N ILE A 606 -20.52 -6.06 18.77
CA ILE A 606 -20.09 -4.98 17.88
C ILE A 606 -19.20 -4.04 18.68
N GLY A 607 -17.95 -3.89 18.25
CA GLY A 607 -17.07 -2.89 18.85
C GLY A 607 -16.82 -1.71 17.93
N LEU A 608 -17.01 -0.50 18.43
CA LEU A 608 -16.80 0.71 17.66
C LEU A 608 -15.47 1.32 18.04
N ILE A 609 -14.67 1.62 17.03
CA ILE A 609 -13.34 2.12 17.24
C ILE A 609 -13.42 3.63 17.47
N ASN A 610 -12.73 4.09 18.51
CA ASN A 610 -12.63 5.51 18.84
C ASN A 610 -11.42 6.15 18.16
N ASP A 611 -11.36 7.47 18.19
CA ASP A 611 -10.25 8.21 17.59
C ASP A 611 -8.89 7.81 18.16
N ASP A 612 -8.83 7.46 19.44
CA ASP A 612 -7.60 7.02 20.10
C ASP A 612 -7.32 5.50 19.96
N ASN A 613 -8.12 4.79 19.17
CA ASN A 613 -8.01 3.34 18.95
C ASN A 613 -8.46 2.42 20.09
N THR A 614 -8.97 2.95 21.19
CA THR A 614 -9.74 2.13 22.13
C THR A 614 -11.05 1.75 21.44
N ILE A 615 -11.65 0.66 21.91
CA ILE A 615 -12.90 0.16 21.37
C ILE A 615 -14.04 0.33 22.37
N ASP A 616 -15.13 0.95 21.91
CA ASP A 616 -16.41 0.96 22.63
C ASP A 616 -17.24 -0.29 22.27
N TRP A 617 -17.25 -1.28 23.17
CA TRP A 617 -18.01 -2.51 22.92
C TRP A 617 -19.50 -2.28 23.22
N ARG A 618 -20.17 -1.67 22.25
CA ARG A 618 -21.47 -1.05 22.46
C ARG A 618 -22.66 -2.00 22.34
N TYR A 619 -22.55 -3.04 21.54
CA TYR A 619 -23.70 -3.90 21.30
C TYR A 619 -23.32 -5.34 21.40
N HIS A 620 -24.25 -6.16 21.86
CA HIS A 620 -24.08 -7.61 21.79
C HIS A 620 -25.43 -8.28 21.54
N HIS A 621 -25.35 -9.45 20.93
CA HIS A 621 -26.51 -10.22 20.58
C HIS A 621 -26.26 -11.69 20.93
N ASP A 622 -27.17 -12.27 21.72
CA ASP A 622 -27.10 -13.67 22.11
C ASP A 622 -27.66 -14.46 20.99
N VAL A 623 -26.90 -15.42 20.49
CA VAL A 623 -27.27 -16.19 19.30
C VAL A 623 -28.47 -17.10 19.62
N ASP A 624 -28.39 -17.88 20.68
CA ASP A 624 -29.57 -18.68 21.07
C ASP A 624 -29.65 -18.52 22.57
N TYR A 625 -30.47 -19.32 23.27
CA TYR A 625 -30.48 -19.27 24.74
C TYR A 625 -29.12 -19.61 25.37
N SER A 626 -28.90 -19.13 26.58
CA SER A 626 -27.57 -19.17 27.23
C SER A 626 -27.01 -20.58 27.49
N ASN A 627 -27.87 -21.57 27.70
CA ASN A 627 -27.37 -22.90 27.97
C ASN A 627 -27.22 -23.82 26.71
N TYR A 628 -27.56 -23.27 25.55
CA TYR A 628 -27.34 -23.93 24.27
C TYR A 628 -25.86 -23.92 23.83
N GLY A 629 -25.47 -24.95 23.07
CA GLY A 629 -24.12 -25.14 22.59
C GLY A 629 -23.66 -24.13 21.55
N TYR A 630 -22.42 -23.67 21.71
CA TYR A 630 -21.78 -22.74 20.77
C TYR A 630 -20.29 -22.90 20.97
N SER A 631 -19.59 -23.41 19.95
CA SER A 631 -18.16 -23.70 20.05
C SER A 631 -17.41 -22.86 19.01
N TYR A 632 -16.58 -23.46 18.17
CA TYR A 632 -15.86 -22.69 17.14
C TYR A 632 -16.85 -21.98 16.17
N SER A 633 -16.49 -20.77 15.76
CA SER A 633 -17.36 -19.91 14.95
C SER A 633 -16.58 -19.09 13.95
N THR A 634 -17.26 -18.62 12.93
CA THR A 634 -16.66 -17.80 11.89
C THR A 634 -17.66 -16.79 11.38
N LEU A 635 -17.20 -15.54 11.29
CA LEU A 635 -17.96 -14.43 10.78
C LEU A 635 -17.39 -14.00 9.42
N THR A 636 -18.28 -13.62 8.49
CA THR A 636 -17.90 -12.83 7.31
C THR A 636 -18.91 -11.70 7.02
N GLU A 637 -18.40 -10.62 6.46
CA GLU A 637 -19.26 -9.59 5.92
C GLU A 637 -19.76 -10.01 4.52
N LEU A 638 -21.07 -10.01 4.32
CA LEU A 638 -21.65 -10.33 3.01
C LEU A 638 -21.54 -9.12 2.14
N PRO A 639 -21.52 -9.30 0.79
CA PRO A 639 -21.53 -8.19 -0.16
C PRO A 639 -22.62 -7.16 0.06
N ASN A 640 -23.81 -7.62 0.41
CA ASN A 640 -24.90 -6.71 0.80
C ASN A 640 -24.78 -6.01 2.20
N HIS A 641 -23.68 -6.27 2.92
CA HIS A 641 -23.32 -5.67 4.21
C HIS A 641 -24.07 -6.26 5.39
N GLU A 642 -24.79 -7.36 5.15
CA GLU A 642 -25.24 -8.23 6.23
C GLU A 642 -24.07 -9.10 6.69
N ILE A 643 -24.28 -9.84 7.76
CA ILE A 643 -23.21 -10.64 8.38
C ILE A 643 -23.57 -12.10 8.27
N GLY A 644 -22.63 -12.89 7.76
CA GLY A 644 -22.74 -14.35 7.80
C GLY A 644 -22.02 -14.96 9.01
N LEU A 645 -22.69 -15.91 9.66
CA LEU A 645 -22.10 -16.71 10.71
C LEU A 645 -22.30 -18.20 10.42
N MET A 646 -21.23 -18.97 10.52
CA MET A 646 -21.32 -20.41 10.64
C MET A 646 -20.66 -20.75 11.97
N PHE A 647 -21.22 -21.70 12.69
CA PHE A 647 -20.70 -22.05 13.98
C PHE A 647 -21.05 -23.46 14.30
N GLU A 648 -20.31 -24.02 15.24
CA GLU A 648 -20.52 -25.33 15.78
C GLU A 648 -21.60 -25.13 16.84
N LYS A 649 -22.82 -25.53 16.57
CA LYS A 649 -23.91 -25.44 17.54
C LYS A 649 -23.96 -26.68 18.46
N PHE A 650 -22.89 -26.84 19.22
CA PHE A 650 -22.77 -27.91 20.24
C PHE A 650 -21.55 -27.55 21.05
N ASP A 651 -21.28 -28.32 22.10
CA ASP A 651 -20.06 -28.13 22.87
C ASP A 651 -19.06 -29.16 22.30
N SER A 652 -18.04 -28.64 21.59
CA SER A 652 -17.02 -29.49 20.92
C SER A 652 -15.86 -29.90 21.81
N TRP A 653 -15.85 -29.43 23.06
CA TRP A 653 -14.90 -29.89 24.08
C TRP A 653 -15.45 -31.10 24.83
N SER A 654 -16.75 -31.05 25.13
CA SER A 654 -17.45 -32.07 25.91
C SER A 654 -17.30 -33.46 25.35
N ARG A 655 -16.94 -34.39 26.22
CA ARG A 655 -16.91 -35.82 25.89
C ARG A 655 -18.27 -36.41 25.65
N ASN A 656 -19.29 -35.67 26.03
CA ASN A 656 -20.67 -36.07 25.86
C ASN A 656 -21.32 -35.64 24.54
N GLU A 657 -20.68 -34.72 23.80
CA GLU A 657 -21.25 -34.16 22.57
C GLU A 657 -20.37 -34.40 21.33
N LEU A 658 -19.58 -35.46 21.38
CA LEU A 658 -18.74 -35.96 20.29
C LEU A 658 -19.56 -36.76 19.28
N HIS A 659 -19.06 -36.82 18.06
CA HIS A 659 -19.57 -37.70 16.96
C HIS A 659 -21.05 -37.49 16.66
N MET A 660 -21.41 -36.21 16.58
CA MET A 660 -22.77 -35.78 16.28
C MET A 660 -22.90 -35.19 14.86
N LYS A 661 -23.96 -35.64 14.17
CA LYS A 661 -24.22 -35.23 12.78
C LYS A 661 -25.04 -33.94 12.66
N ASN A 662 -24.75 -33.18 11.58
CA ASN A 662 -25.56 -32.05 11.17
C ASN A 662 -25.76 -31.00 12.24
N VAL A 663 -24.66 -30.48 12.75
CA VAL A 663 -24.67 -29.60 13.91
C VAL A 663 -23.80 -28.34 13.69
N VAL A 664 -23.59 -27.96 12.43
CA VAL A 664 -22.80 -26.77 12.09
C VAL A 664 -23.57 -25.89 11.08
N PRO A 665 -24.48 -25.05 11.58
CA PRO A 665 -25.31 -24.24 10.70
C PRO A 665 -24.69 -22.93 10.30
N TYR A 666 -25.24 -22.39 9.21
CA TYR A 666 -25.00 -21.03 8.71
C TYR A 666 -26.22 -20.16 9.00
N ILE A 667 -26.05 -19.03 9.67
CA ILE A 667 -27.11 -18.02 9.81
C ILE A 667 -26.58 -16.63 9.49
N THR A 668 -27.49 -15.70 9.32
CA THR A 668 -27.14 -14.35 8.88
C THR A 668 -27.85 -13.31 9.73
N PHE A 669 -27.24 -12.15 9.82
CA PHE A 669 -27.78 -11.07 10.62
C PHE A 669 -27.69 -9.77 9.87
N LYS A 670 -28.62 -8.88 10.15
CA LYS A 670 -28.45 -7.50 9.83
C LYS A 670 -27.79 -6.85 11.04
N ILE A 671 -27.15 -5.71 10.81
CA ILE A 671 -26.62 -4.94 11.89
C ILE A 671 -27.74 -4.67 12.91
N GLU A 672 -28.93 -4.29 12.44
CA GLU A 672 -30.05 -3.97 13.35
C GLU A 672 -30.43 -5.14 14.25
N ASP A 673 -30.31 -6.36 13.73
CA ASP A 673 -30.49 -7.58 14.54
C ASP A 673 -29.44 -7.72 15.66
N LEU A 674 -28.18 -7.49 15.29
CA LEU A 674 -27.05 -7.57 16.20
C LEU A 674 -27.03 -6.48 17.28
N LYS A 675 -27.70 -5.36 17.03
CA LYS A 675 -27.91 -4.35 18.08
C LYS A 675 -28.80 -4.80 19.25
N LYS A 676 -29.63 -5.83 19.04
CA LYS A 676 -30.60 -6.27 20.05
C LYS A 676 -30.04 -7.41 20.91
N ASN A 677 -29.91 -7.03 22.19
CA ASN A 677 -29.71 -7.80 23.47
C ASN A 677 -28.79 -7.12 24.51
N ASN B 20 40.28 43.66 -39.63
CA ASN B 20 40.81 43.30 -38.26
C ASN B 20 41.63 41.98 -38.26
N THR B 21 42.94 42.10 -38.42
CA THR B 21 43.82 40.93 -38.47
C THR B 21 44.53 40.73 -37.10
N PRO B 22 44.78 39.47 -36.69
CA PRO B 22 45.58 39.26 -35.48
C PRO B 22 47.02 39.74 -35.61
N VAL B 23 47.52 40.40 -34.57
CA VAL B 23 48.95 40.73 -34.46
C VAL B 23 49.82 39.53 -34.01
N LEU B 24 49.17 38.54 -33.42
CA LEU B 24 49.84 37.31 -33.07
C LEU B 24 48.78 36.25 -32.97
N GLU B 25 49.11 35.07 -33.47
CA GLU B 25 48.25 33.89 -33.31
C GLU B 25 49.12 32.68 -33.05
N LYS B 26 48.79 31.91 -32.02
CA LYS B 26 49.56 30.73 -31.64
C LYS B 26 48.60 29.55 -31.49
N ASN B 27 49.15 28.33 -31.59
CA ASN B 27 48.37 27.10 -31.59
C ASN B 27 48.95 25.95 -30.82
N ASN B 28 48.04 25.11 -30.34
N ASN B 28 48.04 25.10 -30.35
CA ASN B 28 48.38 23.88 -29.60
CA ASN B 28 48.38 23.89 -29.61
C ASN B 28 49.59 24.05 -28.69
C ASN B 28 49.62 24.09 -28.72
N VAL B 29 49.50 25.06 -27.81
CA VAL B 29 50.53 25.37 -26.82
C VAL B 29 50.11 24.57 -25.59
N THR B 30 50.84 23.53 -25.24
CA THR B 30 50.47 22.74 -24.07
C THR B 30 51.35 23.16 -22.90
N LEU B 31 50.70 23.35 -21.76
CA LEU B 31 51.35 23.93 -20.61
C LEU B 31 50.94 23.21 -19.34
N THR B 32 51.89 23.18 -18.40
CA THR B 32 51.67 22.70 -17.06
C THR B 32 52.20 23.74 -16.10
N GLY B 33 51.56 24.91 -16.11
CA GLY B 33 51.93 25.98 -15.19
C GLY B 33 53.21 26.74 -15.46
N GLY B 34 54.02 26.34 -16.43
CA GLY B 34 55.32 27.01 -16.72
C GLY B 34 55.26 28.20 -17.69
N GLY B 35 54.20 28.23 -18.51
CA GLY B 35 53.96 29.36 -19.41
C GLY B 35 54.81 29.39 -20.67
N GLU B 36 54.64 30.43 -21.47
CA GLU B 36 55.46 30.60 -22.65
C GLU B 36 55.61 32.07 -22.94
N ASN B 37 56.86 32.50 -23.07
CA ASN B 37 57.19 33.87 -23.35
C ASN B 37 56.94 34.22 -24.82
N VAL B 38 56.10 35.24 -25.04
CA VAL B 38 55.87 35.79 -26.38
C VAL B 38 56.16 37.31 -26.42
N THR B 39 57.17 37.74 -25.66
CA THR B 39 57.49 39.16 -25.54
C THR B 39 57.94 39.71 -26.89
N LYS B 40 58.89 39.02 -27.49
CA LYS B 40 59.44 39.34 -28.83
C LYS B 40 58.30 39.62 -29.84
N GLU B 41 57.30 38.75 -29.78
CA GLU B 41 56.19 38.73 -30.72
C GLU B 41 55.19 39.87 -30.55
N LEU B 42 54.98 40.29 -29.30
CA LEU B 42 53.92 41.25 -28.95
C LEU B 42 54.37 42.65 -28.51
N LYS B 43 55.65 42.78 -28.16
CA LYS B 43 56.19 43.97 -27.57
C LYS B 43 55.91 45.29 -28.30
N ASP B 44 56.00 45.34 -29.63
CA ASP B 44 55.75 46.64 -30.29
C ASP B 44 54.51 46.59 -31.14
N LYS B 45 53.48 45.90 -30.66
CA LYS B 45 52.26 45.72 -31.46
C LYS B 45 51.08 46.59 -31.03
N PHE B 46 51.05 47.07 -29.79
CA PHE B 46 49.84 47.72 -29.24
C PHE B 46 49.89 49.26 -29.26
N THR B 47 49.59 49.84 -30.41
CA THR B 47 49.71 51.29 -30.58
C THR B 47 48.70 52.08 -29.74
N SER B 48 47.41 51.89 -29.95
CA SER B 48 46.39 52.57 -29.12
C SER B 48 46.50 52.20 -27.63
N GLY B 49 46.84 50.94 -27.37
CA GLY B 49 46.78 50.39 -26.04
C GLY B 49 45.58 49.47 -25.86
N ASP B 50 44.56 49.62 -26.71
CA ASP B 50 43.39 48.74 -26.63
C ASP B 50 43.71 47.35 -27.14
N PHE B 51 42.84 46.40 -26.78
CA PHE B 51 43.09 45.02 -27.15
C PHE B 51 41.86 44.15 -27.08
N THR B 52 41.96 43.06 -27.84
CA THR B 52 41.01 41.98 -27.80
C THR B 52 41.86 40.74 -27.81
N VAL B 53 41.51 39.77 -26.97
CA VAL B 53 42.21 38.50 -26.99
C VAL B 53 41.18 37.41 -26.98
N VAL B 54 41.34 36.45 -27.87
CA VAL B 54 40.41 35.32 -28.03
C VAL B 54 41.19 34.04 -27.82
N ILE B 55 40.72 33.26 -26.86
CA ILE B 55 41.39 32.06 -26.44
C ILE B 55 40.42 30.89 -26.47
N LYS B 56 40.79 29.92 -27.30
CA LYS B 56 40.18 28.60 -27.27
C LYS B 56 41.15 27.71 -26.51
N TYR B 57 40.66 27.13 -25.42
CA TYR B 57 41.51 26.37 -24.51
C TYR B 57 40.68 25.24 -23.89
N ASN B 58 41.40 24.25 -23.35
CA ASN B 58 40.84 23.32 -22.38
C ASN B 58 41.85 23.14 -21.25
N GLN B 59 41.33 22.99 -20.04
CA GLN B 59 42.17 22.76 -18.85
C GLN B 59 42.35 21.27 -18.56
N SER B 60 43.59 20.91 -18.27
CA SER B 60 43.95 19.57 -17.85
C SER B 60 43.82 19.47 -16.35
N SER B 61 43.78 20.61 -15.68
CA SER B 61 43.59 20.70 -14.23
C SER B 61 42.87 22.02 -13.93
N GLU B 62 41.78 21.95 -13.20
CA GLU B 62 41.00 23.15 -12.86
C GLU B 62 41.50 23.91 -11.61
N LYS B 63 42.39 23.31 -10.83
CA LYS B 63 42.69 23.81 -9.47
C LYS B 63 43.44 25.14 -9.50
N GLY B 64 43.12 26.00 -8.53
CA GLY B 64 43.80 27.29 -8.37
C GLY B 64 43.37 28.31 -9.39
N LEU B 65 44.01 29.46 -9.34
CA LEU B 65 43.68 30.57 -10.19
C LEU B 65 44.63 30.56 -11.37
N GLN B 66 44.10 30.54 -12.59
CA GLN B 66 44.92 30.36 -13.80
C GLN B 66 44.68 31.45 -14.85
N ALA B 67 45.76 32.13 -15.23
CA ALA B 67 45.75 33.16 -16.28
C ALA B 67 45.98 32.52 -17.66
N LEU B 68 45.12 32.88 -18.63
CA LEU B 68 45.27 32.37 -20.00
C LEU B 68 46.41 33.08 -20.69
N PHE B 69 46.57 34.36 -20.36
CA PHE B 69 47.72 35.17 -20.81
C PHE B 69 47.93 36.27 -19.78
N GLY B 70 49.10 36.88 -19.82
CA GLY B 70 49.46 37.95 -18.91
C GLY B 70 50.39 38.92 -19.59
N ILE B 71 50.05 40.19 -19.50
CA ILE B 71 50.87 41.26 -20.03
C ILE B 71 51.24 42.09 -18.83
N SER B 72 52.54 42.29 -18.60
CA SER B 72 53.00 42.85 -17.35
C SER B 72 54.32 43.57 -17.45
N ASN B 73 54.53 44.41 -16.44
CA ASN B 73 55.86 44.84 -16.01
C ASN B 73 56.39 43.74 -15.11
N SER B 74 57.47 43.08 -15.52
CA SER B 74 58.00 41.94 -14.78
C SER B 74 59.00 42.35 -13.72
N LYS B 75 59.36 43.63 -13.68
CA LYS B 75 60.51 44.07 -12.88
C LYS B 75 60.17 44.05 -11.38
N PRO B 76 61.19 43.87 -10.52
CA PRO B 76 60.92 43.93 -9.06
C PRO B 76 60.30 45.27 -8.64
N GLY B 77 59.35 45.21 -7.70
CA GLY B 77 58.56 46.38 -7.31
C GLY B 77 57.28 46.65 -8.10
N GLN B 78 57.11 45.98 -9.25
CA GLN B 78 56.02 46.25 -10.19
C GLN B 78 55.03 45.08 -10.37
N GLN B 79 54.79 44.33 -9.29
CA GLN B 79 53.99 43.07 -9.34
C GLN B 79 52.51 43.35 -9.49
N ASN B 80 52.07 44.57 -9.17
CA ASN B 80 50.70 45.00 -9.41
C ASN B 80 50.54 45.82 -10.69
N SER B 81 51.43 45.59 -11.66
CA SER B 81 51.34 46.23 -12.97
C SER B 81 51.16 45.17 -14.09
N TYR B 82 49.90 44.77 -14.30
CA TYR B 82 49.63 43.78 -15.32
C TYR B 82 48.19 43.79 -15.78
N VAL B 83 47.98 43.19 -16.96
CA VAL B 83 46.66 42.82 -17.48
C VAL B 83 46.61 41.29 -17.61
N ASP B 84 45.50 40.67 -17.24
CA ASP B 84 45.29 39.25 -17.51
C ASP B 84 43.83 38.89 -17.68
N VAL B 85 43.60 37.66 -18.11
CA VAL B 85 42.30 37.02 -18.11
C VAL B 85 42.48 35.68 -17.37
N PHE B 86 41.62 35.39 -16.41
CA PHE B 86 41.84 34.23 -15.55
C PHE B 86 40.63 33.33 -15.44
N LEU B 87 40.90 32.11 -15.02
CA LEU B 87 39.89 31.10 -14.74
C LEU B 87 40.05 30.66 -13.30
N ARG B 88 38.91 30.42 -12.64
CA ARG B 88 38.88 29.86 -11.28
C ARG B 88 38.42 28.40 -11.34
N ASP B 89 38.63 27.66 -10.27
CA ASP B 89 38.16 26.28 -10.19
C ASP B 89 36.62 26.11 -9.98
N ASN B 90 35.89 27.21 -9.83
CA ASN B 90 34.43 27.20 -9.88
C ASN B 90 33.83 27.63 -11.23
N GLY B 91 34.67 27.90 -12.24
CA GLY B 91 34.18 28.20 -13.59
C GLY B 91 33.97 29.66 -13.91
N GLU B 92 34.39 30.51 -12.98
CA GLU B 92 34.36 31.96 -13.15
C GLU B 92 35.42 32.37 -14.15
N LEU B 93 35.03 33.25 -15.06
CA LEU B 93 35.92 33.91 -15.99
C LEU B 93 36.06 35.36 -15.54
N GLY B 94 37.29 35.85 -15.41
CA GLY B 94 37.53 37.23 -15.08
C GLY B 94 38.73 37.79 -15.80
N MET B 95 38.98 39.08 -15.55
CA MET B 95 40.17 39.75 -16.01
C MET B 95 40.59 40.77 -14.96
N GLU B 96 41.89 41.00 -14.85
CA GLU B 96 42.42 42.15 -14.11
C GLU B 96 43.18 43.08 -15.03
N ALA B 97 43.19 44.35 -14.66
CA ALA B 97 44.06 45.37 -15.25
C ALA B 97 44.52 46.29 -14.12
N ARG B 98 45.82 46.26 -13.81
CA ARG B 98 46.36 46.92 -12.63
C ARG B 98 47.60 47.75 -12.96
N ASP B 99 47.78 48.85 -12.21
CA ASP B 99 49.00 49.62 -12.27
C ASP B 99 49.46 49.88 -10.83
N THR B 100 50.72 49.55 -10.57
CA THR B 100 51.30 49.60 -9.22
C THR B 100 51.42 51.03 -8.66
N SER B 101 52.11 51.90 -9.39
CA SER B 101 52.43 53.26 -8.92
C SER B 101 51.20 54.15 -8.70
N SER B 102 50.15 53.96 -9.51
CA SER B 102 48.88 54.69 -9.35
C SER B 102 47.87 53.97 -8.47
N ASN B 103 48.24 52.80 -7.95
CA ASN B 103 47.36 51.96 -7.16
C ASN B 103 45.94 51.74 -7.74
N LYS B 104 45.84 51.63 -9.07
CA LYS B 104 44.57 51.35 -9.76
C LYS B 104 44.47 49.84 -10.05
N ASN B 105 43.36 49.24 -9.64
CA ASN B 105 43.15 47.79 -9.69
C ASN B 105 41.76 47.48 -10.20
N ASN B 106 41.63 47.15 -11.47
CA ASN B 106 40.34 46.78 -12.06
C ASN B 106 40.16 45.26 -12.10
N LEU B 107 38.99 44.79 -11.66
CA LEU B 107 38.60 43.40 -11.75
C LEU B 107 37.20 43.36 -12.31
N VAL B 108 37.02 42.57 -13.35
CA VAL B 108 35.73 42.40 -14.01
C VAL B 108 35.61 40.90 -14.20
N SER B 109 34.48 40.32 -13.78
CA SER B 109 34.28 38.89 -13.93
C SER B 109 32.81 38.53 -14.01
N ARG B 110 32.54 37.27 -14.32
CA ARG B 110 31.26 36.69 -14.04
C ARG B 110 31.42 35.25 -13.66
N PRO B 111 30.72 34.83 -12.59
CA PRO B 111 30.66 33.43 -12.22
C PRO B 111 30.12 32.51 -13.32
N ALA B 112 30.49 31.23 -13.26
CA ALA B 112 29.83 30.18 -14.02
C ALA B 112 29.83 30.49 -15.52
N SER B 113 31.01 30.87 -16.01
CA SER B 113 31.21 31.32 -17.40
C SER B 113 31.72 30.21 -18.30
N VAL B 114 32.46 29.26 -17.75
CA VAL B 114 33.05 28.19 -18.53
C VAL B 114 32.69 26.80 -18.00
N TRP B 115 33.00 25.81 -18.84
CA TRP B 115 32.81 24.41 -18.51
C TRP B 115 34.17 23.83 -18.18
N GLY B 116 34.21 22.83 -17.29
CA GLY B 116 35.46 22.17 -16.91
C GLY B 116 35.69 20.88 -17.66
N LYS B 117 34.96 19.86 -17.21
CA LYS B 117 34.94 18.55 -17.88
C LYS B 117 33.52 18.11 -18.25
N TYR B 118 33.49 17.08 -19.09
CA TYR B 118 32.26 16.49 -19.63
C TYR B 118 32.55 15.07 -20.05
N LYS B 119 31.89 14.10 -19.42
CA LYS B 119 32.12 12.69 -19.73
C LYS B 119 33.63 12.34 -19.83
N GLN B 120 34.35 12.62 -18.76
CA GLN B 120 35.77 12.27 -18.63
C GLN B 120 36.75 13.14 -19.44
N GLU B 121 36.28 14.03 -20.33
CA GLU B 121 37.20 14.83 -21.19
C GLU B 121 37.21 16.30 -20.77
N ALA B 122 38.38 16.91 -20.77
CA ALA B 122 38.49 18.38 -20.70
C ALA B 122 37.64 19.06 -21.77
N VAL B 123 36.80 20.00 -21.38
CA VAL B 123 35.91 20.72 -22.31
C VAL B 123 36.63 21.86 -22.98
N THR B 124 36.49 21.96 -24.29
CA THR B 124 37.03 23.08 -25.05
C THR B 124 36.10 24.27 -24.85
N ASN B 125 36.63 25.36 -24.31
CA ASN B 125 35.88 26.60 -24.19
C ASN B 125 36.54 27.65 -25.05
N THR B 126 35.80 28.70 -25.36
CA THR B 126 36.35 29.82 -26.07
C THR B 126 35.90 31.03 -25.36
N VAL B 127 36.86 31.82 -24.94
CA VAL B 127 36.59 33.01 -24.15
C VAL B 127 37.35 34.17 -24.78
N ALA B 128 36.90 35.37 -24.50
CA ALA B 128 37.53 36.56 -25.05
C ALA B 128 37.40 37.72 -24.11
N VAL B 129 38.30 38.69 -24.30
CA VAL B 129 38.28 39.95 -23.54
C VAL B 129 38.41 41.08 -24.54
N VAL B 130 37.69 42.17 -24.26
CA VAL B 130 37.79 43.40 -25.01
C VAL B 130 37.97 44.58 -24.06
N ALA B 131 39.02 45.36 -24.31
CA ALA B 131 39.29 46.59 -23.58
C ALA B 131 39.15 47.75 -24.56
N ASP B 132 38.24 48.68 -24.24
CA ASP B 132 37.89 49.79 -25.12
C ASP B 132 38.06 51.13 -24.38
N SER B 133 39.15 51.84 -24.69
CA SER B 133 39.46 53.17 -24.10
C SER B 133 38.40 54.25 -24.28
N VAL B 134 37.70 54.20 -25.40
CA VAL B 134 36.66 55.19 -25.70
C VAL B 134 35.53 55.03 -24.68
N LYS B 135 34.92 53.85 -24.69
CA LYS B 135 33.81 53.53 -23.77
C LYS B 135 34.25 53.30 -22.32
N LYS B 136 35.54 53.14 -22.10
CA LYS B 136 36.12 52.76 -20.80
C LYS B 136 35.51 51.48 -20.24
N THR B 137 35.26 50.50 -21.12
CA THR B 137 34.67 49.23 -20.72
C THR B 137 35.63 48.07 -20.94
N TYR B 138 35.54 47.11 -20.02
CA TYR B 138 36.07 45.76 -20.20
C TYR B 138 34.89 44.86 -20.45
N SER B 139 35.01 44.00 -21.46
CA SER B 139 33.99 43.00 -21.78
C SER B 139 34.61 41.63 -21.82
N LEU B 140 33.85 40.65 -21.32
CA LEU B 140 34.24 39.25 -21.32
C LEU B 140 33.19 38.41 -22.02
N TYR B 141 33.67 37.52 -22.88
CA TYR B 141 32.81 36.59 -23.58
C TYR B 141 33.27 35.20 -23.23
N ALA B 142 32.31 34.31 -23.14
CA ALA B 142 32.53 32.87 -23.05
C ALA B 142 31.51 32.15 -23.91
N ASN B 143 32.00 31.34 -24.85
CA ASN B 143 31.17 30.33 -25.56
C ASN B 143 29.94 30.90 -26.26
N GLY B 144 30.11 32.10 -26.85
CA GLY B 144 29.05 32.78 -27.59
C GLY B 144 28.31 33.86 -26.84
N THR B 145 28.43 33.90 -25.52
CA THR B 145 27.70 34.87 -24.69
C THR B 145 28.65 35.97 -24.18
N LYS B 146 28.21 37.23 -24.21
CA LYS B 146 28.93 38.27 -23.51
C LYS B 146 28.55 38.18 -22.02
N VAL B 147 29.44 37.60 -21.23
CA VAL B 147 29.13 37.32 -19.84
C VAL B 147 29.17 38.57 -18.97
N VAL B 148 29.99 39.54 -19.33
CA VAL B 148 29.97 40.80 -18.60
C VAL B 148 30.57 41.92 -19.44
N GLU B 149 30.02 43.12 -19.29
CA GLU B 149 30.57 44.36 -19.81
C GLU B 149 30.46 45.42 -18.72
N LYS B 150 31.60 45.98 -18.28
CA LYS B 150 31.63 46.91 -17.15
C LYS B 150 32.37 48.20 -17.51
N LYS B 151 31.69 49.34 -17.41
CA LYS B 151 32.35 50.63 -17.45
C LYS B 151 33.10 50.82 -16.14
N VAL B 152 34.36 51.24 -16.22
CA VAL B 152 35.13 51.56 -15.00
C VAL B 152 35.74 52.98 -15.12
N ASP B 153 35.78 53.69 -14.00
CA ASP B 153 36.31 55.05 -13.94
C ASP B 153 37.85 55.06 -13.99
N ASN B 154 38.49 54.13 -13.31
CA ASN B 154 39.96 53.98 -13.38
C ASN B 154 40.44 53.07 -14.50
N PHE B 155 39.99 53.35 -15.71
CA PHE B 155 40.25 52.47 -16.83
C PHE B 155 41.74 52.43 -17.15
N LEU B 156 42.23 51.23 -17.38
CA LEU B 156 43.62 50.99 -17.78
C LEU B 156 43.63 50.12 -19.01
N ASN B 157 44.33 50.58 -20.04
CA ASN B 157 44.77 49.69 -21.11
C ASN B 157 46.29 49.47 -20.99
N ILE B 158 46.87 48.82 -21.99
CA ILE B 158 48.25 48.34 -21.89
C ILE B 158 49.23 49.49 -21.83
N LYS B 159 48.96 50.55 -22.57
CA LYS B 159 49.82 51.75 -22.53
C LYS B 159 49.68 52.55 -21.24
N ASP B 160 48.50 52.52 -20.62
CA ASP B 160 48.28 53.19 -19.33
C ASP B 160 49.09 52.60 -18.16
N ILE B 161 49.46 51.32 -18.25
CA ILE B 161 50.22 50.65 -17.19
C ILE B 161 51.71 50.85 -17.45
N LYS B 162 52.43 51.32 -16.44
CA LYS B 162 53.81 51.77 -16.65
C LYS B 162 54.83 50.67 -16.77
N GLY B 163 55.66 50.77 -17.80
CA GLY B 163 56.82 49.94 -17.96
C GLY B 163 56.53 48.49 -18.30
N ILE B 164 55.50 48.25 -19.10
CA ILE B 164 55.17 46.92 -19.59
C ILE B 164 56.34 46.47 -20.48
N ASP B 165 56.90 45.30 -20.14
CA ASP B 165 58.05 44.71 -20.85
C ASP B 165 57.99 43.17 -21.00
N TYR B 166 56.83 42.58 -20.71
CA TYR B 166 56.67 41.13 -20.67
C TYR B 166 55.26 40.70 -21.07
N TYR B 167 55.19 39.80 -22.07
CA TYR B 167 53.95 39.28 -22.61
C TYR B 167 54.08 37.78 -22.60
N MET B 168 53.08 37.14 -22.05
CA MET B 168 53.17 35.76 -21.66
C MET B 168 51.90 35.00 -21.99
N LEU B 169 52.06 33.75 -22.41
CA LEU B 169 50.94 32.80 -22.50
C LEU B 169 50.93 31.91 -21.27
N GLY B 170 49.74 31.68 -20.75
CA GLY B 170 49.55 30.78 -19.63
C GLY B 170 50.08 31.24 -18.28
N GLY B 171 50.26 32.55 -18.10
CA GLY B 171 50.61 33.10 -16.82
C GLY B 171 50.82 34.59 -16.81
N VAL B 172 51.25 35.12 -15.66
CA VAL B 172 51.61 36.54 -15.54
C VAL B 172 52.97 36.61 -14.85
N LYS B 173 53.92 37.29 -15.49
CA LYS B 173 55.23 37.47 -14.88
C LYS B 173 55.19 38.65 -13.88
N ARG B 174 55.34 38.32 -12.60
CA ARG B 174 55.40 39.29 -11.49
C ARG B 174 56.70 39.13 -10.77
N ALA B 175 57.53 40.16 -10.81
CA ALA B 175 58.83 40.16 -10.15
C ALA B 175 59.73 39.00 -10.64
N GLY B 176 59.79 38.80 -11.95
CA GLY B 176 60.59 37.75 -12.59
C GLY B 176 60.13 36.32 -12.34
N LYS B 177 58.90 36.13 -11.85
CA LYS B 177 58.37 34.80 -11.50
C LYS B 177 57.01 34.57 -12.12
N THR B 178 56.74 33.34 -12.54
CA THR B 178 55.49 33.03 -13.21
C THR B 178 54.36 32.89 -12.20
N ALA B 179 53.32 33.71 -12.32
CA ALA B 179 52.14 33.64 -11.46
C ALA B 179 50.89 33.20 -12.22
N PHE B 180 49.96 32.61 -11.48
CA PHE B 180 48.68 32.14 -12.01
C PHE B 180 48.88 31.18 -13.18
N GLY B 181 49.78 30.22 -12.99
CA GLY B 181 50.21 29.32 -14.06
C GLY B 181 49.09 28.44 -14.58
N PHE B 182 48.79 28.54 -15.89
CA PHE B 182 47.72 27.77 -16.56
C PHE B 182 48.13 26.31 -16.82
N ASN B 183 47.17 25.41 -16.60
CA ASN B 183 47.36 23.97 -16.84
C ASN B 183 46.38 23.46 -17.85
N GLY B 184 46.88 23.20 -19.06
CA GLY B 184 46.06 22.75 -20.15
C GLY B 184 46.70 23.10 -21.47
N THR B 185 45.85 23.22 -22.48
CA THR B 185 46.26 23.46 -23.83
C THR B 185 45.53 24.68 -24.32
N LEU B 186 46.30 25.69 -24.69
CA LEU B 186 45.77 26.80 -25.48
C LEU B 186 45.70 26.34 -26.93
N GLU B 187 44.50 26.01 -27.38
CA GLU B 187 44.30 25.44 -28.72
C GLU B 187 44.55 26.48 -29.80
N ASN B 188 43.91 27.64 -29.61
CA ASN B 188 44.16 28.83 -30.41
C ASN B 188 44.10 30.07 -29.54
N ILE B 189 45.05 30.99 -29.70
CA ILE B 189 44.98 32.31 -29.06
C ILE B 189 45.31 33.43 -30.02
N LYS B 190 44.42 34.42 -30.10
CA LYS B 190 44.56 35.53 -31.03
C LYS B 190 44.60 36.84 -30.29
N PHE B 191 45.65 37.62 -30.52
CA PHE B 191 45.80 38.97 -29.99
C PHE B 191 45.54 39.95 -31.12
N PHE B 192 44.60 40.86 -30.87
CA PHE B 192 44.32 42.01 -31.72
C PHE B 192 44.65 43.24 -30.90
N ASN B 193 45.15 44.26 -31.59
CA ASN B 193 45.52 45.54 -30.99
C ASN B 193 44.42 46.59 -31.10
N SER B 194 43.16 46.14 -31.14
CA SER B 194 42.03 47.03 -31.02
C SER B 194 40.84 46.29 -30.41
N ALA B 195 39.84 47.08 -30.03
CA ALA B 195 38.59 46.58 -29.49
C ALA B 195 37.72 46.05 -30.61
N LEU B 196 37.47 44.75 -30.64
CA LEU B 196 36.56 44.17 -31.65
C LEU B 196 35.12 44.34 -31.17
N ASP B 197 34.19 44.44 -32.13
CA ASP B 197 32.80 44.75 -31.82
C ASP B 197 32.06 43.54 -31.25
N GLU B 198 31.01 43.84 -30.50
CA GLU B 198 30.31 42.82 -29.73
C GLU B 198 29.95 41.56 -30.53
N GLU B 199 29.32 41.72 -31.69
CA GLU B 199 28.83 40.54 -32.47
C GLU B 199 29.95 39.72 -33.13
N THR B 200 31.05 40.37 -33.51
CA THR B 200 32.23 39.63 -34.02
C THR B 200 32.78 38.65 -32.97
N VAL B 201 32.87 39.10 -31.73
CA VAL B 201 33.45 38.29 -30.67
C VAL B 201 32.46 37.24 -30.16
N LYS B 202 31.17 37.56 -30.09
CA LYS B 202 30.16 36.51 -29.87
C LYS B 202 30.30 35.36 -30.88
N LYS B 203 30.42 35.67 -32.17
CA LYS B 203 30.60 34.62 -33.19
C LYS B 203 31.91 33.85 -33.04
N MET B 204 32.99 34.54 -32.73
CA MET B 204 34.30 33.87 -32.57
C MET B 204 34.35 32.87 -31.41
N THR B 205 33.60 33.16 -30.35
CA THR B 205 33.58 32.29 -29.15
C THR B 205 32.54 31.14 -29.21
N THR B 206 31.63 31.22 -30.19
CA THR B 206 30.65 30.18 -30.48
C THR B 206 31.33 28.84 -30.69
N ASN B 207 30.83 27.81 -30.01
CA ASN B 207 31.43 26.47 -30.10
C ASN B 207 30.38 25.42 -29.70
N ALA B 208 30.79 24.16 -29.57
CA ALA B 208 29.90 23.09 -29.10
C ALA B 208 29.17 23.35 -27.75
N VAL B 209 29.76 24.13 -26.83
CA VAL B 209 29.08 24.41 -25.53
C VAL B 209 27.81 25.21 -25.80
N THR B 210 27.90 26.10 -26.81
CA THR B 210 26.80 27.01 -27.17
C THR B 210 25.48 26.30 -27.59
N GLY B 211 25.63 25.15 -28.24
CA GLY B 211 24.50 24.35 -28.67
C GLY B 211 23.85 23.54 -27.58
N HIS B 212 24.35 23.58 -26.35
CA HIS B 212 23.66 22.86 -25.28
C HIS B 212 22.52 23.65 -24.63
N LEU B 213 22.21 24.82 -25.16
CA LEU B 213 21.08 25.62 -24.67
C LEU B 213 19.78 25.36 -25.45
N ILE B 214 18.71 24.99 -24.74
CA ILE B 214 17.36 24.89 -25.34
C ILE B 214 16.68 26.28 -25.29
N TYR B 215 16.87 26.98 -24.19
CA TYR B 215 16.33 28.32 -23.98
C TYR B 215 17.54 29.22 -23.87
N THR B 216 17.50 30.37 -24.55
CA THR B 216 18.59 31.30 -24.55
C THR B 216 18.04 32.71 -24.30
N ALA B 217 18.90 33.57 -23.78
CA ALA B 217 18.49 34.91 -23.43
C ALA B 217 17.97 35.63 -24.68
N ASN B 218 16.82 36.27 -24.52
CA ASN B 218 16.13 37.04 -25.55
C ASN B 218 15.80 36.22 -26.75
N ASP B 219 15.51 34.94 -26.54
CA ASP B 219 14.98 34.09 -27.60
C ASP B 219 13.47 34.45 -27.83
N THR B 220 12.67 33.50 -28.34
CA THR B 220 11.26 33.70 -28.63
C THR B 220 10.43 34.03 -27.42
N THR B 221 10.85 33.56 -26.26
CA THR B 221 10.18 33.92 -25.02
C THR B 221 10.26 35.41 -24.69
N GLY B 222 11.25 36.12 -25.22
CA GLY B 222 11.51 37.49 -24.80
C GLY B 222 12.22 37.64 -23.45
N SER B 223 12.51 36.52 -22.78
CA SER B 223 13.11 36.53 -21.43
C SER B 223 14.61 36.46 -21.54
N ASN B 224 15.31 37.32 -20.76
CA ASN B 224 16.76 37.20 -20.62
C ASN B 224 17.20 36.11 -19.67
N TYR B 225 16.28 35.59 -18.84
CA TYR B 225 16.62 34.64 -17.76
C TYR B 225 15.66 33.49 -17.65
N PHE B 226 16.21 32.40 -17.13
CA PHE B 226 15.49 31.17 -16.92
C PHE B 226 15.95 30.52 -15.65
N ARG B 227 15.04 29.82 -15.01
CA ARG B 227 15.33 28.91 -13.92
C ARG B 227 14.31 27.76 -13.92
N ILE B 228 14.57 26.73 -13.11
CA ILE B 228 13.60 25.66 -12.83
C ILE B 228 13.23 24.86 -14.10
N PRO B 229 14.21 24.16 -14.66
CA PRO B 229 14.00 23.34 -15.82
C PRO B 229 13.30 22.06 -15.48
N VAL B 230 12.51 21.57 -16.43
CA VAL B 230 11.82 20.30 -16.34
C VAL B 230 11.89 19.60 -17.69
N LEU B 231 12.28 18.31 -17.66
CA LEU B 231 12.26 17.40 -18.80
C LEU B 231 11.27 16.25 -18.54
N TYR B 232 10.59 15.83 -19.61
CA TYR B 232 9.67 14.67 -19.55
C TYR B 232 9.57 13.99 -20.93
N THR B 233 9.53 12.66 -20.96
CA THR B 233 9.42 11.96 -22.26
C THR B 233 8.04 11.40 -22.36
N PHE B 234 7.36 11.72 -23.46
CA PHE B 234 6.01 11.24 -23.69
C PHE B 234 6.05 9.89 -24.34
N SER B 235 4.89 9.22 -24.29
CA SER B 235 4.73 7.85 -24.73
C SER B 235 4.90 7.73 -26.24
N ASN B 236 4.56 8.78 -26.98
CA ASN B 236 4.81 8.82 -28.43
C ASN B 236 6.30 9.01 -28.80
N GLY B 237 7.18 9.20 -27.82
CA GLY B 237 8.62 9.39 -28.08
C GLY B 237 9.08 10.83 -28.18
N ARG B 238 8.16 11.77 -28.00
CA ARG B 238 8.53 13.18 -27.84
C ARG B 238 9.13 13.43 -26.46
N VAL B 239 10.19 14.24 -26.46
CA VAL B 239 10.86 14.74 -25.27
C VAL B 239 10.44 16.18 -25.11
N PHE B 240 9.83 16.46 -23.97
CA PHE B 240 9.24 17.73 -23.68
C PHE B 240 9.98 18.44 -22.55
N SER B 241 10.23 19.75 -22.74
CA SER B 241 10.78 20.59 -21.65
C SER B 241 9.81 21.69 -21.26
N SER B 242 9.78 21.99 -19.97
CA SER B 242 9.25 23.27 -19.49
C SER B 242 10.26 23.95 -18.59
N ILE B 243 10.02 25.23 -18.34
CA ILE B 243 10.97 26.07 -17.65
C ILE B 243 10.36 27.42 -17.21
N ASP B 244 10.88 27.95 -16.11
CA ASP B 244 10.60 29.32 -15.74
C ASP B 244 11.35 30.33 -16.68
N ALA B 245 10.58 31.13 -17.43
CA ALA B 245 11.04 32.32 -18.11
C ALA B 245 10.84 33.47 -17.14
N ARG B 246 11.94 33.88 -16.54
CA ARG B 246 11.92 34.89 -15.50
C ARG B 246 12.53 36.18 -16.04
N TYR B 247 11.69 37.20 -16.16
CA TYR B 247 12.01 38.35 -16.99
C TYR B 247 12.78 39.41 -16.24
N GLY B 248 12.50 39.58 -14.95
CA GLY B 248 13.15 40.61 -14.12
C GLY B 248 14.29 40.05 -13.30
N GLY B 249 15.28 39.51 -13.99
CA GLY B 249 16.34 38.74 -13.33
C GLY B 249 15.79 37.39 -12.89
N THR B 250 16.57 36.66 -12.08
CA THR B 250 16.27 35.29 -11.61
C THR B 250 15.59 35.24 -10.24
N HIS B 251 15.22 36.39 -9.66
CA HIS B 251 14.46 36.38 -8.41
C HIS B 251 13.24 35.42 -8.48
N ASP B 252 13.11 34.62 -7.44
CA ASP B 252 11.83 33.94 -7.20
C ASP B 252 10.68 34.92 -7.06
N PHE B 253 10.92 36.00 -6.32
CA PHE B 253 9.91 37.03 -6.17
C PHE B 253 10.61 38.28 -5.74
N LEU B 254 10.02 39.44 -5.91
CA LEU B 254 8.90 39.66 -6.79
C LEU B 254 9.50 39.63 -8.18
N ASN B 255 8.72 39.25 -9.17
CA ASN B 255 9.24 39.09 -10.53
C ASN B 255 8.08 38.92 -11.48
N LYS B 256 8.38 38.92 -12.78
CA LYS B 256 7.44 38.54 -13.82
C LYS B 256 7.92 37.22 -14.39
N ILE B 257 7.13 36.16 -14.18
CA ILE B 257 7.46 34.83 -14.64
C ILE B 257 6.29 34.18 -15.43
N ASN B 258 6.66 33.66 -16.62
CA ASN B 258 5.87 32.81 -17.51
C ASN B 258 6.48 31.43 -17.54
N ILE B 259 5.67 30.41 -17.79
CA ILE B 259 6.21 29.08 -18.05
C ILE B 259 6.34 28.94 -19.55
N ALA B 260 7.53 28.59 -20.03
CA ALA B 260 7.78 28.32 -21.45
C ALA B 260 8.02 26.86 -21.65
N THR B 261 7.86 26.42 -22.90
CA THR B 261 8.01 25.04 -23.30
C THR B 261 8.74 24.93 -24.62
N SER B 262 9.28 23.74 -24.87
CA SER B 262 9.99 23.43 -26.08
C SER B 262 10.17 21.93 -26.12
N TYR B 263 10.19 21.35 -27.30
CA TYR B 263 10.25 19.90 -27.40
C TYR B 263 11.15 19.43 -28.53
N SER B 264 11.48 18.15 -28.48
CA SER B 264 12.34 17.52 -29.45
C SER B 264 11.70 16.23 -29.93
N ASP B 265 11.57 16.09 -31.26
CA ASP B 265 11.11 14.83 -31.81
C ASP B 265 12.23 13.95 -32.33
N ASP B 266 13.47 14.20 -31.93
CA ASP B 266 14.54 13.36 -32.36
C ASP B 266 15.48 13.00 -31.24
N ASN B 267 14.94 12.48 -30.14
CA ASN B 267 15.77 12.14 -28.98
C ASN B 267 16.65 13.29 -28.45
N GLY B 268 16.15 14.51 -28.53
CA GLY B 268 16.88 15.65 -27.99
C GLY B 268 17.93 16.31 -28.85
N LYS B 269 18.22 15.78 -30.03
CA LYS B 269 19.26 16.39 -30.89
C LYS B 269 18.87 17.85 -31.24
N THR B 270 17.59 18.05 -31.58
CA THR B 270 17.08 19.36 -31.98
C THR B 270 15.76 19.63 -31.28
N TRP B 271 15.57 20.92 -30.97
CA TRP B 271 14.48 21.37 -30.12
C TRP B 271 13.78 22.49 -30.78
N THR B 272 12.45 22.52 -30.59
CA THR B 272 11.62 23.63 -31.11
C THR B 272 11.95 24.93 -30.42
N LYS B 273 11.68 26.01 -31.14
CA LYS B 273 11.90 27.33 -30.62
C LYS B 273 10.84 27.56 -29.49
N PRO B 274 11.27 28.05 -28.32
CA PRO B 274 10.35 28.06 -27.18
C PRO B 274 9.07 28.84 -27.36
N LYS B 275 8.00 28.33 -26.76
CA LYS B 275 6.66 28.96 -26.76
C LYS B 275 6.30 29.32 -25.31
N LEU B 276 5.50 30.35 -25.16
CA LEU B 276 4.86 30.66 -23.90
C LEU B 276 3.63 29.79 -23.74
N THR B 277 3.54 29.12 -22.61
CA THR B 277 2.52 28.15 -22.38
C THR B 277 1.67 28.61 -21.24
N LEU B 278 2.27 29.12 -20.16
CA LEU B 278 1.52 29.80 -19.10
C LEU B 278 2.03 31.20 -18.88
N ALA B 279 1.14 32.18 -19.06
CA ALA B 279 1.59 33.58 -19.03
C ALA B 279 0.45 34.60 -18.86
N PHE B 280 0.76 35.68 -18.16
CA PHE B 280 -0.10 36.82 -17.99
C PHE B 280 0.57 37.93 -18.81
N ASP B 281 -0.21 38.96 -19.14
CA ASP B 281 0.26 40.10 -19.93
C ASP B 281 0.00 41.50 -19.28
N ASP B 282 -0.20 41.53 -17.95
CA ASP B 282 -0.12 42.79 -17.20
C ASP B 282 1.23 43.48 -17.44
N PHE B 283 2.26 42.65 -17.67
CA PHE B 283 3.57 43.05 -18.21
C PHE B 283 3.84 42.24 -19.46
N ALA B 284 4.44 42.88 -20.48
CA ALA B 284 4.78 42.22 -21.75
C ALA B 284 5.97 41.29 -21.56
N PRO B 285 6.08 40.22 -22.38
CA PRO B 285 7.25 39.32 -22.31
C PRO B 285 8.46 39.89 -23.09
N VAL B 286 9.22 40.76 -22.39
CA VAL B 286 10.32 41.53 -23.02
C VAL B 286 11.63 41.47 -22.27
N PRO B 287 12.75 41.61 -23.01
CA PRO B 287 14.06 41.42 -22.37
C PRO B 287 14.41 42.61 -21.51
N LEU B 288 14.91 42.37 -20.30
CA LEU B 288 15.39 43.46 -19.42
C LEU B 288 16.80 43.18 -18.99
N GLU B 289 17.61 44.23 -18.94
CA GLU B 289 19.00 44.04 -18.56
C GLU B 289 19.14 44.19 -17.05
N TRP B 290 19.13 43.06 -16.31
CA TRP B 290 18.92 43.14 -14.88
C TRP B 290 20.25 43.38 -14.22
N PRO B 291 20.34 44.39 -13.35
CA PRO B 291 21.69 44.77 -12.83
C PRO B 291 22.23 43.71 -11.89
N ARG B 292 23.49 43.33 -12.05
CA ARG B 292 24.14 42.33 -11.21
C ARG B 292 24.97 42.93 -10.08
N GLU B 293 25.16 44.25 -10.06
CA GLU B 293 26.02 44.89 -9.03
C GLU B 293 25.31 44.83 -7.69
N VAL B 294 26.09 45.00 -6.64
CA VAL B 294 25.60 44.76 -5.26
C VAL B 294 24.40 45.64 -5.01
N GLY B 295 24.54 46.90 -5.45
CA GLY B 295 23.57 47.95 -5.22
C GLY B 295 22.36 47.99 -6.14
N GLY B 296 22.34 47.10 -7.14
CA GLY B 296 21.17 46.90 -8.00
C GLY B 296 20.52 45.53 -7.98
N ARG B 297 21.31 44.48 -7.72
CA ARG B 297 20.79 43.11 -7.85
C ARG B 297 19.61 42.72 -6.93
N ASP B 298 19.35 43.48 -5.88
CA ASP B 298 18.22 43.22 -5.00
C ASP B 298 16.92 43.84 -5.54
N LEU B 299 17.05 44.80 -6.47
CA LEU B 299 15.88 45.27 -7.20
C LEU B 299 15.07 44.13 -7.83
N GLN B 300 13.77 44.41 -7.87
CA GLN B 300 12.75 43.51 -8.32
C GLN B 300 11.73 44.26 -9.14
N ILE B 301 11.09 43.51 -10.04
CA ILE B 301 9.82 43.92 -10.67
C ILE B 301 8.73 43.73 -9.58
N SER B 302 8.17 44.84 -9.13
CA SER B 302 7.25 44.83 -8.00
C SER B 302 5.95 44.08 -8.22
N GLY B 303 5.36 44.21 -9.39
CA GLY B 303 3.90 44.09 -9.48
C GLY B 303 3.32 43.25 -10.57
N GLY B 304 3.87 42.05 -10.78
CA GLY B 304 3.53 41.24 -11.98
C GLY B 304 3.01 39.83 -11.70
N ALA B 305 1.81 39.53 -12.16
CA ALA B 305 1.23 38.18 -11.94
C ALA B 305 2.08 37.10 -12.63
N THR B 306 2.13 35.95 -11.98
CA THR B 306 3.21 35.02 -12.18
C THR B 306 2.75 33.59 -12.14
N TYR B 307 3.28 32.79 -13.07
CA TYR B 307 3.29 31.35 -12.94
C TYR B 307 4.72 31.02 -12.60
N ILE B 308 4.91 30.12 -11.65
CA ILE B 308 6.23 29.68 -11.26
C ILE B 308 6.19 28.18 -10.91
N ASP B 309 7.29 27.46 -11.16
CA ASP B 309 7.51 26.06 -10.66
C ASP B 309 6.57 25.00 -11.30
N SER B 310 6.96 24.55 -12.49
CA SER B 310 6.15 23.64 -13.31
C SER B 310 6.32 22.17 -12.90
N VAL B 311 5.23 21.41 -13.03
CA VAL B 311 5.24 19.97 -12.83
C VAL B 311 4.50 19.38 -13.99
N ILE B 312 5.07 18.31 -14.57
CA ILE B 312 4.52 17.62 -15.73
C ILE B 312 4.17 16.13 -15.43
N VAL B 313 3.04 15.66 -15.94
CA VAL B 313 2.78 14.22 -15.95
C VAL B 313 1.92 13.84 -17.18
N GLU B 314 2.19 12.65 -17.73
CA GLU B 314 1.37 12.07 -18.79
C GLU B 314 0.41 11.04 -18.21
N LYS B 315 -0.88 11.24 -18.43
CA LYS B 315 -1.89 10.24 -18.07
C LYS B 315 -1.78 8.93 -18.85
N LYS B 316 -2.50 7.93 -18.36
CA LYS B 316 -2.55 6.61 -18.97
C LYS B 316 -3.25 6.68 -20.35
N ASN B 317 -4.25 7.57 -20.49
CA ASN B 317 -4.88 7.85 -21.79
C ASN B 317 -4.10 8.75 -22.76
N LYS B 318 -2.82 9.04 -22.45
CA LYS B 318 -1.89 9.88 -23.25
C LYS B 318 -2.14 11.38 -23.20
N GLN B 319 -3.18 11.82 -22.51
CA GLN B 319 -3.37 13.23 -22.23
C GLN B 319 -2.25 13.71 -21.26
N VAL B 320 -1.79 14.95 -21.41
CA VAL B 320 -0.66 15.45 -20.65
C VAL B 320 -1.16 16.52 -19.72
N LEU B 321 -0.67 16.50 -18.49
CA LEU B 321 -0.92 17.56 -17.55
C LEU B 321 0.32 18.33 -17.22
N MET B 322 0.07 19.61 -16.95
CA MET B 322 1.07 20.51 -16.40
C MET B 322 0.44 21.42 -15.36
N PHE B 323 1.12 21.45 -14.21
CA PHE B 323 0.72 22.23 -13.02
C PHE B 323 1.67 23.42 -12.86
N ALA B 324 1.21 24.47 -12.22
CA ALA B 324 2.10 25.56 -11.87
C ALA B 324 1.55 26.39 -10.72
N ASP B 325 2.46 27.04 -9.98
CA ASP B 325 2.06 27.92 -8.92
C ASP B 325 1.60 29.19 -9.63
N VAL B 326 0.56 29.79 -9.08
CA VAL B 326 0.01 31.03 -9.60
C VAL B 326 0.09 32.04 -8.48
N MET B 327 0.68 33.18 -8.80
CA MET B 327 0.88 34.27 -7.85
C MET B 327 0.32 35.53 -8.42
N PRO B 328 -0.64 36.15 -7.75
CA PRO B 328 -1.13 37.41 -8.24
C PRO B 328 -0.10 38.47 -8.03
N ALA B 329 -0.26 39.56 -8.79
CA ALA B 329 0.72 40.64 -8.88
C ALA B 329 0.86 41.27 -7.53
N GLY B 330 2.10 41.65 -7.19
CA GLY B 330 2.42 42.23 -5.87
C GLY B 330 2.60 41.23 -4.73
N VAL B 331 2.15 39.97 -4.93
CA VAL B 331 2.02 38.99 -3.85
C VAL B 331 3.29 38.16 -3.68
N SER B 332 4.11 38.60 -2.71
CA SER B 332 5.35 37.90 -2.32
C SER B 332 4.95 36.60 -1.63
N PHE B 333 5.57 35.48 -2.01
CA PHE B 333 5.38 34.19 -1.30
C PHE B 333 5.75 34.22 0.22
N ARG B 334 6.09 35.42 0.73
CA ARG B 334 6.22 35.77 2.17
C ARG B 334 5.27 36.89 2.67
N GLU B 335 4.47 37.46 1.78
CA GLU B 335 3.40 38.42 2.10
C GLU B 335 2.02 37.82 1.86
N ALA B 336 1.95 36.83 0.98
CA ALA B 336 0.79 35.98 0.78
C ALA B 336 0.20 35.46 2.08
N THR B 337 -1.04 35.85 2.39
CA THR B 337 -1.75 35.28 3.54
C THR B 337 -1.84 33.74 3.52
N ARG B 338 -1.62 33.17 4.68
CA ARG B 338 -1.46 31.72 4.90
C ARG B 338 -2.70 31.05 5.51
N LYS B 339 -3.70 31.85 5.87
CA LYS B 339 -4.91 31.35 6.50
C LYS B 339 -6.15 31.72 5.68
N ASP B 340 -5.99 31.71 4.36
CA ASP B 340 -7.10 31.88 3.45
C ASP B 340 -6.81 31.17 2.13
N SER B 341 -7.72 30.26 1.76
CA SER B 341 -7.59 29.53 0.52
C SER B 341 -7.90 30.39 -0.70
N GLY B 342 -8.73 31.42 -0.55
CA GLY B 342 -9.20 32.21 -1.68
C GLY B 342 -10.56 31.75 -2.16
N TYR B 343 -11.12 30.73 -1.48
CA TYR B 343 -12.38 30.06 -1.82
C TYR B 343 -13.42 30.19 -0.70
N LYS B 344 -14.70 30.20 -1.07
CA LYS B 344 -15.84 30.11 -0.15
C LYS B 344 -16.53 28.78 -0.41
N GLN B 345 -17.21 28.25 0.61
CA GLN B 345 -18.12 27.10 0.45
C GLN B 345 -19.57 27.54 0.52
N ILE B 346 -20.29 27.35 -0.57
CA ILE B 346 -21.70 27.74 -0.68
C ILE B 346 -22.49 26.49 -1.14
N ASP B 347 -23.41 26.01 -0.30
CA ASP B 347 -24.23 24.82 -0.61
C ASP B 347 -23.37 23.66 -1.08
N GLY B 348 -22.29 23.40 -0.36
CA GLY B 348 -21.38 22.28 -0.68
C GLY B 348 -20.46 22.40 -1.88
N ASN B 349 -20.48 23.52 -2.59
CA ASN B 349 -19.56 23.74 -3.68
C ASN B 349 -18.46 24.74 -3.30
N TYR B 350 -17.33 24.68 -4.01
CA TYR B 350 -16.24 25.61 -3.82
C TYR B 350 -16.21 26.65 -4.92
N TYR B 351 -16.18 27.93 -4.53
CA TYR B 351 -16.14 29.06 -5.45
C TYR B 351 -15.06 30.06 -5.01
N LEU B 352 -14.25 30.49 -5.96
CA LEU B 352 -13.16 31.45 -5.71
C LEU B 352 -13.71 32.84 -5.36
N LYS B 353 -13.22 33.42 -4.26
CA LYS B 353 -13.75 34.70 -3.76
C LYS B 353 -13.16 35.85 -4.55
N LEU B 354 -13.87 36.97 -4.53
CA LEU B 354 -13.36 38.19 -5.13
C LEU B 354 -13.70 39.38 -4.30
N ARG B 355 -12.78 40.32 -4.22
CA ARG B 355 -13.07 41.59 -3.60
C ARG B 355 -13.14 42.68 -4.67
N LYS B 356 -14.20 43.48 -4.61
CA LYS B 356 -14.38 44.61 -5.48
C LYS B 356 -13.73 45.87 -4.93
N GLN B 357 -13.13 46.66 -5.81
CA GLN B 357 -12.48 47.90 -5.43
C GLN B 357 -13.32 48.73 -4.47
N GLY B 358 -12.72 49.15 -3.35
CA GLY B 358 -13.42 49.97 -2.35
C GLY B 358 -14.13 49.19 -1.23
N ASP B 359 -14.34 47.89 -1.42
CA ASP B 359 -14.81 47.03 -0.34
C ASP B 359 -13.62 46.57 0.54
N THR B 360 -13.94 46.21 1.77
CA THR B 360 -12.95 45.61 2.67
C THR B 360 -13.15 44.09 2.76
N ASP B 361 -14.40 43.64 2.79
CA ASP B 361 -14.71 42.19 2.71
C ASP B 361 -14.73 41.65 1.26
N TYR B 362 -14.68 40.34 1.13
CA TYR B 362 -14.78 39.67 -0.16
C TYR B 362 -16.24 39.30 -0.30
N ASN B 363 -16.95 40.09 -1.10
CA ASN B 363 -18.39 40.00 -1.22
C ASN B 363 -18.92 39.23 -2.41
N TYR B 364 -18.02 38.74 -3.25
CA TYR B 364 -18.38 38.15 -4.49
C TYR B 364 -17.71 36.82 -4.70
N THR B 365 -18.31 36.01 -5.57
CA THR B 365 -17.78 34.72 -5.94
C THR B 365 -17.90 34.51 -7.44
N ILE B 366 -16.96 33.74 -8.01
CA ILE B 366 -17.13 33.17 -9.35
C ILE B 366 -17.86 31.83 -9.25
N ARG B 367 -19.00 31.70 -9.92
CA ARG B 367 -19.81 30.47 -9.92
C ARG B 367 -20.01 29.94 -11.35
N GLU B 368 -21.13 29.27 -11.63
CA GLU B 368 -21.36 28.62 -12.95
C GLU B 368 -21.12 29.58 -14.13
N ASN B 369 -20.51 29.06 -15.20
CA ASN B 369 -20.21 29.82 -16.44
C ASN B 369 -19.31 31.05 -16.26
N GLY B 370 -18.63 31.12 -15.13
CA GLY B 370 -17.84 32.31 -14.79
C GLY B 370 -18.65 33.49 -14.32
N THR B 371 -19.94 33.31 -14.04
CA THR B 371 -20.81 34.42 -13.61
C THR B 371 -20.41 34.87 -12.19
N VAL B 372 -20.25 36.19 -12.03
CA VAL B 372 -19.88 36.77 -10.75
C VAL B 372 -21.14 37.10 -9.97
N TYR B 373 -21.25 36.52 -8.77
CA TYR B 373 -22.40 36.67 -7.86
C TYR B 373 -22.03 37.60 -6.74
N ASP B 374 -22.94 38.49 -6.38
CA ASP B 374 -22.88 39.16 -5.09
C ASP B 374 -23.38 38.14 -4.07
N ASP B 375 -22.50 37.74 -3.16
CA ASP B 375 -22.82 36.74 -2.12
C ASP B 375 -23.80 37.26 -1.08
N ARG B 376 -23.86 38.57 -0.92
CA ARG B 376 -24.74 39.18 0.05
C ARG B 376 -26.21 39.04 -0.34
N THR B 377 -26.52 39.43 -1.57
CA THR B 377 -27.86 39.26 -2.14
C THR B 377 -28.05 37.89 -2.75
N ASN B 378 -26.98 37.13 -2.91
CA ASN B 378 -27.07 35.84 -3.61
C ASN B 378 -27.63 35.95 -5.06
N ARG B 379 -27.32 37.04 -5.73
CA ARG B 379 -27.76 37.25 -7.13
C ARG B 379 -26.57 37.36 -8.08
N PRO B 380 -26.73 36.89 -9.33
CA PRO B 380 -25.69 37.12 -10.30
C PRO B 380 -25.59 38.59 -10.70
N THR B 381 -24.37 39.05 -10.92
CA THR B 381 -24.09 40.41 -11.38
C THR B 381 -23.96 40.40 -12.91
N GLU B 382 -23.77 41.61 -13.46
CA GLU B 382 -23.42 41.84 -14.86
C GLU B 382 -21.97 41.40 -15.20
N PHE B 383 -21.11 41.18 -14.19
CA PHE B 383 -19.73 40.78 -14.40
C PHE B 383 -19.56 39.26 -14.57
N SER B 384 -18.53 38.89 -15.32
CA SER B 384 -18.12 37.51 -15.47
C SER B 384 -16.61 37.40 -15.63
N VAL B 385 -16.11 36.20 -15.33
CA VAL B 385 -14.69 35.87 -15.41
C VAL B 385 -14.48 34.71 -16.39
N ASP B 386 -13.68 34.99 -17.42
CA ASP B 386 -13.44 34.00 -18.48
C ASP B 386 -12.46 32.89 -18.02
N LYS B 387 -12.33 31.88 -18.87
CA LYS B 387 -11.45 30.73 -18.63
C LYS B 387 -9.99 31.05 -18.33
N ASN B 388 -9.50 32.21 -18.76
CA ASN B 388 -8.15 32.74 -18.44
C ASN B 388 -8.10 33.81 -17.34
N PHE B 389 -9.15 33.91 -16.54
CA PHE B 389 -9.23 34.82 -15.40
C PHE B 389 -9.41 36.28 -15.81
N GLY B 390 -9.82 36.51 -17.06
CA GLY B 390 -10.09 37.86 -17.54
C GLY B 390 -11.50 38.30 -17.23
N ILE B 391 -11.66 39.58 -16.91
CA ILE B 391 -12.93 40.16 -16.39
C ILE B 391 -13.75 40.79 -17.51
N LYS B 392 -15.01 40.39 -17.59
CA LYS B 392 -15.97 41.00 -18.51
C LYS B 392 -17.11 41.68 -17.75
N GLN B 393 -17.67 42.67 -18.41
CA GLN B 393 -18.89 43.34 -17.97
C GLN B 393 -19.85 43.37 -19.13
N ASN B 394 -21.05 42.83 -18.90
CA ASN B 394 -22.04 42.62 -19.95
C ASN B 394 -21.43 41.97 -21.18
N GLY B 395 -20.61 40.96 -20.97
CA GLY B 395 -20.01 40.23 -22.08
C GLY B 395 -18.87 40.92 -22.79
N ASN B 396 -18.57 42.19 -22.46
CA ASN B 396 -17.42 42.92 -22.98
C ASN B 396 -16.26 43.00 -21.99
N TYR B 397 -15.05 42.81 -22.49
CA TYR B 397 -13.85 42.76 -21.66
C TYR B 397 -13.55 44.13 -21.05
N LEU B 398 -13.27 44.13 -19.75
CA LEU B 398 -12.68 45.30 -19.12
C LEU B 398 -11.20 45.28 -19.42
N THR B 399 -10.62 46.48 -19.57
CA THR B 399 -9.17 46.61 -19.82
C THR B 399 -8.43 47.42 -18.74
N VAL B 400 -7.12 47.16 -18.64
CA VAL B 400 -6.18 47.92 -17.88
C VAL B 400 -5.00 48.18 -18.79
N GLU B 401 -4.25 49.23 -18.49
CA GLU B 401 -2.95 49.48 -19.15
C GLU B 401 -1.89 48.49 -18.67
N GLN B 402 -1.12 47.98 -19.63
CA GLN B 402 0.05 47.12 -19.38
C GLN B 402 1.19 47.95 -18.84
N TYR B 403 2.10 47.32 -18.11
CA TYR B 403 3.26 48.00 -17.56
C TYR B 403 4.47 47.66 -18.38
N SER B 404 5.40 48.61 -18.38
CA SER B 404 6.77 48.46 -18.85
C SER B 404 7.78 48.81 -17.76
N VAL B 405 8.99 48.30 -17.90
CA VAL B 405 10.11 48.63 -17.02
C VAL B 405 11.26 49.30 -17.78
N SER B 406 11.79 50.40 -17.23
CA SER B 406 13.02 51.06 -17.72
C SER B 406 14.01 51.47 -16.59
N PHE B 407 15.30 51.56 -16.94
CA PHE B 407 16.40 51.89 -16.00
C PHE B 407 17.04 53.30 -16.21
N GLU B 408 16.21 54.33 -16.33
CA GLU B 408 16.68 55.66 -16.73
C GLU B 408 17.39 56.33 -15.56
N LYS B 411 18.41 52.80 -11.10
CA LYS B 411 17.26 53.67 -11.37
C LYS B 411 16.10 52.95 -12.11
N LYS B 412 15.44 52.00 -11.43
CA LYS B 412 14.30 51.27 -12.03
C LYS B 412 12.99 52.04 -11.88
N THR B 413 12.25 52.17 -12.99
CA THR B 413 10.91 52.76 -12.98
C THR B 413 9.88 51.86 -13.74
N GLU B 414 8.71 51.64 -13.13
CA GLU B 414 7.62 50.85 -13.71
C GLU B 414 6.49 51.77 -14.12
N TYR B 415 6.14 51.76 -15.40
CA TYR B 415 5.14 52.71 -15.92
C TYR B 415 4.14 52.06 -16.89
N ARG B 416 2.97 52.68 -16.96
CA ARG B 416 1.92 52.28 -17.87
C ARG B 416 2.28 52.69 -19.29
N ASN B 417 2.30 51.73 -20.20
CA ASN B 417 2.85 51.89 -21.57
C ASN B 417 1.84 52.20 -22.72
N GLY B 418 0.56 52.40 -22.39
CA GLY B 418 -0.45 52.71 -23.39
C GLY B 418 -1.17 51.56 -24.08
N THR B 419 -0.64 50.35 -23.93
CA THR B 419 -1.27 49.15 -24.49
C THR B 419 -2.34 48.68 -23.51
N LYS B 420 -3.48 48.30 -24.04
CA LYS B 420 -4.60 47.75 -23.26
C LYS B 420 -4.56 46.21 -23.35
N VAL B 421 -4.68 45.56 -22.19
CA VAL B 421 -4.78 44.11 -22.11
C VAL B 421 -6.03 43.85 -21.30
N HIS B 422 -6.53 42.62 -21.28
CA HIS B 422 -7.72 42.37 -20.50
C HIS B 422 -7.43 42.62 -18.99
N MET B 423 -8.37 43.26 -18.29
CA MET B 423 -8.37 43.26 -16.83
C MET B 423 -8.53 41.81 -16.35
N ASN B 424 -7.71 41.42 -15.38
CA ASN B 424 -7.62 40.05 -14.91
C ASN B 424 -7.62 40.08 -13.37
N ILE B 425 -8.32 39.12 -12.77
CA ILE B 425 -8.48 39.08 -11.35
C ILE B 425 -7.14 38.88 -10.61
N PHE B 426 -6.12 38.44 -11.34
CA PHE B 426 -4.78 38.29 -10.79
C PHE B 426 -3.94 39.57 -10.80
N TYR B 427 -4.50 40.69 -11.29
CA TYR B 427 -3.73 41.92 -11.52
C TYR B 427 -3.83 43.01 -10.43
N LYS B 428 -2.80 43.85 -10.42
CA LYS B 428 -2.67 44.98 -9.54
C LYS B 428 -3.86 45.92 -9.66
N ASP B 429 -4.32 46.12 -10.89
CA ASP B 429 -5.32 47.13 -11.23
C ASP B 429 -6.73 46.56 -11.50
N ALA B 430 -7.00 45.34 -11.06
CA ALA B 430 -8.32 44.76 -11.25
C ALA B 430 -9.43 45.39 -10.40
N LEU B 431 -10.61 45.56 -11.02
CA LEU B 431 -11.84 45.96 -10.33
C LEU B 431 -12.28 44.90 -9.34
N PHE B 432 -12.08 43.62 -9.69
CA PHE B 432 -12.30 42.48 -8.76
C PHE B 432 -10.99 41.72 -8.56
N LYS B 433 -10.67 41.36 -7.32
CA LYS B 433 -9.37 40.70 -7.02
C LYS B 433 -9.50 39.46 -6.19
N VAL B 434 -8.67 38.48 -6.50
CA VAL B 434 -8.54 37.30 -5.66
C VAL B 434 -7.82 37.66 -4.34
N VAL B 435 -7.97 36.75 -3.39
CA VAL B 435 -7.24 36.83 -2.12
C VAL B 435 -5.77 36.83 -2.48
N PRO B 436 -4.97 37.73 -1.87
CA PRO B 436 -3.56 37.80 -2.22
C PRO B 436 -2.82 36.66 -1.54
N THR B 437 -2.93 35.49 -2.16
CA THR B 437 -2.23 34.30 -1.72
C THR B 437 -1.83 33.53 -2.96
N ASN B 438 -1.14 32.42 -2.77
CA ASN B 438 -0.73 31.54 -3.85
C ASN B 438 -1.79 30.53 -4.18
N TYR B 439 -1.78 30.08 -5.43
CA TYR B 439 -2.73 29.11 -5.96
C TYR B 439 -1.98 28.08 -6.82
N ILE B 440 -2.62 26.98 -7.14
CA ILE B 440 -2.08 26.07 -8.14
C ILE B 440 -3.07 25.96 -9.32
N ALA B 441 -2.52 25.97 -10.54
CA ALA B 441 -3.31 25.82 -11.79
C ALA B 441 -2.75 24.69 -12.60
N TYR B 442 -3.61 24.06 -13.36
CA TYR B 442 -3.20 23.05 -14.30
C TYR B 442 -3.96 23.17 -15.60
N ILE B 443 -3.24 22.75 -16.64
CA ILE B 443 -3.66 22.76 -18.03
C ILE B 443 -3.43 21.35 -18.58
N SER B 444 -4.26 20.96 -19.55
CA SER B 444 -4.14 19.66 -20.19
C SER B 444 -3.95 19.87 -21.66
N SER B 445 -3.31 18.89 -22.27
CA SER B 445 -3.04 18.88 -23.71
C SER B 445 -3.36 17.50 -24.25
N ASN B 446 -4.11 17.48 -25.34
CA ASN B 446 -4.40 16.24 -26.06
C ASN B 446 -3.50 15.91 -27.23
N ASP B 447 -2.52 16.76 -27.52
CA ASP B 447 -1.62 16.58 -28.68
C ASP B 447 -0.15 16.73 -28.25
N HIS B 448 0.17 16.07 -27.15
CA HIS B 448 1.53 16.02 -26.61
C HIS B 448 2.24 17.38 -26.63
N GLY B 449 1.50 18.36 -26.16
CA GLY B 449 2.03 19.65 -25.81
C GLY B 449 2.08 20.65 -26.92
N GLU B 450 1.45 20.36 -28.05
CA GLU B 450 1.38 21.33 -29.12
C GLU B 450 0.35 22.42 -28.77
N SER B 451 -0.70 22.05 -28.08
CA SER B 451 -1.73 22.99 -27.68
C SER B 451 -2.20 22.63 -26.31
N TRP B 452 -2.68 23.62 -25.58
CA TRP B 452 -3.09 23.38 -24.19
C TRP B 452 -4.45 23.96 -23.88
N SER B 453 -5.16 23.31 -22.97
CA SER B 453 -6.41 23.83 -22.46
C SER B 453 -6.16 25.11 -21.65
N ALA B 454 -7.21 25.87 -21.41
CA ALA B 454 -7.17 26.99 -20.49
C ALA B 454 -6.84 26.49 -19.07
N PRO B 455 -6.31 27.36 -18.20
CA PRO B 455 -5.94 26.91 -16.85
C PRO B 455 -7.14 26.69 -15.94
N THR B 456 -7.06 25.62 -15.14
CA THR B 456 -8.04 25.32 -14.10
C THR B 456 -7.30 25.52 -12.80
N LEU B 457 -7.86 26.35 -11.90
CA LEU B 457 -7.30 26.49 -10.55
C LEU B 457 -7.73 25.32 -9.67
N LEU B 458 -6.79 24.78 -8.90
CA LEU B 458 -7.11 23.67 -7.97
C LEU B 458 -8.10 24.13 -6.91
N PRO B 459 -9.01 23.22 -6.53
CA PRO B 459 -9.87 23.45 -5.38
C PRO B 459 -9.10 23.56 -4.03
N PRO B 460 -9.75 24.11 -2.97
CA PRO B 460 -9.09 24.35 -1.69
C PRO B 460 -8.84 23.04 -0.91
N ILE B 461 -7.92 22.25 -1.47
CA ILE B 461 -7.64 20.88 -1.04
C ILE B 461 -7.04 20.82 0.37
N MET B 462 -6.29 21.87 0.75
CA MET B 462 -5.70 22.00 2.10
C MET B 462 -6.67 22.46 3.19
N GLY B 463 -7.87 22.89 2.79
CA GLY B 463 -8.87 23.45 3.67
C GLY B 463 -9.22 24.85 3.20
N LEU B 464 -10.38 25.32 3.62
CA LEU B 464 -10.79 26.68 3.37
C LEU B 464 -9.88 27.74 4.00
N ASN B 465 -9.36 27.47 5.19
CA ASN B 465 -8.57 28.47 5.89
C ASN B 465 -7.08 28.22 5.86
N ARG B 466 -6.61 27.68 4.73
CA ARG B 466 -5.18 27.54 4.45
C ARG B 466 -4.94 27.79 2.98
N ASN B 467 -3.78 28.35 2.68
CA ASN B 467 -3.41 28.57 1.29
C ASN B 467 -2.95 27.25 0.67
N ALA B 468 -2.93 27.22 -0.65
CA ALA B 468 -2.49 26.07 -1.39
C ALA B 468 -1.04 25.76 -1.07
N PRO B 469 -0.61 24.53 -1.32
CA PRO B 469 0.80 24.28 -1.21
C PRO B 469 1.57 24.83 -2.42
N TYR B 470 2.87 24.60 -2.40
CA TYR B 470 3.79 25.05 -3.41
C TYR B 470 4.28 23.79 -4.05
N LEU B 471 4.33 23.77 -5.39
CA LEU B 471 4.72 22.58 -6.12
C LEU B 471 6.18 22.24 -5.96
N GLY B 472 6.46 20.94 -5.92
CA GLY B 472 7.82 20.43 -6.08
C GLY B 472 8.12 20.26 -7.57
N PRO B 473 8.91 21.18 -8.15
CA PRO B 473 9.16 21.14 -9.59
C PRO B 473 9.77 19.84 -10.13
N GLY B 474 9.28 19.43 -11.32
CA GLY B 474 9.80 18.27 -12.03
C GLY B 474 8.62 17.55 -12.64
N ARG B 475 8.43 16.30 -12.25
CA ARG B 475 7.35 15.48 -12.78
C ARG B 475 6.46 14.95 -11.71
N GLY B 476 5.25 14.56 -12.07
CA GLY B 476 4.39 13.71 -11.24
C GLY B 476 4.53 12.28 -11.74
N ILE B 477 3.73 11.38 -11.19
CA ILE B 477 3.75 9.98 -11.62
C ILE B 477 2.38 9.36 -11.54
N ILE B 478 2.20 8.26 -12.27
CA ILE B 478 1.02 7.42 -12.23
C ILE B 478 1.47 6.15 -11.54
N GLU B 479 0.90 5.84 -10.38
CA GLU B 479 1.31 4.65 -9.66
C GLU B 479 0.66 3.47 -10.37
N SER B 480 1.44 2.46 -10.69
CA SER B 480 1.06 1.44 -11.70
C SER B 480 -0.08 0.54 -11.22
N SER B 481 -0.06 0.12 -9.96
CA SER B 481 -1.10 -0.79 -9.44
C SER B 481 -2.51 -0.20 -9.28
N THR B 482 -2.62 1.11 -9.01
CA THR B 482 -3.94 1.77 -8.79
C THR B 482 -4.32 2.77 -9.87
N GLY B 483 -3.39 3.15 -10.73
CA GLY B 483 -3.57 4.30 -11.60
C GLY B 483 -3.71 5.65 -10.90
N ARG B 484 -3.33 5.74 -9.64
CA ARG B 484 -3.46 6.99 -8.93
C ARG B 484 -2.43 7.98 -9.50
N ILE B 485 -2.85 9.22 -9.75
CA ILE B 485 -1.94 10.29 -10.21
C ILE B 485 -1.40 11.02 -8.98
N LEU B 486 -0.10 11.22 -8.90
CA LEU B 486 0.48 11.84 -7.71
C LEU B 486 1.30 13.04 -8.09
N ILE B 487 0.94 14.21 -7.55
CA ILE B 487 1.66 15.47 -7.77
C ILE B 487 2.32 15.94 -6.45
N PRO B 488 3.66 16.10 -6.46
CA PRO B 488 4.36 16.52 -5.26
C PRO B 488 4.26 18.01 -5.02
N SER B 489 4.01 18.38 -3.76
CA SER B 489 4.02 19.76 -3.32
C SER B 489 4.40 19.82 -1.82
N TYR B 490 4.41 21.02 -1.27
CA TYR B 490 4.76 21.23 0.12
C TYR B 490 4.28 22.56 0.66
N THR B 491 4.25 22.64 1.98
CA THR B 491 3.68 23.78 2.71
C THR B 491 4.72 24.59 3.42
N GLY B 492 5.93 24.04 3.58
CA GLY B 492 6.95 24.60 4.44
C GLY B 492 7.06 23.83 5.78
N LYS B 493 5.95 23.29 6.27
CA LYS B 493 5.92 22.40 7.47
C LYS B 493 5.55 20.97 7.12
N GLU B 494 4.98 20.73 5.94
CA GLU B 494 4.44 19.42 5.59
C GLU B 494 4.67 19.10 4.13
N SER B 495 4.71 17.81 3.81
CA SER B 495 4.54 17.39 2.45
C SER B 495 3.03 17.38 2.12
N ALA B 496 2.72 17.75 0.89
CA ALA B 496 1.37 17.72 0.43
C ALA B 496 1.42 16.93 -0.87
N PHE B 497 0.90 15.70 -0.79
CA PHE B 497 0.88 14.81 -1.93
C PHE B 497 -0.49 14.84 -2.58
N ILE B 498 -0.57 15.64 -3.63
CA ILE B 498 -1.81 15.91 -4.33
C ILE B 498 -2.10 14.71 -5.18
N TYR B 499 -3.29 14.16 -5.11
CA TYR B 499 -3.59 12.96 -5.95
C TYR B 499 -4.99 12.93 -6.57
N SER B 500 -5.16 12.10 -7.59
CA SER B 500 -6.48 11.81 -8.19
C SER B 500 -6.64 10.32 -8.38
N ASP B 501 -7.80 9.78 -8.00
CA ASP B 501 -8.12 8.36 -8.23
C ASP B 501 -9.16 8.18 -9.33
N ASP B 502 -9.41 9.25 -10.08
CA ASP B 502 -10.38 9.21 -11.15
C ASP B 502 -9.82 9.80 -12.44
N ASN B 503 -8.62 9.34 -12.82
CA ASN B 503 -7.93 9.78 -14.07
CA ASN B 503 -7.88 9.78 -14.01
C ASN B 503 -7.90 11.30 -14.20
N GLY B 504 -7.72 12.01 -13.09
CA GLY B 504 -7.62 13.48 -13.08
C GLY B 504 -8.89 14.32 -13.06
N ALA B 505 -10.04 13.71 -12.85
CA ALA B 505 -11.29 14.47 -12.85
C ALA B 505 -11.39 15.24 -11.57
N SER B 506 -10.93 14.64 -10.47
CA SER B 506 -11.02 15.24 -9.13
C SER B 506 -9.71 15.05 -8.37
N TRP B 507 -9.48 15.95 -7.42
CA TRP B 507 -8.20 16.06 -6.71
C TRP B 507 -8.40 16.05 -5.22
N LYS B 508 -7.48 15.38 -4.54
CA LYS B 508 -7.41 15.33 -3.07
C LYS B 508 -5.96 15.55 -2.67
N VAL B 509 -5.70 15.46 -1.36
CA VAL B 509 -4.35 15.61 -0.85
C VAL B 509 -4.08 14.79 0.42
N LYS B 510 -2.90 14.17 0.47
CA LYS B 510 -2.34 13.60 1.69
C LYS B 510 -1.30 14.54 2.26
N VAL B 511 -1.59 15.09 3.44
CA VAL B 511 -0.71 16.03 4.10
C VAL B 511 0.07 15.25 5.15
N VAL B 512 1.39 15.41 5.12
CA VAL B 512 2.32 14.62 5.94
C VAL B 512 3.22 15.55 6.70
N PRO B 513 2.99 15.69 8.02
CA PRO B 513 3.87 16.56 8.84
C PRO B 513 5.31 16.11 8.80
N LEU B 514 6.23 17.04 8.58
CA LEU B 514 7.63 16.72 8.47
C LEU B 514 8.35 17.01 9.78
N PRO B 515 9.56 16.44 9.97
CA PRO B 515 10.30 16.66 11.23
C PRO B 515 10.69 18.12 11.47
N SER B 516 10.72 18.93 10.43
CA SER B 516 11.02 20.35 10.62
C SER B 516 10.51 21.17 9.43
N SER B 517 10.89 22.43 9.39
CA SER B 517 10.43 23.35 8.38
C SER B 517 11.18 23.16 7.07
N TRP B 518 10.84 22.08 6.36
CA TRP B 518 11.51 21.71 5.12
C TRP B 518 10.84 22.44 3.96
N SER B 519 11.66 22.95 3.07
CA SER B 519 11.16 23.39 1.77
C SER B 519 11.04 22.10 0.96
N ALA B 520 10.04 21.30 1.27
CA ALA B 520 10.03 19.86 0.88
C ALA B 520 9.67 19.58 -0.61
N GLU B 521 10.36 20.28 -1.50
CA GLU B 521 10.33 19.93 -2.93
C GLU B 521 10.64 18.44 -3.07
N ALA B 522 9.70 17.70 -3.65
CA ALA B 522 9.84 16.26 -3.80
C ALA B 522 9.65 15.76 -5.24
N GLN B 523 10.17 14.55 -5.47
CA GLN B 523 9.85 13.73 -6.61
C GLN B 523 9.65 12.28 -6.16
N PHE B 524 8.87 11.54 -6.94
CA PHE B 524 8.47 10.18 -6.58
C PHE B 524 9.18 9.11 -7.41
N VAL B 525 9.37 7.92 -6.85
CA VAL B 525 9.70 6.73 -7.67
C VAL B 525 8.85 5.55 -7.21
N GLU B 526 8.46 4.69 -8.13
CA GLU B 526 7.80 3.45 -7.78
C GLU B 526 8.87 2.37 -7.67
N LEU B 527 8.90 1.62 -6.59
CA LEU B 527 9.89 0.55 -6.41
C LEU B 527 9.38 -0.79 -6.87
N SER B 528 8.12 -1.05 -6.58
CA SER B 528 7.40 -2.24 -6.99
C SER B 528 5.93 -1.83 -6.91
N PRO B 529 5.01 -2.68 -7.39
CA PRO B 529 3.61 -2.26 -7.38
C PRO B 529 3.06 -1.98 -5.98
N GLY B 530 2.38 -0.85 -5.85
CA GLY B 530 1.88 -0.35 -4.58
C GLY B 530 2.89 0.42 -3.72
N VAL B 531 4.18 0.32 -4.05
CA VAL B 531 5.24 0.84 -3.17
C VAL B 531 5.93 2.01 -3.83
N ILE B 532 5.82 3.18 -3.21
CA ILE B 532 6.45 4.39 -3.76
C ILE B 532 7.27 5.16 -2.72
N GLN B 533 8.23 5.93 -3.20
CA GLN B 533 9.09 6.74 -2.33
C GLN B 533 9.10 8.17 -2.78
N ALA B 534 8.98 9.07 -1.83
CA ALA B 534 9.09 10.48 -2.12
C ALA B 534 10.46 10.92 -1.60
N TYR B 535 11.34 11.34 -2.52
CA TYR B 535 12.64 11.90 -2.21
C TYR B 535 12.51 13.39 -2.16
N MET B 536 13.03 14.04 -1.12
CA MET B 536 12.83 15.50 -0.96
C MET B 536 13.98 16.30 -0.32
N ARG B 537 13.87 17.61 -0.50
CA ARG B 537 14.73 18.60 0.10
C ARG B 537 14.34 18.75 1.60
N THR B 538 15.34 19.09 2.43
CA THR B 538 15.20 19.32 3.85
C THR B 538 15.91 20.58 4.30
N ASN B 539 15.71 20.95 5.56
CA ASN B 539 16.52 22.00 6.19
C ASN B 539 17.67 21.46 7.11
N ASN B 540 18.07 20.19 6.97
CA ASN B 540 19.13 19.59 7.83
C ASN B 540 20.42 19.20 7.12
N GLY B 541 20.47 19.45 5.82
CA GLY B 541 21.65 19.17 5.00
C GLY B 541 21.57 17.88 4.16
N LYS B 542 20.56 17.06 4.43
CA LYS B 542 20.43 15.74 3.82
C LYS B 542 19.25 15.69 2.84
N ILE B 543 19.25 14.72 1.92
CA ILE B 543 18.04 14.35 1.16
C ILE B 543 17.24 13.36 1.97
N ALA B 544 15.96 13.64 2.17
CA ALA B 544 15.08 12.67 2.88
C ALA B 544 14.32 11.81 1.88
N TYR B 545 13.95 10.59 2.29
CA TYR B 545 12.98 9.81 1.51
C TYR B 545 11.99 9.11 2.42
N LEU B 546 10.73 9.24 2.03
CA LEU B 546 9.60 8.65 2.75
C LEU B 546 9.06 7.58 1.86
N THR B 547 8.71 6.44 2.46
CA THR B 547 8.17 5.28 1.75
C THR B 547 6.67 5.07 2.05
N SER B 548 5.88 4.83 0.99
CA SER B 548 4.48 4.37 1.11
C SER B 548 4.32 3.01 0.44
N LYS B 549 3.67 2.08 1.13
CA LYS B 549 3.40 0.75 0.63
C LYS B 549 1.90 0.53 0.35
N ASP B 550 1.14 1.63 0.34
CA ASP B 550 -0.27 1.60 -0.11
C ASP B 550 -0.53 2.73 -1.15
N ALA B 551 0.41 2.88 -2.08
CA ALA B 551 0.31 3.82 -3.20
C ALA B 551 0.04 5.27 -2.78
N GLY B 552 0.66 5.68 -1.68
CA GLY B 552 0.68 7.07 -1.24
C GLY B 552 -0.35 7.45 -0.19
N THR B 553 -1.13 6.48 0.24
CA THR B 553 -2.17 6.73 1.25
C THR B 553 -1.57 7.01 2.66
N THR B 554 -0.54 6.25 3.04
CA THR B 554 0.15 6.44 4.30
C THR B 554 1.64 6.39 4.00
N TRP B 555 2.40 7.11 4.84
CA TRP B 555 3.84 7.31 4.61
C TRP B 555 4.66 7.05 5.86
N SER B 556 5.82 6.42 5.65
CA SER B 556 6.72 6.06 6.75
C SER B 556 7.40 7.32 7.26
N ALA B 557 8.04 7.18 8.42
CA ALA B 557 8.94 8.19 8.96
C ALA B 557 10.10 8.38 7.99
N PRO B 558 10.65 9.61 7.92
CA PRO B 558 11.70 9.83 6.97
C PRO B 558 13.00 9.11 7.27
N GLU B 559 13.66 8.69 6.21
CA GLU B 559 15.02 8.13 6.23
C GLU B 559 15.86 9.11 5.40
N TYR B 560 17.20 9.03 5.47
CA TYR B 560 18.06 9.99 4.76
C TYR B 560 19.18 9.28 4.03
N LEU B 561 19.47 9.73 2.81
CA LEU B 561 20.61 9.22 2.04
C LEU B 561 21.90 9.56 2.78
N LYS B 562 22.79 8.59 2.87
CA LYS B 562 24.02 8.73 3.66
C LYS B 562 25.20 9.34 2.94
N PHE B 563 25.08 9.44 1.63
CA PHE B 563 26.19 9.74 0.72
C PHE B 563 26.03 11.11 0.05
N VAL B 564 24.95 11.84 0.35
CA VAL B 564 24.81 13.22 -0.10
C VAL B 564 24.79 14.13 1.14
N SER B 565 25.58 15.19 1.08
CA SER B 565 25.73 16.14 2.16
C SER B 565 25.81 17.58 1.65
N ASN B 566 24.72 18.33 1.90
CA ASN B 566 24.46 19.64 1.33
C ASN B 566 24.32 20.70 2.41
N PRO B 567 24.31 22.01 2.03
CA PRO B 567 23.99 23.03 3.03
C PRO B 567 22.55 22.87 3.57
N SER B 568 22.34 23.37 4.77
CA SER B 568 21.05 23.26 5.46
C SER B 568 19.83 23.77 4.65
N TYR B 569 20.03 24.80 3.84
CA TYR B 569 18.93 25.35 3.02
C TYR B 569 18.42 24.39 1.96
N GLY B 570 19.31 23.53 1.48
CA GLY B 570 18.96 22.45 0.58
C GLY B 570 18.81 22.94 -0.85
N THR B 571 18.72 21.96 -1.74
CA THR B 571 18.38 22.20 -3.12
C THR B 571 17.38 21.14 -3.60
N GLN B 572 16.56 21.55 -4.56
CA GLN B 572 15.71 20.67 -5.33
C GLN B 572 16.54 19.55 -5.99
N LEU B 573 15.90 18.41 -6.16
CA LEU B 573 16.53 17.27 -6.78
C LEU B 573 15.64 16.71 -7.93
N SER B 574 16.20 15.77 -8.70
CA SER B 574 15.41 14.98 -9.69
C SER B 574 15.69 13.50 -9.49
N ILE B 575 14.63 12.71 -9.47
CA ILE B 575 14.80 11.28 -9.48
C ILE B 575 13.70 10.70 -10.34
N ILE B 576 14.09 9.71 -11.13
CA ILE B 576 13.19 9.05 -12.07
C ILE B 576 13.33 7.55 -12.04
N ASN B 577 12.26 6.86 -12.40
CA ASN B 577 12.32 5.44 -12.78
C ASN B 577 12.93 5.31 -14.18
N TYR B 578 13.63 4.20 -14.40
CA TYR B 578 14.29 3.92 -15.67
C TYR B 578 13.73 2.59 -16.18
N SER B 579 13.48 2.52 -17.48
CA SER B 579 12.73 1.39 -18.05
C SER B 579 13.58 0.14 -18.20
N GLN B 580 14.90 0.28 -18.33
CA GLN B 580 15.75 -0.85 -18.67
C GLN B 580 16.49 -1.33 -17.44
N LEU B 581 16.69 -2.64 -17.37
CA LEU B 581 17.47 -3.24 -16.33
C LEU B 581 18.92 -2.76 -16.39
N ILE B 582 19.53 -2.60 -15.21
CA ILE B 582 20.97 -2.31 -15.09
C ILE B 582 21.52 -3.34 -14.13
N ASP B 583 22.59 -4.02 -14.56
CA ASP B 583 23.12 -5.21 -13.85
C ASP B 583 22.00 -6.20 -13.49
N GLY B 584 21.04 -6.36 -14.40
CA GLY B 584 19.95 -7.30 -14.21
C GLY B 584 18.89 -6.88 -13.22
N LYS B 585 18.90 -5.61 -12.86
CA LYS B 585 18.07 -5.10 -11.77
C LYS B 585 17.31 -3.88 -12.22
N LYS B 586 16.14 -3.69 -11.60
CA LYS B 586 15.30 -2.54 -11.84
C LYS B 586 16.01 -1.31 -11.23
N ALA B 587 16.02 -0.19 -11.94
CA ALA B 587 16.85 0.95 -11.52
C ALA B 587 16.11 2.26 -11.38
N VAL B 588 16.68 3.13 -10.54
CA VAL B 588 16.34 4.55 -10.49
C VAL B 588 17.56 5.40 -10.71
N ILE B 589 17.32 6.66 -11.07
CA ILE B 589 18.40 7.60 -11.41
C ILE B 589 18.13 8.92 -10.75
N LEU B 590 19.12 9.41 -10.01
CA LEU B 590 18.98 10.61 -9.16
C LEU B 590 20.01 11.69 -9.56
N SER B 591 19.55 12.94 -9.63
CA SER B 591 20.41 14.09 -9.85
C SER B 591 20.29 15.09 -8.73
N THR B 592 21.44 15.54 -8.21
CA THR B 592 21.49 16.51 -7.07
C THR B 592 22.86 17.16 -6.99
N PRO B 593 22.93 18.43 -6.54
CA PRO B 593 24.25 18.84 -6.02
C PRO B 593 24.62 18.05 -4.75
N ASN B 594 25.91 18.13 -4.39
CA ASN B 594 26.46 17.34 -3.27
C ASN B 594 27.68 17.98 -2.70
N SER B 595 27.47 18.92 -1.77
CA SER B 595 28.51 19.86 -1.34
C SER B 595 27.94 20.68 -0.24
N THR B 596 28.74 20.91 0.80
CA THR B 596 28.34 21.78 1.89
C THR B 596 28.81 23.21 1.64
N ASN B 597 29.53 23.41 0.54
CA ASN B 597 30.08 24.73 0.21
C ASN B 597 29.14 25.56 -0.63
N GLY B 598 28.05 24.95 -1.12
CA GLY B 598 27.09 25.65 -1.97
C GLY B 598 26.31 24.72 -2.86
N ARG B 599 25.66 25.30 -3.84
CA ARG B 599 24.97 24.52 -4.87
C ARG B 599 25.99 24.20 -5.93
N LYS B 600 26.71 23.11 -5.65
CA LYS B 600 27.88 22.70 -6.40
C LYS B 600 27.97 21.17 -6.44
N HIS B 601 28.91 20.70 -7.25
CA HIS B 601 29.29 19.30 -7.28
C HIS B 601 28.07 18.40 -7.61
N GLY B 602 27.50 18.68 -8.77
CA GLY B 602 26.44 17.87 -9.35
C GLY B 602 26.82 16.45 -9.57
N GLN B 603 25.96 15.55 -9.10
CA GLN B 603 26.16 14.15 -9.33
C GLN B 603 24.89 13.51 -9.84
N ILE B 604 25.08 12.49 -10.67
CA ILE B 604 24.02 11.58 -11.08
C ILE B 604 24.31 10.20 -10.45
N TRP B 605 23.34 9.67 -9.72
CA TRP B 605 23.46 8.43 -9.01
C TRP B 605 22.50 7.39 -9.58
N ILE B 606 23.01 6.18 -9.83
CA ILE B 606 22.17 5.05 -10.24
C ILE B 606 21.89 4.20 -9.01
N GLY B 607 20.63 4.06 -8.65
CA GLY B 607 20.25 3.12 -7.60
C GLY B 607 19.53 1.89 -8.15
N LEU B 608 19.98 0.71 -7.73
CA LEU B 608 19.40 -0.55 -8.15
C LEU B 608 18.53 -1.11 -7.04
N ILE B 609 17.31 -1.46 -7.40
CA ILE B 609 16.32 -1.90 -6.44
C ILE B 609 16.53 -3.38 -6.15
N ASN B 610 16.54 -3.73 -4.87
CA ASN B 610 16.68 -5.10 -4.39
C ASN B 610 15.33 -5.77 -4.18
N ASP B 611 15.35 -7.08 -3.99
CA ASP B 611 14.12 -7.86 -3.78
C ASP B 611 13.29 -7.36 -2.62
N ASP B 612 13.94 -6.86 -1.58
CA ASP B 612 13.25 -6.32 -0.40
C ASP B 612 12.90 -4.83 -0.50
N ASN B 613 13.10 -4.22 -1.68
CA ASN B 613 12.86 -2.78 -1.94
C ASN B 613 13.85 -1.78 -1.33
N THR B 614 14.91 -2.23 -0.65
CA THR B 614 16.06 -1.36 -0.38
C THR B 614 16.77 -1.09 -1.71
N ILE B 615 17.52 0.00 -1.76
CA ILE B 615 18.23 0.41 -2.96
C ILE B 615 19.74 0.30 -2.76
N ASP B 616 20.40 -0.39 -3.69
CA ASP B 616 21.87 -0.41 -3.81
C ASP B 616 22.32 0.78 -4.69
N TRP B 617 22.82 1.84 -4.03
CA TRP B 617 23.30 3.02 -4.75
C TRP B 617 24.70 2.76 -5.33
N ARG B 618 24.72 2.06 -6.45
CA ARG B 618 25.94 1.41 -6.95
C ARG B 618 26.84 2.31 -7.75
N TYR B 619 26.29 3.29 -8.45
CA TYR B 619 27.09 4.08 -9.36
C TYR B 619 26.81 5.55 -9.16
N HIS B 620 27.82 6.38 -9.35
CA HIS B 620 27.63 7.82 -9.44
C HIS B 620 28.60 8.44 -10.43
N HIS B 621 28.18 9.57 -10.97
CA HIS B 621 28.94 10.29 -11.96
C HIS B 621 28.91 11.76 -11.63
N ASP B 622 30.10 12.38 -11.54
CA ASP B 622 30.24 13.81 -11.27
C ASP B 622 30.08 14.53 -12.58
N VAL B 623 29.16 15.48 -12.63
CA VAL B 623 28.79 16.15 -13.87
C VAL B 623 29.93 17.05 -14.34
N ASP B 624 30.45 17.90 -13.48
CA ASP B 624 31.64 18.69 -13.86
C ASP B 624 32.52 18.65 -12.62
N TYR B 625 33.57 19.48 -12.55
CA TYR B 625 34.39 19.53 -11.35
C TYR B 625 33.63 19.95 -10.09
N SER B 626 34.15 19.56 -8.92
CA SER B 626 33.40 19.64 -7.68
C SER B 626 33.06 21.06 -7.24
N ASN B 627 33.87 22.05 -7.61
CA ASN B 627 33.56 23.42 -7.20
C ASN B 627 32.72 24.25 -8.22
N TYR B 628 32.35 23.61 -9.32
CA TYR B 628 31.46 24.19 -10.32
C TYR B 628 29.98 24.17 -9.86
N GLY B 629 29.22 25.14 -10.35
CA GLY B 629 27.82 25.34 -10.02
C GLY B 629 26.87 24.27 -10.55
N TYR B 630 25.94 23.86 -9.70
CA TYR B 630 24.93 22.90 -10.06
C TYR B 630 23.79 23.10 -9.08
N SER B 631 22.65 23.56 -9.58
CA SER B 631 21.50 23.89 -8.71
C SER B 631 20.30 22.99 -9.10
N TYR B 632 19.12 23.57 -9.37
CA TYR B 632 17.98 22.77 -9.77
C TYR B 632 18.27 21.98 -11.08
N SER B 633 17.75 20.75 -11.15
CA SER B 633 18.04 19.81 -12.22
C SER B 633 16.82 18.94 -12.55
N THR B 634 16.85 18.36 -13.75
CA THR B 634 15.78 17.50 -14.21
C THR B 634 16.32 16.42 -15.14
N LEU B 635 15.89 15.19 -14.86
CA LEU B 635 16.27 14.00 -15.61
C LEU B 635 15.07 13.48 -16.38
N THR B 636 15.31 13.01 -17.61
CA THR B 636 14.35 12.17 -18.32
C THR B 636 15.04 11.00 -19.03
N GLU B 637 14.32 9.90 -19.15
CA GLU B 637 14.74 8.81 -20.00
C GLU B 637 14.36 9.13 -21.49
N LEU B 638 15.34 9.08 -22.37
CA LEU B 638 15.09 9.31 -23.81
C LEU B 638 14.52 8.05 -24.39
N PRO B 639 13.74 8.13 -25.51
CA PRO B 639 13.25 6.97 -26.22
C PRO B 639 14.29 5.93 -26.54
N ASN B 640 15.47 6.37 -26.94
CA ASN B 640 16.62 5.48 -27.17
C ASN B 640 17.30 4.88 -25.90
N HIS B 641 16.78 5.22 -24.72
CA HIS B 641 17.22 4.71 -23.39
C HIS B 641 18.48 5.37 -22.87
N GLU B 642 18.92 6.43 -23.55
CA GLU B 642 19.89 7.36 -22.98
C GLU B 642 19.17 8.28 -22.02
N ILE B 643 19.92 9.07 -21.30
CA ILE B 643 19.38 9.94 -20.23
C ILE B 643 19.59 11.38 -20.61
N GLY B 644 18.52 12.17 -20.57
CA GLY B 644 18.62 13.62 -20.73
C GLY B 644 18.68 14.31 -19.36
N LEU B 645 19.60 15.28 -19.26
CA LEU B 645 19.67 16.19 -18.12
C LEU B 645 19.66 17.64 -18.59
N MET B 646 18.79 18.44 -17.97
CA MET B 646 18.90 19.89 -18.02
C MET B 646 19.09 20.35 -16.58
N PHE B 647 19.97 21.31 -16.37
CA PHE B 647 20.25 21.78 -15.03
C PHE B 647 20.70 23.21 -15.07
N GLU B 648 20.59 23.86 -13.91
CA GLU B 648 21.05 25.22 -13.67
C GLU B 648 22.53 25.07 -13.37
N LYS B 649 23.40 25.43 -14.32
CA LYS B 649 24.85 25.35 -14.12
C LYS B 649 25.37 26.63 -13.48
N PHE B 650 24.90 26.89 -12.26
CA PHE B 650 25.37 28.00 -11.43
C PHE B 650 24.81 27.72 -10.05
N ASP B 651 25.14 28.57 -9.09
CA ASP B 651 24.55 28.47 -7.75
C ASP B 651 23.40 29.45 -7.73
N SER B 652 22.17 28.92 -7.71
CA SER B 652 20.96 29.76 -7.76
C SER B 652 20.49 30.28 -6.42
N TRP B 653 21.18 29.89 -5.34
CA TRP B 653 20.95 30.43 -4.00
C TRP B 653 21.79 31.68 -3.76
N SER B 654 23.04 31.61 -4.21
CA SER B 654 24.03 32.66 -4.04
C SER B 654 23.56 34.02 -4.51
N ARG B 655 23.72 35.02 -3.65
CA ARG B 655 23.49 36.44 -4.01
C ARG B 655 24.50 36.96 -5.01
N ASN B 656 25.58 36.21 -5.21
CA ASN B 656 26.62 36.56 -6.16
C ASN B 656 26.43 36.03 -7.61
N GLU B 657 25.49 35.08 -7.81
CA GLU B 657 25.30 34.43 -9.08
C GLU B 657 23.87 34.62 -9.65
N LEU B 658 23.24 35.73 -9.25
CA LEU B 658 21.94 36.18 -9.71
C LEU B 658 22.04 36.86 -11.06
N HIS B 659 20.93 36.83 -11.81
CA HIS B 659 20.71 37.60 -13.07
C HIS B 659 21.77 37.35 -14.13
N MET B 660 22.06 36.06 -14.31
CA MET B 660 23.01 35.56 -15.28
C MET B 660 22.33 34.88 -16.47
N LYS B 661 22.80 35.26 -17.67
CA LYS B 661 22.28 34.75 -18.92
C LYS B 661 22.92 33.43 -19.39
N ASN B 662 22.11 32.62 -20.07
CA ASN B 662 22.59 31.44 -20.78
C ASN B 662 23.38 30.45 -19.92
N VAL B 663 22.75 30.01 -18.85
CA VAL B 663 23.39 29.21 -17.84
C VAL B 663 22.56 27.96 -17.45
N VAL B 664 21.69 27.50 -18.35
CA VAL B 664 20.86 26.30 -18.10
C VAL B 664 20.96 25.33 -19.31
N PRO B 665 22.01 24.49 -19.34
CA PRO B 665 22.23 23.61 -20.47
C PRO B 665 21.51 22.29 -20.36
N TYR B 666 21.35 21.67 -21.53
CA TYR B 666 20.90 20.29 -21.71
C TYR B 666 22.11 19.41 -22.09
N ILE B 667 22.33 18.34 -21.36
CA ILE B 667 23.30 17.31 -21.77
C ILE B 667 22.70 15.91 -21.65
N THR B 668 23.38 14.95 -22.25
CA THR B 668 22.86 13.58 -22.31
C THR B 668 23.95 12.58 -21.91
N PHE B 669 23.50 11.44 -21.41
CA PHE B 669 24.42 10.41 -20.97
C PHE B 669 23.94 9.07 -21.44
N LYS B 670 24.89 8.18 -21.66
CA LYS B 670 24.59 6.77 -21.75
C LYS B 670 24.74 6.21 -20.35
N ILE B 671 24.09 5.07 -20.11
CA ILE B 671 24.27 4.39 -18.84
C ILE B 671 25.76 4.17 -18.61
N GLU B 672 26.50 3.74 -19.63
CA GLU B 672 27.93 3.45 -19.48
C GLU B 672 28.73 4.67 -19.03
N ASP B 673 28.32 5.86 -19.48
CA ASP B 673 28.90 7.14 -19.01
C ASP B 673 28.65 7.39 -17.50
N LEU B 674 27.40 7.17 -17.08
CA LEU B 674 26.97 7.34 -15.69
C LEU B 674 27.55 6.31 -14.73
N LYS B 675 28.00 5.17 -15.24
CA LYS B 675 28.76 4.23 -14.41
C LYS B 675 30.15 4.74 -13.97
N LYS B 676 30.70 5.73 -14.67
CA LYS B 676 32.05 6.23 -14.40
C LYS B 676 32.04 7.48 -13.51
N ASN B 677 32.72 7.46 -12.38
CA ASN B 677 32.81 8.65 -11.53
C ASN B 677 33.07 9.94 -12.31
C1 G39 C . -10.70 -27.41 20.42
O1A G39 C . -11.83 -27.64 19.96
O1B G39 C . -10.57 -27.03 21.60
C2 G39 C . -9.51 -27.53 19.58
C3 G39 C . -9.66 -27.84 18.10
C4 G39 C . -8.38 -27.59 17.31
C5 G39 C . -7.19 -28.22 18.02
N5 G39 C . -6.00 -28.17 17.17
C10 G39 C . -5.31 -29.24 16.71
O10 G39 C . -5.54 -30.40 16.99
C11 G39 C . -4.14 -28.98 15.81
C6 G39 C . -7.01 -27.50 19.37
C7 G39 C . -8.30 -27.37 20.14
O7 G39 C . -6.25 -28.22 20.33
C8 G39 C . -4.83 -28.16 20.21
C9 G39 C . -4.30 -27.30 21.35
C81 G39 C . -4.28 -29.61 20.23
C82 G39 C . -5.34 -30.70 20.29
C91 G39 C . -2.83 -26.99 21.15
N4 G39 C . -8.56 -28.09 15.96
S SO4 D . -20.09 -39.31 30.74
O1 SO4 D . -20.57 -38.77 29.44
O2 SO4 D . -20.34 -38.27 31.76
O3 SO4 D . -18.64 -39.60 30.66
O4 SO4 D . -20.80 -40.58 31.08
S SO4 E . -33.44 -16.28 7.66
O1 SO4 E . -34.70 -17.07 7.66
O2 SO4 E . -33.47 -15.29 8.75
O3 SO4 E . -33.27 -15.56 6.37
O4 SO4 E . -32.30 -17.20 7.86
S SO4 F . -24.12 -17.38 31.82
O1 SO4 F . -24.35 -15.99 31.41
O2 SO4 F . -25.04 -17.67 32.96
O3 SO4 F . -24.42 -18.30 30.69
O4 SO4 F . -22.71 -17.57 32.26
S SO4 G . 21.30 -45.33 9.18
O1 SO4 G . 22.15 -45.10 10.38
O2 SO4 G . 19.99 -44.70 9.41
O3 SO4 G . 21.13 -46.78 8.94
O4 SO4 G . 21.95 -44.69 8.01
S SO4 H . -42.89 -30.24 37.37
O1 SO4 H . -43.93 -29.67 36.46
O2 SO4 H . -43.55 -30.79 38.57
O3 SO4 H . -42.12 -31.32 36.69
O4 SO4 H . -41.94 -29.16 37.75
C1 G39 I . 15.45 27.83 -4.40
O1A G39 I . 16.00 27.38 -3.39
O1B G39 I . 16.14 28.14 -5.38
C2 G39 I . 13.98 27.95 -4.41
C3 G39 I . 13.29 28.17 -5.73
C4 G39 I . 11.81 27.79 -5.65
C5 G39 I . 11.18 28.51 -4.46
N5 G39 I . 9.73 28.39 -4.52
C10 G39 I . 8.88 29.42 -4.73
O10 G39 I . 9.21 30.60 -4.90
C11 G39 I . 7.42 29.07 -4.74
C6 G39 I . 11.78 27.97 -3.15
C7 G39 I . 13.28 27.84 -3.26
O7 G39 I . 11.66 28.86 -2.04
C8 G39 I . 10.48 28.95 -1.26
C9 G39 I . 10.51 27.91 -0.15
C81 G39 I . 10.41 30.37 -0.67
C82 G39 I . 11.20 31.43 -1.43
C91 G39 I . 9.24 27.90 0.70
N4 G39 I . 11.18 28.13 -6.91
S SO4 J . 29.00 40.79 -2.22
O1 SO4 J . 28.74 40.06 -3.49
O2 SO4 J . 27.77 41.50 -1.82
O3 SO4 J . 30.08 41.79 -2.45
O4 SO4 J . 29.36 39.83 -1.17
S SO4 K . 27.66 15.42 -26.84
O1 SO4 K . 27.35 14.79 -28.14
O2 SO4 K . 26.44 16.01 -26.24
O3 SO4 K . 28.68 16.50 -27.03
O4 SO4 K . 28.20 14.39 -25.91
S SO4 L . 33.02 18.19 -1.70
O1 SO4 L . 32.55 18.96 -2.88
O2 SO4 L . 32.28 18.63 -0.49
O3 SO4 L . 34.48 18.42 -1.53
O4 SO4 L . 32.80 16.74 -1.92
S SO4 M . -17.52 46.12 2.74
O1 SO4 M . -17.79 45.99 4.19
O2 SO4 M . -18.80 46.26 2.01
O3 SO4 M . -16.80 44.91 2.29
O4 SO4 M . -16.72 47.34 2.49
S SO4 N . 51.32 31.26 -8.41
O1 SO4 N . 51.20 30.33 -7.26
O2 SO4 N . 50.21 32.25 -8.38
O3 SO4 N . 51.31 30.50 -9.67
O4 SO4 N . 52.61 32.01 -8.28
#